data_8QQH
#
_entry.id   8QQH
#
_cell.length_a   81.227
_cell.length_b   140.763
_cell.length_c   207.773
_cell.angle_alpha   90.000
_cell.angle_beta   90.000
_cell.angle_gamma   90.000
#
_symmetry.space_group_name_H-M   'P 2 21 21'
#
loop_
_entity.id
_entity.type
_entity.pdbx_description
1 polymer Beta-galactosidase
2 water water
#
_entity_poly.entity_id   1
_entity_poly.type   'polypeptide(L)'
_entity_poly.pdbx_seq_one_letter_code
;MTLLCGEIHYFRVPKHLWRDRLLKLKRAGGNCVSTYIPWNWHDPREKVVNFTDGTSQWHVASYYSRDLASFLELAGELGL
RVIARPGPYICSEWDSGGHPNWIYTKAMRLRSLDPGYFKHVVEWYNSVLNILKPYVEREIVIGIQVENEYFWGNEKYIEK
LAEIVEEKLPGVLVFTNEDPYLTRIPNTIDLYPSPWDMRQFDDRLRSYLSSQPGLFKMIMELEGGWFKSSRYGYYPTNRL
SIPPEWTEILLKTAVGMGLNNINIYMFHGGSNPGYYTAKYLASSYDFEACIREWGELSERYYRVKRVFTFLNGFQELVTS
LKPGETVKTASTCSELLQRVGDHGKIAVLRNTGDNLCYQRLINRGEIIPMWTPIRVPPRYAKIVLLDLVVEGTPFKLVYT
SGEALLMKRLGDTVVMIIYGDHGEYTETAVEVEGGVLDVDIQGDVLIRREGERAYLVVNHTHGEHLAIVKSTRGQNLLLI
FTCRCRAEKTWIVDEDLVLISNIYYIGDSRIDEGKVVINAELDEDSCGRLLVVTSREIEAISLEDLDLDLTRLSKYVYAT
HIPLSMCRSGKNTYHPLEYRLLEDPVFHTLTSINPSSPLEKNGFYENGIYVYRLRLHLDKKQLGDLLDKHLALIGFSDYA
VVSINNEYAGSGYHYIEMSADSLREGVNEVTVILESTGHPNDGLLYVPNGIYGGVYLGRVGEIRLYKWRKTGFEIPYGPG
FDLAEFIANPEPVIKALQEQRSSTGETYSVDSPGLYITEFKVDDLSRHYVLDPGLEFYYNHYYRILLFVNKVYVGPLIGP
IDITRYLKPGVNEVALLVEWGVVNPVIGVYQYKVDGEWFIQEGLHGLIEEWFRRSPRGETAEPPILLGDKAGRVIWVNTV
IPYEKEPTSSSPVKLEVDFWGCRILVFVNGEFIGRISDDSPERELYVPETAVRRGLNNITLLAIVTSRSSGIRGLRLKET
YVHERKEIVFKLGLTKLAAALEHHHHHH
;
_entity_poly.pdbx_strand_id   AAA,BBB
#
# COMPACT_ATOMS: atom_id res chain seq x y z
N THR A 2 12.74 -26.57 -2.66
CA THR A 2 13.78 -27.44 -2.08
C THR A 2 14.97 -26.64 -1.49
N LEU A 3 15.55 -25.64 -2.17
CA LEU A 3 16.29 -24.53 -1.49
C LEU A 3 15.31 -23.35 -1.26
N LEU A 4 14.89 -23.18 -0.01
CA LEU A 4 13.88 -22.16 0.38
C LEU A 4 14.63 -21.21 1.29
N CYS A 5 15.24 -20.22 0.68
CA CYS A 5 16.35 -19.44 1.28
C CYS A 5 15.91 -18.00 1.53
N GLY A 6 16.45 -17.42 2.60
CA GLY A 6 16.32 -16.02 2.97
C GLY A 6 17.68 -15.41 3.22
N GLU A 7 17.88 -14.21 2.70
CA GLU A 7 19.11 -13.43 2.91
C GLU A 7 19.00 -12.73 4.27
N ILE A 8 19.93 -13.05 5.17
CA ILE A 8 20.12 -12.35 6.47
C ILE A 8 21.62 -12.14 6.66
N HIS A 9 22.04 -10.92 6.97
CA HIS A 9 23.47 -10.56 7.02
C HIS A 9 23.93 -10.52 8.47
N TYR A 10 24.90 -11.36 8.85
CA TYR A 10 25.39 -11.42 10.25
C TYR A 10 26.00 -10.06 10.62
N PHE A 11 26.52 -9.32 9.63
CA PHE A 11 27.23 -8.04 9.82
C PHE A 11 26.25 -6.86 9.89
N ARG A 12 24.93 -7.09 9.87
CA ARG A 12 23.88 -6.04 9.93
C ARG A 12 22.92 -6.36 11.07
N VAL A 13 23.26 -7.31 11.94
CA VAL A 13 22.39 -7.77 13.06
C VAL A 13 23.25 -7.92 14.30
N PRO A 14 22.88 -7.24 15.40
CA PRO A 14 23.60 -7.41 16.66
C PRO A 14 23.68 -8.92 16.95
N LYS A 15 24.83 -9.38 17.38
CA LYS A 15 25.08 -10.83 17.57
C LYS A 15 24.01 -11.45 18.47
N HIS A 16 23.62 -10.79 19.56
CA HIS A 16 22.62 -11.35 20.52
C HIS A 16 21.30 -11.60 19.78
N LEU A 17 21.05 -10.89 18.67
CA LEU A 17 19.76 -10.99 17.94
C LEU A 17 19.84 -11.97 16.77
N TRP A 18 21.00 -12.54 16.47
CA TRP A 18 21.09 -13.55 15.37
C TRP A 18 20.03 -14.63 15.56
N ARG A 19 19.85 -15.16 16.77
CA ARG A 19 18.99 -16.35 16.98
C ARG A 19 17.55 -15.97 16.59
N ASP A 20 17.10 -14.84 17.09
CA ASP A 20 15.72 -14.35 16.80
C ASP A 20 15.53 -14.27 15.28
N ARG A 21 16.44 -13.62 14.54
CA ARG A 21 16.23 -13.42 13.08
C ARG A 21 16.25 -14.78 12.38
N LEU A 22 17.20 -15.65 12.70
CA LEU A 22 17.32 -16.97 12.01
C LEU A 22 16.14 -17.87 12.36
N LEU A 23 15.69 -17.89 13.62
CA LEU A 23 14.54 -18.77 13.99
C LEU A 23 13.30 -18.27 13.26
N LYS A 24 13.12 -16.96 13.11
CA LYS A 24 11.95 -16.44 12.35
C LYS A 24 12.01 -16.95 10.91
N LEU A 25 13.21 -17.00 10.30
CA LEU A 25 13.30 -17.57 8.92
C LEU A 25 12.91 -19.06 8.97
N LYS A 26 13.45 -19.82 9.92
CA LYS A 26 13.16 -21.26 10.13
C LYS A 26 11.62 -21.43 10.27
N ARG A 27 11.02 -20.58 11.08
CA ARG A 27 9.57 -20.68 11.39
C ARG A 27 8.75 -20.35 10.16
N ALA A 28 9.27 -19.61 9.18
CA ALA A 28 8.53 -19.32 7.92
C ALA A 28 8.58 -20.52 6.97
N GLY A 29 9.29 -21.60 7.32
CA GLY A 29 9.50 -22.73 6.40
C GLY A 29 10.80 -22.58 5.61
N GLY A 30 11.63 -21.60 5.93
CA GLY A 30 12.99 -21.52 5.34
C GLY A 30 13.83 -22.73 5.74
N ASN A 31 14.62 -23.29 4.81
CA ASN A 31 15.60 -24.37 5.12
C ASN A 31 17.03 -23.89 4.87
N CYS A 32 17.24 -22.61 4.52
CA CYS A 32 18.57 -22.11 4.12
C CYS A 32 18.59 -20.61 4.41
N VAL A 33 19.73 -20.12 4.90
CA VAL A 33 20.02 -18.68 5.06
C VAL A 33 21.19 -18.38 4.14
N SER A 34 21.14 -17.22 3.48
CA SER A 34 22.20 -16.76 2.56
C SER A 34 22.84 -15.49 3.13
N THR A 35 24.15 -15.35 3.02
CA THR A 35 24.84 -14.17 3.55
C THR A 35 26.10 -13.88 2.75
N TYR A 36 26.35 -12.59 2.56
CA TYR A 36 27.68 -12.10 2.13
C TYR A 36 28.64 -12.31 3.27
N ILE A 37 29.91 -12.48 2.91
CA ILE A 37 31.01 -12.33 3.88
C ILE A 37 31.90 -11.20 3.40
N PRO A 38 31.75 -9.95 3.90
CA PRO A 38 32.43 -8.80 3.29
C PRO A 38 33.89 -8.71 3.73
N TRP A 39 34.77 -8.76 2.74
CA TRP A 39 36.24 -8.59 2.86
C TRP A 39 36.56 -7.41 3.78
N ASN A 40 35.94 -6.25 3.53
CA ASN A 40 36.23 -5.01 4.28
C ASN A 40 35.69 -5.08 5.71
N TRP A 41 34.76 -5.97 6.02
CA TRP A 41 34.25 -6.12 7.40
C TRP A 41 35.34 -6.83 8.23
N HIS A 42 36.07 -7.75 7.61
CA HIS A 42 37.05 -8.66 8.27
C HIS A 42 38.47 -8.13 8.12
N ASP A 43 38.78 -7.34 7.08
CA ASP A 43 40.16 -6.82 6.88
C ASP A 43 40.14 -5.33 6.50
N PRO A 44 39.67 -4.43 7.37
CA PRO A 44 39.58 -3.01 7.03
C PRO A 44 40.90 -2.24 6.96
N ARG A 45 41.90 -2.66 7.76
CA ARG A 45 43.17 -1.91 7.99
C ARG A 45 44.35 -2.61 7.31
N GLU A 46 44.15 -3.79 6.69
CA GLU A 46 45.22 -4.57 6.03
C GLU A 46 46.19 -5.07 7.11
N LYS A 47 45.65 -5.60 8.19
CA LYS A 47 46.42 -6.11 9.34
C LYS A 47 46.01 -7.57 9.49
N VAL A 48 45.88 -8.06 10.72
CA VAL A 48 45.43 -9.46 10.98
C VAL A 48 43.91 -9.49 10.69
N VAL A 49 43.54 -10.29 9.70
CA VAL A 49 42.13 -10.55 9.32
C VAL A 49 41.39 -10.99 10.58
N ASN A 50 40.28 -10.32 10.87
CA ASN A 50 39.53 -10.43 12.15
C ASN A 50 38.29 -11.31 11.95
N PHE A 51 38.19 -12.45 12.64
CA PHE A 51 36.98 -13.31 12.71
C PHE A 51 36.51 -13.47 14.16
N THR A 52 36.75 -12.45 15.02
CA THR A 52 36.36 -12.38 16.46
C THR A 52 35.22 -11.39 16.71
N ASP A 53 34.86 -11.16 17.99
CA ASP A 53 33.74 -10.28 18.39
C ASP A 53 34.18 -8.81 18.41
N GLY A 54 35.49 -8.54 18.53
CA GLY A 54 36.08 -7.21 18.80
C GLY A 54 36.13 -6.36 17.55
N THR A 55 36.40 -5.06 17.73
CA THR A 55 36.40 -4.01 16.68
C THR A 55 37.56 -3.05 16.89
N SER A 56 38.20 -2.63 15.79
CA SER A 56 39.18 -1.52 15.78
C SER A 56 38.47 -0.17 15.55
N GLN A 57 37.14 -0.12 15.36
CA GLN A 57 36.50 1.08 14.75
C GLN A 57 35.51 1.71 15.72
N TRP A 58 35.65 3.02 15.95
CA TRP A 58 34.76 3.81 16.85
C TRP A 58 33.28 3.70 16.42
N HIS A 59 33.02 3.65 15.10
CA HIS A 59 31.66 3.84 14.51
C HIS A 59 30.92 2.48 14.47
N VAL A 60 31.60 1.38 14.80
CA VAL A 60 30.98 0.02 14.82
C VAL A 60 30.66 -0.33 16.27
N ALA A 61 29.38 -0.43 16.63
CA ALA A 61 28.92 -0.72 18.01
C ALA A 61 29.47 -2.07 18.48
N SER A 62 29.62 -2.21 19.80
CA SER A 62 30.25 -3.38 20.49
C SER A 62 29.48 -4.69 20.18
N TYR A 63 28.20 -4.63 19.83
CA TYR A 63 27.33 -5.83 19.64
C TYR A 63 27.39 -6.35 18.18
N TYR A 64 28.03 -5.66 17.25
CA TYR A 64 28.23 -6.17 15.86
C TYR A 64 29.49 -7.04 15.91
N SER A 65 29.48 -8.17 15.21
CA SER A 65 30.52 -9.21 15.36
C SER A 65 31.10 -9.56 14.00
N ARG A 66 32.38 -9.97 14.00
CA ARG A 66 33.04 -10.61 12.85
C ARG A 66 33.14 -12.12 13.07
N ASP A 67 32.45 -12.65 14.09
CA ASP A 67 32.57 -14.09 14.43
C ASP A 67 31.67 -14.91 13.50
N LEU A 68 32.11 -15.09 12.27
CA LEU A 68 31.37 -15.83 11.23
C LEU A 68 31.11 -17.28 11.71
N ALA A 69 32.10 -17.90 12.34
CA ALA A 69 32.01 -19.30 12.83
C ALA A 69 30.76 -19.45 13.69
N SER A 70 30.51 -18.54 14.63
CA SER A 70 29.36 -18.64 15.58
C SER A 70 28.03 -18.53 14.82
N PHE A 71 27.98 -17.74 13.74
CA PHE A 71 26.76 -17.58 12.91
C PHE A 71 26.48 -18.90 12.20
N LEU A 72 27.52 -19.45 11.58
CA LEU A 72 27.44 -20.75 10.85
C LEU A 72 26.99 -21.84 11.84
N GLU A 73 27.56 -21.87 13.06
CA GLU A 73 27.20 -22.83 14.13
C GLU A 73 25.72 -22.66 14.49
N LEU A 74 25.30 -21.40 14.73
CA LEU A 74 23.91 -21.08 15.13
C LEU A 74 22.95 -21.50 14.02
N ALA A 75 23.29 -21.22 12.76
CA ALA A 75 22.44 -21.65 11.62
C ALA A 75 22.27 -23.17 11.68
N GLY A 76 23.38 -23.91 11.82
CA GLY A 76 23.35 -25.39 11.94
C GLY A 76 22.46 -25.83 13.12
N GLU A 77 22.58 -25.18 14.27
CA GLU A 77 21.83 -25.57 15.49
C GLU A 77 20.33 -25.40 15.23
N LEU A 78 19.90 -24.41 14.43
CA LEU A 78 18.46 -24.11 14.22
C LEU A 78 17.93 -24.84 12.98
N GLY A 79 18.72 -25.72 12.37
CA GLY A 79 18.22 -26.58 11.29
C GLY A 79 18.24 -25.87 9.93
N LEU A 80 19.18 -24.95 9.73
CA LEU A 80 19.31 -24.18 8.48
C LEU A 80 20.65 -24.55 7.84
N ARG A 81 20.66 -24.63 6.51
CA ARG A 81 21.89 -24.66 5.69
C ARG A 81 22.26 -23.20 5.39
N VAL A 82 23.44 -23.02 4.80
CA VAL A 82 24.01 -21.69 4.53
C VAL A 82 24.52 -21.66 3.10
N ILE A 83 24.17 -20.59 2.37
CA ILE A 83 24.90 -20.16 1.16
C ILE A 83 25.83 -19.01 1.57
N ALA A 84 27.14 -19.14 1.34
CA ALA A 84 28.13 -18.09 1.63
C ALA A 84 28.47 -17.35 0.32
N ARG A 85 28.68 -16.04 0.41
CA ARG A 85 28.95 -15.17 -0.77
C ARG A 85 30.10 -14.25 -0.36
N PRO A 86 31.35 -14.76 -0.41
CA PRO A 86 32.51 -14.03 0.07
C PRO A 86 33.07 -12.97 -0.89
N GLY A 87 32.39 -12.69 -1.99
CA GLY A 87 32.87 -11.64 -2.91
C GLY A 87 33.95 -12.19 -3.85
N PRO A 88 35.10 -11.48 -4.06
CA PRO A 88 35.53 -10.34 -3.22
C PRO A 88 34.65 -9.07 -3.29
N TYR A 89 34.00 -8.82 -4.42
CA TYR A 89 32.96 -7.78 -4.56
C TYR A 89 31.61 -8.38 -4.17
N ILE A 90 30.77 -7.67 -3.39
CA ILE A 90 29.42 -8.14 -2.93
C ILE A 90 28.31 -7.16 -3.31
N CYS A 91 28.65 -5.92 -3.73
CA CYS A 91 27.64 -4.85 -4.00
C CYS A 91 26.92 -4.53 -2.68
N SER A 92 25.65 -4.95 -2.54
CA SER A 92 24.91 -5.03 -1.26
C SER A 92 24.79 -3.65 -0.58
N GLU A 93 24.81 -2.55 -1.33
CA GLU A 93 24.64 -1.19 -0.76
C GLU A 93 25.63 -0.96 0.39
N TRP A 94 26.83 -1.47 0.19
CA TRP A 94 27.88 -1.59 1.24
C TRP A 94 29.10 -0.83 0.77
N ASP A 95 29.79 -0.17 1.69
CA ASP A 95 31.02 0.62 1.39
C ASP A 95 31.91 -0.14 0.41
N SER A 96 32.20 0.46 -0.74
CA SER A 96 33.14 -0.04 -1.78
C SER A 96 32.68 -1.40 -2.27
N GLY A 97 31.40 -1.72 -2.11
CA GLY A 97 30.87 -3.05 -2.43
C GLY A 97 31.73 -4.16 -1.82
N GLY A 98 32.29 -3.97 -0.62
CA GLY A 98 33.01 -5.05 0.07
C GLY A 98 34.54 -4.98 -0.05
N HIS A 99 35.09 -4.20 -0.99
CA HIS A 99 36.55 -3.94 -1.11
C HIS A 99 37.03 -3.10 0.08
N PRO A 100 38.11 -3.56 0.76
CA PRO A 100 38.76 -2.72 1.76
C PRO A 100 39.30 -1.44 1.07
N ASN A 101 39.23 -0.32 1.77
CA ASN A 101 39.53 1.00 1.19
C ASN A 101 41.03 1.15 0.91
N TRP A 102 41.86 0.24 1.43
CA TRP A 102 43.31 0.16 1.10
C TRP A 102 43.50 -0.46 -0.28
N ILE A 103 42.48 -1.08 -0.90
CA ILE A 103 42.64 -1.72 -2.24
C ILE A 103 43.00 -0.62 -3.26
N TYR A 104 42.56 0.62 -3.05
CA TYR A 104 42.72 1.73 -4.02
C TYR A 104 44.20 2.13 -4.06
N THR A 105 45.02 1.79 -3.06
CA THR A 105 46.48 2.04 -3.09
C THR A 105 47.20 0.93 -3.89
N LYS A 106 46.54 -0.19 -4.19
CA LYS A 106 47.16 -1.44 -4.73
C LYS A 106 46.90 -1.61 -6.22
N ALA A 107 45.77 -1.13 -6.76
CA ALA A 107 45.35 -1.46 -8.15
C ALA A 107 44.31 -0.47 -8.67
N MET A 108 44.38 -0.14 -9.95
CA MET A 108 43.28 0.53 -10.67
C MET A 108 42.24 -0.47 -11.18
N ARG A 109 42.66 -1.64 -11.68
CA ARG A 109 41.76 -2.57 -12.43
C ARG A 109 41.04 -3.51 -11.44
N LEU A 110 40.16 -2.93 -10.63
CA LEU A 110 39.35 -3.67 -9.64
C LEU A 110 38.43 -4.65 -10.40
N ARG A 111 38.15 -5.80 -9.81
CA ARG A 111 37.26 -6.87 -10.34
C ARG A 111 37.84 -7.42 -11.63
N SER A 112 39.10 -7.86 -11.56
CA SER A 112 39.81 -8.46 -12.71
C SER A 112 40.95 -9.37 -12.22
N LEU A 113 41.62 -10.05 -13.16
CA LEU A 113 42.85 -10.83 -12.86
C LEU A 113 44.08 -9.91 -12.85
N ASP A 114 43.94 -8.60 -12.98
CA ASP A 114 45.08 -7.67 -12.72
C ASP A 114 45.75 -8.12 -11.44
N PRO A 115 47.09 -8.40 -11.43
CA PRO A 115 47.76 -8.93 -10.24
C PRO A 115 47.69 -8.00 -9.00
N GLY A 116 47.77 -6.67 -9.19
CA GLY A 116 47.70 -5.71 -8.08
C GLY A 116 46.41 -5.86 -7.28
N TYR A 117 45.32 -6.23 -7.94
CA TYR A 117 44.03 -6.56 -7.28
C TYR A 117 44.05 -8.03 -6.86
N PHE A 118 44.25 -8.95 -7.83
CA PHE A 118 43.99 -10.40 -7.62
C PHE A 118 44.89 -11.03 -6.55
N LYS A 119 46.14 -10.62 -6.41
CA LYS A 119 47.00 -11.28 -5.40
C LYS A 119 46.33 -11.08 -4.02
N HIS A 120 45.71 -9.93 -3.77
CA HIS A 120 45.04 -9.65 -2.47
C HIS A 120 43.71 -10.44 -2.36
N VAL A 121 42.99 -10.67 -3.47
CA VAL A 121 41.80 -11.55 -3.54
C VAL A 121 42.20 -12.98 -3.12
N VAL A 122 43.34 -13.46 -3.59
CA VAL A 122 43.87 -14.83 -3.29
C VAL A 122 44.08 -14.90 -1.76
N GLU A 123 44.66 -13.88 -1.10
CA GLU A 123 44.87 -13.91 0.37
C GLU A 123 43.53 -13.86 1.12
N TRP A 124 42.57 -13.03 0.67
CA TRP A 124 41.23 -12.97 1.30
C TRP A 124 40.56 -14.35 1.19
N TYR A 125 40.47 -14.90 -0.02
CA TYR A 125 39.80 -16.20 -0.29
C TYR A 125 40.45 -17.31 0.55
N ASN A 126 41.78 -17.28 0.70
CA ASN A 126 42.52 -18.15 1.65
C ASN A 126 42.03 -17.97 3.09
N SER A 127 41.97 -16.75 3.62
CA SER A 127 41.52 -16.52 5.03
C SER A 127 40.08 -17.05 5.19
N VAL A 128 39.20 -16.74 4.25
CA VAL A 128 37.75 -16.94 4.46
C VAL A 128 37.40 -18.39 4.16
N LEU A 129 37.99 -19.02 3.14
CA LEU A 129 37.68 -20.45 2.84
C LEU A 129 38.24 -21.35 3.97
N ASN A 130 39.28 -20.91 4.67
CA ASN A 130 39.77 -21.63 5.88
C ASN A 130 38.69 -21.59 6.95
N ILE A 131 38.07 -20.43 7.21
CA ILE A 131 36.96 -20.34 8.19
C ILE A 131 35.81 -21.26 7.74
N LEU A 132 35.49 -21.32 6.45
CA LEU A 132 34.28 -22.04 5.97
C LEU A 132 34.52 -23.56 5.95
N LYS A 133 35.74 -24.01 5.67
CA LYS A 133 36.10 -25.43 5.41
C LYS A 133 35.38 -26.38 6.38
N PRO A 134 35.49 -26.23 7.72
CA PRO A 134 34.87 -27.18 8.63
C PRO A 134 33.34 -27.22 8.46
N TYR A 135 32.70 -26.09 8.13
CA TYR A 135 31.22 -25.97 8.00
C TYR A 135 30.79 -26.57 6.67
N VAL A 136 31.65 -26.57 5.65
CA VAL A 136 31.34 -27.27 4.37
C VAL A 136 31.39 -28.79 4.60
N GLU A 137 32.42 -29.29 5.30
CA GLU A 137 32.59 -30.72 5.68
C GLU A 137 31.40 -31.19 6.53
N ARG A 138 30.92 -30.40 7.50
CA ARG A 138 29.71 -30.75 8.32
C ARG A 138 28.42 -30.55 7.53
N GLU A 139 28.50 -30.12 6.26
CA GLU A 139 27.33 -29.97 5.37
C GLU A 139 26.38 -28.86 5.90
N ILE A 140 26.91 -27.86 6.58
CA ILE A 140 26.08 -26.68 6.96
C ILE A 140 26.14 -25.68 5.80
N VAL A 141 27.35 -25.34 5.34
CA VAL A 141 27.54 -24.49 4.14
C VAL A 141 27.44 -25.39 2.89
N ILE A 142 26.43 -25.18 2.05
CA ILE A 142 26.11 -26.06 0.88
C ILE A 142 26.37 -25.33 -0.45
N GLY A 143 26.79 -24.07 -0.42
CA GLY A 143 27.01 -23.34 -1.67
C GLY A 143 27.91 -22.14 -1.47
N ILE A 144 28.70 -21.84 -2.49
CA ILE A 144 29.57 -20.64 -2.43
C ILE A 144 29.35 -19.87 -3.72
N GLN A 145 28.95 -18.61 -3.57
CA GLN A 145 28.88 -17.63 -4.67
C GLN A 145 30.24 -16.96 -4.81
N VAL A 146 30.72 -16.92 -6.03
CA VAL A 146 32.00 -16.31 -6.41
C VAL A 146 31.64 -14.99 -7.11
N GLU A 147 32.22 -13.87 -6.67
CA GLU A 147 31.93 -12.52 -7.26
C GLU A 147 30.44 -12.16 -7.01
N ASN A 148 29.87 -11.28 -7.84
CA ASN A 148 28.49 -10.74 -7.64
C ASN A 148 28.13 -9.85 -8.81
N GLU A 149 27.26 -10.34 -9.68
CA GLU A 149 26.72 -9.52 -10.81
C GLU A 149 27.88 -8.94 -11.60
N TYR A 150 28.85 -9.80 -11.97
CA TYR A 150 29.80 -9.52 -13.07
C TYR A 150 28.99 -9.66 -14.36
N PHE A 151 28.24 -8.63 -14.74
CA PHE A 151 27.26 -8.69 -15.85
C PHE A 151 27.96 -8.89 -17.21
N TRP A 152 29.25 -8.63 -17.30
CA TRP A 152 29.86 -8.23 -18.60
C TRP A 152 30.65 -9.39 -19.24
N GLY A 153 30.87 -10.49 -18.51
CA GLY A 153 31.51 -11.71 -19.04
C GLY A 153 32.72 -12.10 -18.24
N ASN A 154 33.91 -11.74 -18.73
CA ASN A 154 35.21 -12.11 -18.14
C ASN A 154 35.18 -13.53 -17.53
N GLU A 155 34.92 -14.55 -18.35
CA GLU A 155 34.81 -15.98 -17.93
C GLU A 155 36.10 -16.44 -17.20
N LYS A 156 37.25 -16.04 -17.69
CA LYS A 156 38.56 -16.47 -17.13
C LYS A 156 38.73 -15.89 -15.70
N TYR A 157 38.22 -14.70 -15.42
CA TYR A 157 38.21 -14.12 -14.04
C TYR A 157 37.29 -14.96 -13.13
N ILE A 158 36.06 -15.21 -13.56
CA ILE A 158 35.10 -16.02 -12.75
C ILE A 158 35.70 -17.44 -12.58
N GLU A 159 36.21 -18.05 -13.65
CA GLU A 159 36.79 -19.42 -13.62
C GLU A 159 37.91 -19.42 -12.58
N LYS A 160 38.72 -18.36 -12.53
CA LYS A 160 39.88 -18.36 -11.60
C LYS A 160 39.40 -18.33 -10.14
N LEU A 161 38.33 -17.60 -9.84
CA LEU A 161 37.73 -17.57 -8.47
C LEU A 161 37.16 -18.96 -8.18
N ALA A 162 36.47 -19.56 -9.16
CA ALA A 162 35.84 -20.90 -8.99
C ALA A 162 36.92 -21.98 -8.70
N GLU A 163 38.02 -21.96 -9.44
CA GLU A 163 39.20 -22.85 -9.26
C GLU A 163 39.72 -22.75 -7.81
N ILE A 164 39.88 -21.56 -7.26
CA ILE A 164 40.43 -21.44 -5.87
C ILE A 164 39.46 -22.12 -4.91
N VAL A 165 38.16 -22.01 -5.17
CA VAL A 165 37.13 -22.58 -4.24
C VAL A 165 37.17 -24.11 -4.33
N GLU A 166 37.12 -24.65 -5.56
CA GLU A 166 37.14 -26.10 -5.89
C GLU A 166 38.40 -26.75 -5.29
N GLU A 167 39.55 -26.09 -5.37
CA GLU A 167 40.83 -26.59 -4.78
C GLU A 167 40.72 -26.69 -3.25
N LYS A 168 40.22 -25.67 -2.55
CA LYS A 168 40.17 -25.68 -1.06
C LYS A 168 38.99 -26.50 -0.55
N LEU A 169 37.84 -26.49 -1.25
CA LEU A 169 36.57 -27.13 -0.79
C LEU A 169 36.05 -28.05 -1.89
N PRO A 170 36.69 -29.22 -2.11
CA PRO A 170 36.43 -30.04 -3.30
C PRO A 170 34.97 -30.53 -3.38
N GLY A 171 34.34 -30.40 -4.55
CA GLY A 171 32.94 -30.78 -4.80
C GLY A 171 31.89 -29.92 -4.09
N VAL A 172 32.23 -28.78 -3.48
CA VAL A 172 31.16 -27.84 -2.97
C VAL A 172 30.51 -27.19 -4.20
N LEU A 173 29.20 -26.97 -4.18
CA LEU A 173 28.53 -26.18 -5.24
C LEU A 173 29.10 -24.75 -5.25
N VAL A 174 29.49 -24.30 -6.44
CA VAL A 174 30.11 -22.97 -6.71
C VAL A 174 29.30 -22.39 -7.85
N PHE A 175 28.96 -21.10 -7.77
CA PHE A 175 28.15 -20.43 -8.83
C PHE A 175 28.38 -18.93 -8.77
N THR A 176 27.78 -18.20 -9.71
CA THR A 176 27.69 -16.74 -9.62
C THR A 176 26.29 -16.29 -10.05
N ASN A 177 26.06 -14.98 -9.98
CA ASN A 177 24.75 -14.35 -10.24
C ASN A 177 24.91 -13.27 -11.32
N GLU A 178 24.04 -13.33 -12.34
CA GLU A 178 23.86 -12.34 -13.42
C GLU A 178 25.13 -12.26 -14.28
N ASP A 179 25.80 -13.39 -14.55
CA ASP A 179 26.85 -13.48 -15.60
C ASP A 179 26.38 -14.50 -16.60
N PRO A 180 25.57 -14.06 -17.59
CA PRO A 180 24.98 -14.98 -18.54
C PRO A 180 25.95 -15.47 -19.64
N TYR A 181 27.23 -15.15 -19.59
CA TYR A 181 28.19 -15.50 -20.66
C TYR A 181 28.98 -16.75 -20.26
N LEU A 182 28.65 -17.39 -19.14
CA LEU A 182 29.42 -18.53 -18.59
C LEU A 182 28.88 -19.84 -19.17
N THR A 183 29.77 -20.72 -19.60
CA THR A 183 29.48 -22.06 -20.18
C THR A 183 29.60 -23.16 -19.10
N ARG A 184 30.50 -23.05 -18.12
CA ARG A 184 30.84 -24.18 -17.23
C ARG A 184 30.33 -23.94 -15.80
N ILE A 185 30.50 -22.72 -15.29
CA ILE A 185 30.14 -22.31 -13.90
C ILE A 185 28.66 -21.92 -13.91
N PRO A 186 27.84 -22.55 -13.05
CA PRO A 186 26.44 -22.19 -12.95
C PRO A 186 26.24 -20.70 -12.64
N ASN A 187 25.30 -20.13 -13.39
CA ASN A 187 24.76 -18.75 -13.28
C ASN A 187 23.43 -18.81 -12.54
N THR A 188 23.11 -17.78 -11.77
CA THR A 188 21.82 -17.66 -11.04
C THR A 188 21.26 -16.27 -11.32
N ILE A 189 19.98 -16.04 -11.05
CA ILE A 189 19.30 -14.82 -11.55
C ILE A 189 18.82 -13.97 -10.35
N ASP A 190 18.90 -12.66 -10.52
CA ASP A 190 18.45 -11.62 -9.55
C ASP A 190 17.27 -10.89 -10.18
N LEU A 191 16.11 -10.88 -9.53
CA LEU A 191 14.87 -10.36 -10.17
C LEU A 191 14.19 -9.34 -9.27
N TYR A 192 14.14 -8.11 -9.77
CA TYR A 192 13.49 -6.98 -9.07
C TYR A 192 12.56 -6.26 -10.02
N PRO A 193 11.47 -6.90 -10.50
CA PRO A 193 10.52 -6.21 -11.36
C PRO A 193 9.60 -5.24 -10.58
N SER A 194 8.89 -4.40 -11.33
CA SER A 194 7.97 -3.35 -10.84
C SER A 194 6.53 -3.84 -10.88
N PRO A 195 5.79 -3.65 -9.78
CA PRO A 195 4.43 -4.12 -9.70
C PRO A 195 3.58 -3.86 -10.93
N TRP A 196 3.16 -5.01 -11.48
CA TRP A 196 1.81 -5.58 -11.79
C TRP A 196 1.92 -6.23 -13.17
N ASP A 197 2.79 -5.72 -14.04
CA ASP A 197 2.99 -6.37 -15.36
C ASP A 197 4.04 -7.46 -15.14
N MET A 198 3.59 -8.68 -15.42
CA MET A 198 4.32 -9.94 -15.23
C MET A 198 5.31 -10.19 -16.37
N ARG A 199 5.16 -9.52 -17.53
CA ARG A 199 5.82 -9.96 -18.79
C ARG A 199 7.35 -9.94 -18.68
N GLN A 200 7.95 -8.89 -18.15
CA GLN A 200 9.43 -8.77 -18.02
C GLN A 200 9.93 -9.90 -17.10
N PHE A 201 9.24 -10.14 -15.98
CA PHE A 201 9.65 -11.17 -15.01
C PHE A 201 9.52 -12.56 -15.67
N ASP A 202 8.37 -12.82 -16.30
CA ASP A 202 8.04 -14.12 -16.96
C ASP A 202 9.11 -14.39 -18.05
N ASP A 203 9.51 -13.37 -18.81
CA ASP A 203 10.48 -13.53 -19.95
C ASP A 203 11.90 -13.79 -19.43
N ARG A 204 12.33 -13.06 -18.41
CA ARG A 204 13.62 -13.30 -17.71
C ARG A 204 13.68 -14.74 -17.17
N LEU A 205 12.61 -15.23 -16.54
CA LEU A 205 12.58 -16.61 -16.01
C LEU A 205 12.68 -17.63 -17.14
N ARG A 206 11.92 -17.42 -18.21
CA ARG A 206 11.86 -18.35 -19.36
C ARG A 206 13.26 -18.48 -19.98
N SER A 207 13.95 -17.37 -20.23
CA SER A 207 15.31 -17.32 -20.83
C SER A 207 16.28 -18.05 -19.93
N TYR A 208 16.23 -17.76 -18.63
CA TYR A 208 17.12 -18.40 -17.67
C TYR A 208 16.93 -19.92 -17.69
N LEU A 209 15.69 -20.41 -17.66
CA LEU A 209 15.38 -21.84 -17.43
C LEU A 209 15.83 -22.66 -18.65
N SER A 210 15.98 -22.04 -19.83
CA SER A 210 16.47 -22.72 -21.04
C SER A 210 17.92 -22.33 -21.35
N SER A 211 18.63 -21.61 -20.47
CA SER A 211 20.11 -21.42 -20.55
C SER A 211 20.82 -22.60 -19.85
N GLN A 212 22.11 -22.76 -20.11
CA GLN A 212 23.05 -23.62 -19.34
C GLN A 212 22.41 -25.02 -19.13
N PRO A 213 22.18 -25.80 -20.23
CA PRO A 213 21.65 -27.17 -20.13
C PRO A 213 22.25 -27.98 -18.98
N GLY A 214 21.39 -28.45 -18.07
CA GLY A 214 21.76 -29.39 -16.98
C GLY A 214 22.24 -28.71 -15.71
N LEU A 215 22.61 -27.45 -15.76
CA LEU A 215 23.31 -26.84 -14.57
C LEU A 215 22.28 -26.32 -13.58
N PHE A 216 22.76 -26.18 -12.35
CA PHE A 216 22.08 -25.55 -11.19
C PHE A 216 21.32 -24.31 -11.63
N LYS A 217 20.03 -24.33 -11.32
CA LYS A 217 19.03 -23.29 -11.58
C LYS A 217 18.58 -22.73 -10.23
N MET A 218 18.74 -21.42 -10.02
CA MET A 218 18.28 -20.76 -8.77
C MET A 218 18.04 -19.26 -9.00
N ILE A 219 16.97 -18.72 -8.44
CA ILE A 219 16.86 -17.24 -8.24
C ILE A 219 17.64 -16.93 -6.96
N MET A 220 18.85 -16.39 -7.10
CA MET A 220 19.71 -16.05 -5.96
C MET A 220 19.25 -14.76 -5.28
N GLU A 221 18.47 -13.91 -5.98
CA GLU A 221 17.86 -12.73 -5.32
C GLU A 221 16.47 -12.51 -5.88
N LEU A 222 15.46 -12.94 -5.13
CA LEU A 222 14.07 -12.63 -5.46
C LEU A 222 13.66 -11.44 -4.61
N GLU A 223 13.22 -10.39 -5.26
CA GLU A 223 12.83 -9.12 -4.60
C GLU A 223 12.05 -9.38 -3.29
N GLY A 224 12.65 -8.99 -2.17
CA GLY A 224 12.05 -9.05 -0.82
C GLY A 224 11.67 -7.66 -0.33
N GLY A 225 11.85 -6.66 -1.18
CA GLY A 225 11.77 -5.24 -0.85
C GLY A 225 12.75 -4.42 -1.67
N TRP A 226 13.22 -3.30 -1.13
CA TRP A 226 14.20 -2.41 -1.77
C TRP A 226 14.82 -1.49 -0.71
N PHE A 227 15.95 -0.89 -1.00
CA PHE A 227 16.74 -0.11 -0.01
C PHE A 227 16.26 1.34 -0.02
N LYS A 228 16.82 2.12 0.88
CA LYS A 228 16.50 3.55 1.14
C LYS A 228 17.82 4.32 1.17
N SER A 229 17.83 5.51 0.56
CA SER A 229 19.01 6.39 0.44
C SER A 229 18.65 7.76 1.01
N SER A 230 19.66 8.50 1.40
CA SER A 230 19.54 9.96 1.59
C SER A 230 19.62 10.58 0.18
N ARG A 231 19.32 11.88 0.09
CA ARG A 231 19.47 12.75 -1.11
C ARG A 231 18.32 12.49 -2.07
N TYR A 232 18.14 11.24 -2.51
CA TYR A 232 17.22 10.90 -3.62
C TYR A 232 16.26 9.79 -3.20
N GLY A 233 16.20 9.47 -1.90
CA GLY A 233 15.45 8.31 -1.38
C GLY A 233 14.09 8.68 -0.81
N TYR A 234 13.31 7.68 -0.45
CA TYR A 234 11.92 7.78 0.01
C TYR A 234 11.71 6.71 1.06
N TYR A 235 10.68 6.86 1.86
CA TYR A 235 10.14 5.85 2.81
C TYR A 235 8.96 5.18 2.14
N PRO A 236 8.76 3.85 2.21
CA PRO A 236 9.66 2.94 2.92
C PRO A 236 10.88 2.42 2.12
N THR A 237 10.91 2.65 0.80
CA THR A 237 12.06 2.39 -0.09
C THR A 237 12.15 3.52 -1.13
N ASN A 238 13.28 3.59 -1.84
CA ASN A 238 13.48 4.54 -2.97
C ASN A 238 12.40 4.29 -4.06
N ARG A 239 11.81 3.10 -4.13
CA ARG A 239 10.77 2.79 -5.15
C ARG A 239 9.38 2.82 -4.50
N LEU A 240 9.24 3.40 -3.32
CA LEU A 240 8.02 3.42 -2.49
C LEU A 240 7.70 1.98 -2.05
N SER A 241 6.45 1.69 -1.74
CA SER A 241 6.06 0.40 -1.17
C SER A 241 6.23 -0.71 -2.21
N ILE A 242 6.89 -1.80 -1.86
CA ILE A 242 6.86 -3.05 -2.68
C ILE A 242 5.70 -3.85 -2.08
N PRO A 243 4.55 -3.97 -2.77
CA PRO A 243 3.39 -4.56 -2.13
C PRO A 243 3.64 -6.03 -1.79
N PRO A 244 3.20 -6.47 -0.59
CA PRO A 244 3.34 -7.87 -0.19
C PRO A 244 2.68 -8.86 -1.17
N GLU A 245 1.56 -8.48 -1.78
CA GLU A 245 0.81 -9.29 -2.78
C GLU A 245 1.72 -9.52 -3.98
N TRP A 246 2.53 -8.53 -4.34
CA TRP A 246 3.49 -8.63 -5.46
C TRP A 246 4.51 -9.74 -5.18
N THR A 247 5.13 -9.71 -4.01
CA THR A 247 6.15 -10.72 -3.63
C THR A 247 5.55 -12.12 -3.74
N GLU A 248 4.33 -12.36 -3.24
CA GLU A 248 3.70 -13.72 -3.31
C GLU A 248 3.46 -14.10 -4.79
N ILE A 249 2.94 -13.19 -5.63
CA ILE A 249 2.74 -13.46 -7.09
C ILE A 249 4.07 -13.88 -7.73
N LEU A 250 5.19 -13.28 -7.34
CA LEU A 250 6.50 -13.59 -7.98
C LEU A 250 6.88 -15.01 -7.57
N LEU A 251 6.71 -15.33 -6.29
CA LEU A 251 7.05 -16.65 -5.71
C LEU A 251 6.22 -17.72 -6.42
N LYS A 252 4.92 -17.51 -6.46
CA LYS A 252 3.98 -18.52 -7.01
C LYS A 252 4.27 -18.67 -8.51
N THR A 253 4.66 -17.60 -9.20
CA THR A 253 4.96 -17.64 -10.65
C THR A 253 6.20 -18.51 -10.82
N ALA A 254 7.20 -18.28 -9.96
CA ALA A 254 8.49 -18.98 -10.04
C ALA A 254 8.19 -20.47 -9.87
N VAL A 255 7.35 -20.84 -8.90
CA VAL A 255 6.98 -22.26 -8.65
C VAL A 255 6.27 -22.81 -9.91
N GLY A 256 5.35 -22.03 -10.46
CA GLY A 256 4.54 -22.43 -11.61
C GLY A 256 5.37 -22.65 -12.86
N MET A 257 6.60 -22.11 -12.91
CA MET A 257 7.52 -22.19 -14.07
C MET A 257 8.63 -23.20 -13.80
N GLY A 258 8.69 -23.81 -12.62
CA GLY A 258 9.60 -24.92 -12.35
C GLY A 258 10.83 -24.55 -11.54
N LEU A 259 10.94 -23.33 -11.03
CA LEU A 259 12.08 -22.96 -10.15
C LEU A 259 11.73 -23.27 -8.70
N ASN A 260 12.51 -24.12 -8.04
CA ASN A 260 12.29 -24.52 -6.63
C ASN A 260 13.52 -24.16 -5.78
N ASN A 261 14.48 -23.46 -6.34
CA ASN A 261 15.62 -22.86 -5.59
C ASN A 261 15.42 -21.34 -5.59
N ILE A 262 15.12 -20.74 -4.44
CA ILE A 262 14.73 -19.31 -4.35
C ILE A 262 15.30 -18.74 -3.06
N ASN A 263 15.96 -17.60 -3.17
CA ASN A 263 16.45 -16.82 -2.02
C ASN A 263 15.76 -15.45 -2.03
N ILE A 264 15.11 -15.08 -0.93
CA ILE A 264 14.43 -13.77 -0.77
C ILE A 264 15.51 -12.79 -0.30
N TYR A 265 15.79 -11.75 -1.09
CA TYR A 265 16.77 -10.68 -0.77
C TYR A 265 16.00 -9.37 -0.56
N MET A 266 16.03 -8.78 0.65
CA MET A 266 16.45 -9.38 1.90
C MET A 266 15.26 -10.05 2.60
N PHE A 267 15.54 -11.08 3.39
CA PHE A 267 14.50 -11.68 4.27
C PHE A 267 14.38 -10.82 5.51
N HIS A 268 15.52 -10.49 6.09
CA HIS A 268 15.69 -9.47 7.14
C HIS A 268 16.89 -8.61 6.73
N GLY A 269 16.72 -7.30 6.64
CA GLY A 269 17.82 -6.42 6.21
C GLY A 269 18.67 -5.94 7.37
N GLY A 270 18.05 -5.62 8.52
CA GLY A 270 18.78 -5.09 9.69
C GLY A 270 19.28 -3.66 9.44
N SER A 271 20.48 -3.38 9.96
CA SER A 271 21.11 -2.03 10.08
C SER A 271 22.49 -2.03 9.42
N ASN A 272 22.87 -0.91 8.81
CA ASN A 272 24.23 -0.68 8.29
C ASN A 272 25.07 -0.14 9.43
N PRO A 273 26.04 -0.89 9.99
CA PRO A 273 26.85 -0.36 11.09
C PRO A 273 27.72 0.84 10.68
N GLY A 274 27.59 1.92 11.44
CA GLY A 274 28.47 3.10 11.34
C GLY A 274 28.69 3.60 9.92
N TYR A 275 29.96 3.63 9.47
CA TYR A 275 30.36 4.16 8.16
C TYR A 275 30.68 3.00 7.21
N TYR A 276 30.01 1.86 7.37
CA TYR A 276 30.04 0.74 6.39
C TYR A 276 28.91 0.83 5.36
N THR A 277 28.07 1.86 5.46
CA THR A 277 27.14 2.30 4.40
C THR A 277 27.91 2.49 3.10
N ALA A 278 27.35 2.08 1.96
CA ALA A 278 27.66 2.66 0.65
C ALA A 278 27.34 4.17 0.68
N LYS A 279 27.95 4.92 -0.23
CA LYS A 279 27.66 6.36 -0.41
C LYS A 279 26.15 6.62 -0.46
N TYR A 280 25.68 7.64 0.28
CA TYR A 280 24.28 8.13 0.30
C TYR A 280 23.30 7.16 1.00
N LEU A 281 23.69 5.94 1.36
CA LEU A 281 22.75 4.99 2.00
C LEU A 281 22.38 5.41 3.41
N ALA A 282 21.12 5.15 3.76
CA ALA A 282 20.59 5.35 5.11
C ALA A 282 21.27 4.32 6.03
N SER A 283 21.33 4.64 7.31
CA SER A 283 21.85 3.77 8.39
C SER A 283 20.94 2.54 8.54
N SER A 284 19.63 2.67 8.25
CA SER A 284 18.65 1.57 8.19
C SER A 284 18.88 0.73 6.92
N TYR A 285 18.86 -0.60 7.04
CA TYR A 285 18.76 -1.49 5.87
C TYR A 285 17.47 -2.29 6.03
N ASP A 286 16.41 -1.65 6.55
CA ASP A 286 15.10 -2.30 6.80
C ASP A 286 14.64 -3.03 5.53
N PHE A 287 14.81 -2.40 4.36
CA PHE A 287 14.55 -3.03 3.06
C PHE A 287 13.05 -3.28 2.86
N GLU A 288 12.16 -2.80 3.77
CA GLU A 288 10.73 -3.25 3.84
C GLU A 288 10.68 -4.79 3.78
N ALA A 289 11.63 -5.47 4.40
CA ALA A 289 11.82 -6.94 4.34
C ALA A 289 10.71 -7.67 5.12
N CYS A 290 10.60 -8.99 4.89
CA CYS A 290 9.69 -9.88 5.63
C CYS A 290 9.81 -9.62 7.13
N ILE A 291 11.01 -9.68 7.66
CA ILE A 291 11.34 -9.26 9.06
C ILE A 291 11.84 -7.81 9.01
N ARG A 292 11.11 -6.88 9.61
CA ARG A 292 11.53 -5.44 9.56
C ARG A 292 12.80 -5.34 10.38
N GLU A 293 13.50 -4.22 10.27
CA GLU A 293 14.82 -3.97 10.93
C GLU A 293 14.66 -4.20 12.44
N TRP A 294 13.54 -3.77 13.01
CA TRP A 294 13.25 -3.84 14.47
C TRP A 294 12.65 -5.22 14.81
N GLY A 295 12.50 -6.14 13.86
CA GLY A 295 12.22 -7.57 14.16
C GLY A 295 10.78 -7.94 13.88
N GLU A 296 9.97 -6.96 13.49
CA GLU A 296 8.53 -7.17 13.25
C GLU A 296 8.32 -8.15 12.09
N LEU A 297 7.35 -9.02 12.26
CA LEU A 297 6.89 -9.89 11.16
C LEU A 297 5.85 -9.07 10.37
N SER A 298 6.20 -8.67 9.14
CA SER A 298 5.38 -7.84 8.24
C SER A 298 4.37 -8.75 7.53
N GLU A 299 3.46 -8.16 6.77
CA GLU A 299 2.54 -8.95 5.91
C GLU A 299 3.34 -9.79 4.91
N ARG A 300 4.46 -9.28 4.42
CA ARG A 300 5.28 -9.99 3.41
C ARG A 300 5.74 -11.32 4.02
N TYR A 301 6.10 -11.33 5.30
CA TYR A 301 6.61 -12.54 5.98
C TYR A 301 5.57 -13.66 5.89
N TYR A 302 4.32 -13.37 6.26
CA TYR A 302 3.26 -14.41 6.39
C TYR A 302 2.91 -14.94 5.01
N ARG A 303 2.94 -14.10 3.97
CA ARG A 303 2.69 -14.55 2.60
C ARG A 303 3.83 -15.47 2.10
N VAL A 304 5.08 -15.09 2.29
CA VAL A 304 6.22 -15.95 1.90
C VAL A 304 6.10 -17.26 2.71
N LYS A 305 5.72 -17.18 3.99
CA LYS A 305 5.63 -18.36 4.87
C LYS A 305 4.59 -19.34 4.32
N ARG A 306 3.43 -18.89 3.81
CA ARG A 306 2.41 -19.79 3.23
C ARG A 306 3.02 -20.57 2.05
N VAL A 307 3.85 -19.90 1.22
CA VAL A 307 4.48 -20.51 0.02
C VAL A 307 5.52 -21.55 0.47
N PHE A 308 6.44 -21.18 1.36
CA PHE A 308 7.53 -22.06 1.85
C PHE A 308 6.92 -23.29 2.55
N THR A 309 5.88 -23.10 3.33
CA THR A 309 5.14 -24.18 4.01
C THR A 309 4.63 -25.17 2.96
N PHE A 310 3.96 -24.69 1.90
CA PHE A 310 3.44 -25.54 0.81
C PHE A 310 4.60 -26.36 0.19
N LEU A 311 5.69 -25.70 -0.21
CA LEU A 311 6.85 -26.29 -0.93
C LEU A 311 7.53 -27.33 -0.02
N ASN A 312 7.56 -27.11 1.29
CA ASN A 312 8.11 -28.06 2.29
C ASN A 312 7.14 -29.23 2.53
N GLY A 313 5.85 -28.96 2.58
CA GLY A 313 4.81 -29.95 2.94
C GLY A 313 4.34 -30.79 1.77
N PHE A 314 4.84 -30.56 0.55
CA PHE A 314 4.51 -31.33 -0.68
C PHE A 314 5.77 -31.55 -1.50
N GLN A 315 6.87 -31.74 -0.76
CA GLN A 315 8.25 -31.94 -1.25
C GLN A 315 8.25 -32.99 -2.36
N GLU A 316 7.62 -34.14 -2.12
CA GLU A 316 7.64 -35.29 -3.07
C GLU A 316 6.96 -34.89 -4.39
N LEU A 317 5.76 -34.32 -4.30
CA LEU A 317 5.03 -33.79 -5.48
C LEU A 317 5.93 -32.82 -6.24
N VAL A 318 6.54 -31.85 -5.54
CA VAL A 318 7.26 -30.70 -6.19
C VAL A 318 8.49 -31.25 -6.89
N THR A 319 9.22 -32.22 -6.31
CA THR A 319 10.46 -32.75 -6.94
C THR A 319 10.08 -33.40 -8.27
N SER A 320 8.90 -34.01 -8.37
CA SER A 320 8.46 -34.86 -9.51
C SER A 320 7.99 -34.03 -10.72
N LEU A 321 7.64 -32.75 -10.52
CA LEU A 321 6.86 -32.00 -11.56
C LEU A 321 7.75 -31.73 -12.78
N LYS A 322 7.16 -31.71 -13.97
CA LYS A 322 7.86 -31.46 -15.25
C LYS A 322 6.99 -30.52 -16.05
N PRO A 323 7.53 -29.86 -17.10
CA PRO A 323 6.68 -29.10 -18.01
C PRO A 323 5.67 -30.04 -18.67
N GLY A 324 4.49 -29.51 -19.00
CA GLY A 324 3.45 -30.21 -19.77
C GLY A 324 2.17 -29.44 -19.70
N GLU A 325 1.43 -29.36 -20.81
CA GLU A 325 0.26 -28.45 -21.00
C GLU A 325 -1.00 -29.29 -21.21
N THR A 326 -1.38 -30.11 -20.23
CA THR A 326 -2.55 -31.03 -20.30
C THR A 326 -3.82 -30.35 -19.78
N VAL A 327 -3.72 -29.37 -18.89
CA VAL A 327 -4.90 -28.74 -18.25
C VAL A 327 -5.24 -27.46 -19.02
N LYS A 328 -6.53 -27.12 -19.13
CA LYS A 328 -7.02 -25.87 -19.77
C LYS A 328 -7.92 -25.13 -18.79
N THR A 329 -8.08 -23.83 -18.96
CA THR A 329 -9.00 -22.98 -18.16
C THR A 329 -10.29 -22.75 -18.93
N ALA A 330 -11.41 -22.64 -18.23
CA ALA A 330 -12.74 -22.32 -18.80
C ALA A 330 -12.81 -20.84 -19.17
N SER A 331 -12.22 -19.92 -18.37
CA SER A 331 -12.30 -18.47 -18.69
C SER A 331 -10.95 -17.77 -18.65
N THR A 332 -10.97 -16.54 -19.17
CA THR A 332 -9.79 -15.68 -19.39
C THR A 332 -9.49 -14.80 -18.17
N CYS A 333 -10.26 -14.90 -17.07
CA CYS A 333 -10.17 -13.95 -15.93
C CYS A 333 -8.90 -14.25 -15.10
N SER A 334 -8.26 -15.40 -15.28
CA SER A 334 -6.96 -15.72 -14.65
C SER A 334 -6.09 -16.41 -15.69
N GLU A 335 -4.77 -16.32 -15.60
CA GLU A 335 -3.84 -17.09 -16.47
C GLU A 335 -3.54 -18.41 -15.76
N LEU A 336 -2.94 -19.37 -16.48
CA LEU A 336 -2.64 -20.73 -15.98
C LEU A 336 -1.15 -21.01 -16.18
N LEU A 337 -0.43 -21.37 -15.12
CA LEU A 337 0.92 -22.00 -15.22
C LEU A 337 0.77 -23.41 -14.68
N GLN A 338 1.32 -24.42 -15.35
CA GLN A 338 1.05 -25.82 -14.93
C GLN A 338 2.32 -26.65 -15.03
N ARG A 339 2.42 -27.61 -14.13
CA ARG A 339 3.49 -28.62 -14.06
C ARG A 339 2.82 -29.96 -13.72
N VAL A 340 3.38 -31.07 -14.22
CA VAL A 340 2.79 -32.45 -14.16
C VAL A 340 3.87 -33.43 -13.72
N GLY A 341 3.51 -34.38 -12.87
CA GLY A 341 4.37 -35.49 -12.45
C GLY A 341 3.53 -36.74 -12.35
N ASP A 342 4.12 -37.89 -12.02
CA ASP A 342 3.33 -39.11 -11.74
C ASP A 342 2.57 -38.94 -10.41
N HIS A 343 3.14 -38.21 -9.45
CA HIS A 343 2.55 -37.98 -8.10
C HIS A 343 1.30 -37.08 -8.17
N GLY A 344 1.14 -36.31 -9.25
CA GLY A 344 0.07 -35.31 -9.45
C GLY A 344 0.56 -34.06 -10.17
N LYS A 345 -0.26 -33.02 -10.16
CA LYS A 345 -0.05 -31.79 -10.95
C LYS A 345 -0.34 -30.58 -10.07
N ILE A 346 0.24 -29.44 -10.46
CA ILE A 346 -0.18 -28.12 -9.95
C ILE A 346 -0.66 -27.28 -11.14
N ALA A 347 -1.77 -26.59 -10.92
CA ALA A 347 -2.28 -25.52 -11.78
C ALA A 347 -2.20 -24.23 -10.95
N VAL A 348 -1.28 -23.33 -11.30
CA VAL A 348 -1.17 -22.00 -10.67
C VAL A 348 -2.05 -21.04 -11.47
N LEU A 349 -3.12 -20.56 -10.83
CA LEU A 349 -4.12 -19.64 -11.38
C LEU A 349 -3.71 -18.23 -10.93
N ARG A 350 -3.18 -17.46 -11.87
CA ARG A 350 -2.60 -16.15 -11.56
C ARG A 350 -3.59 -15.09 -12.00
N ASN A 351 -3.98 -14.23 -11.07
CA ASN A 351 -4.88 -13.06 -11.24
C ASN A 351 -4.13 -11.80 -10.76
N THR A 352 -3.45 -11.11 -11.67
CA THR A 352 -2.74 -9.83 -11.37
C THR A 352 -3.68 -8.61 -11.40
N GLY A 353 -4.95 -8.78 -11.81
CA GLY A 353 -6.01 -7.74 -11.76
C GLY A 353 -6.62 -7.59 -10.36
N ASP A 354 -7.56 -6.66 -10.24
CA ASP A 354 -8.10 -6.18 -8.95
C ASP A 354 -9.53 -6.68 -8.74
N ASN A 355 -10.01 -7.63 -9.54
CA ASN A 355 -11.35 -8.26 -9.36
C ASN A 355 -11.21 -9.77 -9.16
N LEU A 356 -11.93 -10.29 -8.18
CA LEU A 356 -12.13 -11.72 -7.97
C LEU A 356 -12.50 -12.36 -9.31
N CYS A 357 -11.88 -13.50 -9.63
CA CYS A 357 -12.15 -14.32 -10.84
C CYS A 357 -12.75 -15.65 -10.37
N TYR A 358 -13.74 -16.17 -11.09
CA TYR A 358 -14.34 -17.51 -10.84
C TYR A 358 -13.90 -18.41 -12.00
N GLN A 359 -13.14 -19.46 -11.71
CA GLN A 359 -12.40 -20.24 -12.74
C GLN A 359 -12.80 -21.72 -12.65
N ARG A 360 -12.69 -22.43 -13.76
CA ARG A 360 -12.87 -23.91 -13.84
C ARG A 360 -11.73 -24.44 -14.69
N LEU A 361 -11.37 -25.71 -14.50
CA LEU A 361 -10.24 -26.35 -15.21
C LEU A 361 -10.78 -27.54 -16.03
N ILE A 362 -10.18 -27.79 -17.19
CA ILE A 362 -10.52 -28.98 -18.03
C ILE A 362 -9.31 -29.92 -17.90
N ASN A 363 -9.55 -31.07 -17.27
CA ASN A 363 -8.52 -32.08 -16.91
C ASN A 363 -9.11 -33.45 -17.29
N ARG A 364 -8.46 -34.17 -18.21
CA ARG A 364 -9.08 -35.22 -19.06
C ARG A 364 -10.04 -34.50 -20.00
N GLY A 365 -11.30 -34.93 -20.06
CA GLY A 365 -12.40 -34.14 -20.64
C GLY A 365 -13.44 -33.83 -19.58
N GLU A 366 -13.02 -33.79 -18.31
CA GLU A 366 -13.84 -33.44 -17.10
C GLU A 366 -13.67 -31.95 -16.77
N ILE A 367 -14.77 -31.25 -16.54
CA ILE A 367 -14.79 -29.86 -16.02
C ILE A 367 -14.79 -29.92 -14.49
N ILE A 368 -13.76 -29.29 -13.90
CA ILE A 368 -13.35 -29.29 -12.47
C ILE A 368 -13.50 -27.88 -11.91
N PRO A 369 -14.06 -27.65 -10.68
CA PRO A 369 -14.86 -28.62 -9.92
C PRO A 369 -16.29 -28.78 -10.45
N MET A 370 -17.13 -29.61 -9.80
CA MET A 370 -18.48 -30.01 -10.32
C MET A 370 -19.57 -29.01 -9.93
N TRP A 371 -19.69 -28.63 -8.65
CA TRP A 371 -20.81 -27.77 -8.16
C TRP A 371 -20.36 -26.33 -7.92
N THR A 372 -19.05 -26.07 -7.86
CA THR A 372 -18.48 -24.80 -7.35
C THR A 372 -17.39 -24.35 -8.31
N PRO A 373 -17.28 -23.03 -8.60
CA PRO A 373 -16.14 -22.50 -9.33
C PRO A 373 -14.94 -22.38 -8.39
N ILE A 374 -13.73 -22.34 -8.96
CA ILE A 374 -12.50 -21.99 -8.19
C ILE A 374 -12.41 -20.47 -8.07
N ARG A 375 -12.42 -19.98 -6.85
CA ARG A 375 -12.12 -18.54 -6.54
C ARG A 375 -10.65 -18.29 -6.84
N VAL A 376 -10.35 -17.30 -7.67
CA VAL A 376 -8.99 -16.68 -7.74
C VAL A 376 -9.12 -15.23 -7.26
N PRO A 377 -8.69 -14.97 -6.00
CA PRO A 377 -8.82 -13.64 -5.41
C PRO A 377 -8.09 -12.60 -6.24
N PRO A 378 -8.39 -11.30 -6.03
CA PRO A 378 -7.66 -10.22 -6.71
C PRO A 378 -6.19 -10.20 -6.26
N ARG A 379 -5.29 -9.82 -7.16
CA ARG A 379 -3.83 -9.69 -6.89
C ARG A 379 -3.31 -10.92 -6.16
N TYR A 380 -3.51 -12.08 -6.77
CA TYR A 380 -3.27 -13.39 -6.13
C TYR A 380 -2.97 -14.44 -7.20
N ALA A 381 -2.10 -15.40 -6.88
CA ALA A 381 -1.87 -16.61 -7.69
C ALA A 381 -2.14 -17.82 -6.80
N LYS A 382 -3.13 -18.64 -7.16
CA LYS A 382 -3.58 -19.78 -6.34
C LYS A 382 -2.96 -21.07 -6.89
N ILE A 383 -2.30 -21.87 -6.05
CA ILE A 383 -1.84 -23.25 -6.38
C ILE A 383 -2.98 -24.24 -6.14
N VAL A 384 -3.57 -24.77 -7.21
CA VAL A 384 -4.59 -25.87 -7.23
C VAL A 384 -3.86 -27.21 -7.40
N LEU A 385 -4.02 -28.17 -6.48
CA LEU A 385 -3.48 -29.55 -6.66
C LEU A 385 -4.48 -30.40 -7.44
N LEU A 386 -4.00 -31.17 -8.42
CA LEU A 386 -4.78 -32.13 -9.24
C LEU A 386 -4.12 -33.52 -9.19
N ASP A 387 -4.94 -34.57 -9.09
CA ASP A 387 -4.52 -35.98 -9.27
C ASP A 387 -3.37 -36.32 -8.33
N LEU A 388 -3.44 -35.88 -7.08
CA LEU A 388 -2.36 -36.11 -6.10
C LEU A 388 -2.49 -37.51 -5.52
N VAL A 389 -1.46 -38.32 -5.71
CA VAL A 389 -1.41 -39.68 -5.12
C VAL A 389 -0.82 -39.51 -3.72
N VAL A 390 -1.57 -39.90 -2.69
CA VAL A 390 -1.01 -39.96 -1.32
C VAL A 390 -0.33 -41.33 -1.18
N GLU A 391 0.99 -41.36 -1.31
CA GLU A 391 1.84 -42.57 -1.44
C GLU A 391 1.65 -43.42 -0.17
N GLY A 392 1.66 -44.76 -0.33
CA GLY A 392 1.55 -45.72 0.79
C GLY A 392 0.16 -45.73 1.45
N THR A 393 -0.84 -45.10 0.81
CA THR A 393 -2.24 -45.02 1.26
C THR A 393 -3.12 -45.30 0.05
N PRO A 394 -4.42 -45.61 0.24
CA PRO A 394 -5.35 -45.73 -0.88
C PRO A 394 -5.99 -44.42 -1.37
N PHE A 395 -5.48 -43.26 -0.95
CA PHE A 395 -6.17 -41.97 -1.23
C PHE A 395 -5.52 -41.32 -2.45
N LYS A 396 -6.36 -40.76 -3.33
CA LYS A 396 -5.99 -39.77 -4.37
C LYS A 396 -6.78 -38.49 -4.06
N LEU A 397 -6.12 -37.35 -4.06
CA LEU A 397 -6.85 -36.05 -4.10
C LEU A 397 -7.04 -35.72 -5.58
N VAL A 398 -8.24 -35.97 -6.12
CA VAL A 398 -8.54 -35.71 -7.56
C VAL A 398 -8.33 -34.21 -7.84
N TYR A 399 -8.89 -33.36 -6.98
CA TYR A 399 -8.69 -31.90 -7.02
C TYR A 399 -9.13 -31.33 -5.68
N THR A 400 -8.62 -30.14 -5.35
CA THR A 400 -9.25 -29.19 -4.38
C THR A 400 -9.22 -27.80 -5.01
N SER A 401 -10.34 -27.08 -5.01
CA SER A 401 -10.41 -25.65 -5.39
C SER A 401 -9.87 -24.78 -4.25
N GLY A 402 -9.62 -25.35 -3.08
CA GLY A 402 -8.93 -24.69 -1.97
C GLY A 402 -7.45 -24.69 -2.21
N GLU A 403 -6.67 -24.08 -1.32
CA GLU A 403 -5.20 -24.03 -1.45
C GLU A 403 -4.56 -24.91 -0.38
N ALA A 404 -3.80 -25.91 -0.82
CA ALA A 404 -3.16 -26.90 0.06
C ALA A 404 -1.96 -26.23 0.73
N LEU A 405 -1.88 -26.34 2.06
CA LEU A 405 -0.82 -25.73 2.89
C LEU A 405 0.22 -26.82 3.21
N LEU A 406 -0.24 -27.96 3.69
CA LEU A 406 0.70 -29.05 4.02
C LEU A 406 -0.02 -30.39 4.13
N MET A 407 0.82 -31.42 4.14
CA MET A 407 0.44 -32.84 4.25
C MET A 407 1.43 -33.50 5.22
N LYS A 408 0.91 -34.31 6.14
CA LYS A 408 1.72 -34.95 7.19
C LYS A 408 1.09 -36.31 7.53
N ARG A 409 1.94 -37.32 7.64
CA ARG A 409 1.61 -38.70 8.09
C ARG A 409 1.70 -38.74 9.62
N LEU A 410 0.59 -39.10 10.28
CA LEU A 410 0.50 -39.43 11.73
C LEU A 410 -0.05 -40.87 11.88
N GLY A 411 0.84 -41.85 12.07
CA GLY A 411 0.54 -43.30 12.00
C GLY A 411 -0.21 -43.66 10.73
N ASP A 412 -1.47 -44.08 10.87
CA ASP A 412 -2.33 -44.62 9.78
C ASP A 412 -3.25 -43.51 9.23
N THR A 413 -2.99 -42.25 9.61
CA THR A 413 -3.78 -41.07 9.19
C THR A 413 -2.87 -40.12 8.41
N VAL A 414 -3.32 -39.67 7.24
CA VAL A 414 -2.70 -38.49 6.55
C VAL A 414 -3.55 -37.24 6.83
N VAL A 415 -2.91 -36.20 7.37
CA VAL A 415 -3.54 -34.87 7.61
C VAL A 415 -3.16 -33.93 6.46
N MET A 416 -4.13 -33.24 5.89
CA MET A 416 -3.91 -32.17 4.88
C MET A 416 -4.60 -30.91 5.40
N ILE A 417 -3.89 -29.80 5.45
CA ILE A 417 -4.48 -28.46 5.75
C ILE A 417 -4.81 -27.77 4.43
N ILE A 418 -6.06 -27.36 4.25
CA ILE A 418 -6.47 -26.62 3.04
C ILE A 418 -7.09 -25.27 3.45
N TYR A 419 -6.76 -24.19 2.76
CA TYR A 419 -7.24 -22.83 3.15
C TYR A 419 -8.02 -22.13 2.04
N GLY A 420 -8.84 -21.17 2.46
CA GLY A 420 -9.45 -20.18 1.58
C GLY A 420 -9.83 -18.90 2.33
N ASP A 421 -10.37 -17.92 1.60
CA ASP A 421 -10.80 -16.65 2.21
C ASP A 421 -12.08 -16.90 3.04
N HIS A 422 -12.35 -16.01 3.99
CA HIS A 422 -13.64 -15.93 4.72
C HIS A 422 -14.75 -15.92 3.67
N GLY A 423 -15.69 -16.87 3.77
CA GLY A 423 -16.86 -16.95 2.86
C GLY A 423 -16.54 -17.63 1.55
N GLU A 424 -15.31 -18.07 1.31
CA GLU A 424 -15.01 -18.88 0.11
C GLU A 424 -15.68 -20.25 0.25
N TYR A 425 -16.28 -20.70 -0.84
CA TYR A 425 -16.68 -22.11 -1.10
C TYR A 425 -15.53 -22.85 -1.79
N THR A 426 -15.09 -23.94 -1.17
CA THR A 426 -14.11 -24.86 -1.81
C THR A 426 -14.82 -26.20 -2.08
N GLU A 427 -14.35 -26.94 -3.09
CA GLU A 427 -14.81 -28.31 -3.41
C GLU A 427 -13.56 -29.16 -3.50
N THR A 428 -13.55 -30.27 -2.76
CA THR A 428 -12.42 -31.23 -2.67
C THR A 428 -12.95 -32.62 -3.07
N ALA A 429 -12.22 -33.32 -3.94
CA ALA A 429 -12.60 -34.64 -4.51
C ALA A 429 -11.56 -35.68 -4.11
N VAL A 430 -11.98 -36.58 -3.23
CA VAL A 430 -11.14 -37.68 -2.69
C VAL A 430 -11.63 -39.00 -3.30
N GLU A 431 -10.70 -39.75 -3.87
CA GLU A 431 -10.96 -41.09 -4.44
C GLU A 431 -10.28 -42.07 -3.50
N VAL A 432 -10.98 -43.13 -3.08
CA VAL A 432 -10.44 -44.14 -2.13
C VAL A 432 -10.39 -45.51 -2.83
N GLU A 433 -9.20 -46.12 -2.96
CA GLU A 433 -9.01 -47.43 -3.64
C GLU A 433 -9.47 -48.50 -2.63
N GLY A 434 -10.47 -49.29 -3.00
CA GLY A 434 -11.16 -50.23 -2.11
C GLY A 434 -12.53 -49.69 -1.74
N GLY A 435 -12.78 -48.40 -2.00
CA GLY A 435 -14.07 -47.73 -1.74
C GLY A 435 -14.08 -46.96 -0.42
N VAL A 436 -15.06 -46.07 -0.28
CA VAL A 436 -15.21 -45.10 0.86
C VAL A 436 -15.96 -45.81 1.98
N LEU A 437 -15.27 -46.20 3.07
CA LEU A 437 -15.90 -46.76 4.31
C LEU A 437 -16.85 -45.73 4.94
N ASP A 438 -16.39 -44.50 5.21
CA ASP A 438 -17.14 -43.49 6.03
C ASP A 438 -16.44 -42.12 5.97
N VAL A 439 -17.21 -41.04 6.17
CA VAL A 439 -16.74 -39.64 6.29
C VAL A 439 -17.37 -39.01 7.55
N ASP A 440 -16.58 -38.80 8.60
CA ASP A 440 -16.94 -38.05 9.84
C ASP A 440 -16.57 -36.59 9.63
N ILE A 441 -17.52 -35.68 9.89
CA ILE A 441 -17.36 -34.21 9.70
C ILE A 441 -17.63 -33.46 11.02
N GLN A 442 -16.80 -32.46 11.31
CA GLN A 442 -17.00 -31.33 12.28
C GLN A 442 -17.17 -30.04 11.48
N GLY A 443 -18.36 -29.42 11.49
CA GLY A 443 -18.59 -28.08 10.93
C GLY A 443 -19.33 -28.13 9.61
N ASP A 444 -19.21 -27.07 8.81
CA ASP A 444 -20.00 -26.83 7.57
C ASP A 444 -19.28 -27.48 6.37
N VAL A 445 -19.35 -28.82 6.33
CA VAL A 445 -18.89 -29.71 5.23
C VAL A 445 -20.10 -30.47 4.67
N LEU A 446 -20.57 -30.14 3.46
CA LEU A 446 -21.57 -30.95 2.71
C LEU A 446 -20.84 -32.07 1.93
N ILE A 447 -21.30 -33.32 2.07
CA ILE A 447 -20.72 -34.52 1.43
C ILE A 447 -21.61 -34.95 0.26
N ARG A 448 -21.02 -35.27 -0.89
CA ARG A 448 -21.66 -36.04 -1.98
C ARG A 448 -20.78 -37.27 -2.19
N ARG A 449 -21.32 -38.47 -1.92
CA ARG A 449 -20.68 -39.76 -2.33
C ARG A 449 -21.24 -40.18 -3.69
N GLU A 450 -20.37 -40.54 -4.63
CA GLU A 450 -20.74 -41.03 -5.99
C GLU A 450 -20.14 -42.43 -6.19
N GLY A 451 -18.82 -42.53 -6.38
CA GLY A 451 -18.18 -43.81 -6.76
C GLY A 451 -17.42 -44.40 -5.59
N GLU A 452 -16.10 -44.53 -5.74
CA GLU A 452 -15.11 -44.61 -4.64
C GLU A 452 -14.65 -43.17 -4.30
N ARG A 453 -15.53 -42.19 -4.58
CA ARG A 453 -15.30 -40.73 -4.39
C ARG A 453 -16.20 -40.10 -3.32
N ALA A 454 -15.59 -39.29 -2.46
CA ALA A 454 -16.26 -38.32 -1.58
C ALA A 454 -15.98 -36.89 -2.11
N TYR A 455 -17.03 -36.18 -2.51
CA TYR A 455 -16.98 -34.73 -2.78
C TYR A 455 -17.31 -33.97 -1.47
N LEU A 456 -16.39 -33.10 -1.05
CA LEU A 456 -16.50 -32.27 0.19
C LEU A 456 -16.56 -30.79 -0.20
N VAL A 457 -17.72 -30.17 0.00
CA VAL A 457 -18.01 -28.73 -0.25
C VAL A 457 -17.99 -28.00 1.10
N VAL A 458 -17.14 -26.98 1.22
CA VAL A 458 -16.83 -26.31 2.52
C VAL A 458 -17.01 -24.79 2.36
N ASN A 459 -17.74 -24.15 3.27
CA ASN A 459 -17.73 -22.67 3.39
C ASN A 459 -16.62 -22.32 4.39
N HIS A 460 -15.57 -21.62 3.95
CA HIS A 460 -14.45 -21.27 4.86
C HIS A 460 -14.92 -20.15 5.81
N THR A 461 -14.53 -20.27 7.07
CA THR A 461 -14.95 -19.48 8.26
C THR A 461 -13.67 -19.08 9.03
N HIS A 462 -13.81 -18.26 10.08
CA HIS A 462 -12.72 -17.93 11.04
C HIS A 462 -12.60 -19.09 12.03
N GLY A 463 -11.96 -20.17 11.55
CA GLY A 463 -11.82 -21.43 12.28
C GLY A 463 -11.62 -22.59 11.33
N GLU A 464 -11.76 -23.80 11.83
CA GLU A 464 -11.50 -25.04 11.06
C GLU A 464 -12.78 -25.87 11.00
N HIS A 465 -13.02 -26.46 9.83
CA HIS A 465 -13.95 -27.57 9.55
C HIS A 465 -13.10 -28.81 9.27
N LEU A 466 -13.48 -29.97 9.82
CA LEU A 466 -12.70 -31.24 9.74
C LEU A 466 -13.50 -32.26 8.94
N ALA A 467 -12.82 -33.07 8.13
CA ALA A 467 -13.41 -34.24 7.47
C ALA A 467 -12.40 -35.37 7.55
N ILE A 468 -12.79 -36.48 8.19
CA ILE A 468 -11.98 -37.74 8.25
C ILE A 468 -12.65 -38.69 7.26
N VAL A 469 -12.01 -38.91 6.11
CA VAL A 469 -12.43 -39.95 5.13
C VAL A 469 -11.71 -41.24 5.51
N LYS A 470 -12.46 -42.31 5.83
CA LYS A 470 -11.86 -43.63 6.22
C LYS A 470 -11.83 -44.59 5.01
N SER A 471 -10.71 -45.30 4.85
CA SER A 471 -10.56 -46.41 3.87
C SER A 471 -11.10 -47.73 4.47
N THR A 472 -11.56 -48.64 3.60
CA THR A 472 -11.96 -50.05 3.92
C THR A 472 -10.72 -50.82 4.36
N ARG A 473 -9.53 -50.39 3.95
CA ARG A 473 -8.22 -50.84 4.51
C ARG A 473 -8.13 -50.19 5.90
N GLY A 474 -6.94 -49.97 6.47
CA GLY A 474 -6.82 -49.42 7.85
C GLY A 474 -6.53 -47.92 7.92
N GLN A 475 -6.83 -47.12 6.89
CA GLN A 475 -6.15 -45.80 6.71
C GLN A 475 -7.15 -44.66 6.53
N ASN A 476 -6.77 -43.49 7.04
CA ASN A 476 -7.68 -42.29 7.13
C ASN A 476 -7.03 -41.07 6.50
N LEU A 477 -7.86 -40.27 5.82
CA LEU A 477 -7.49 -38.91 5.34
C LEU A 477 -8.20 -37.90 6.22
N LEU A 478 -7.45 -37.19 7.04
CA LEU A 478 -7.94 -36.05 7.86
C LEU A 478 -7.75 -34.73 7.09
N LEU A 479 -8.82 -34.11 6.63
CA LEU A 479 -8.76 -32.80 5.93
C LEU A 479 -9.19 -31.71 6.92
N ILE A 480 -8.33 -30.71 7.11
CA ILE A 480 -8.59 -29.51 7.97
C ILE A 480 -8.70 -28.31 7.02
N PHE A 481 -9.88 -27.73 6.97
CA PHE A 481 -10.25 -26.55 6.15
C PHE A 481 -10.24 -25.32 7.05
N THR A 482 -9.37 -24.37 6.71
CA THR A 482 -9.07 -23.17 7.55
C THR A 482 -9.10 -21.94 6.66
N CYS A 483 -8.91 -20.77 7.26
CA CYS A 483 -8.87 -19.51 6.49
C CYS A 483 -7.40 -19.15 6.23
N ARG A 484 -7.18 -18.24 5.29
CA ARG A 484 -5.83 -17.80 4.88
C ARG A 484 -5.07 -17.31 6.11
N CYS A 485 -5.74 -16.53 6.97
CA CYS A 485 -5.14 -15.84 8.14
C CYS A 485 -4.61 -16.86 9.14
N ARG A 486 -5.32 -17.97 9.31
CA ARG A 486 -4.92 -19.01 10.29
C ARG A 486 -3.92 -19.97 9.63
N ALA A 487 -3.96 -20.08 8.30
CA ALA A 487 -2.90 -20.80 7.55
C ALA A 487 -1.56 -20.07 7.74
N GLU A 488 -1.62 -18.74 7.69
CA GLU A 488 -0.43 -17.85 7.87
C GLU A 488 0.15 -17.99 9.29
N LYS A 489 -0.69 -18.27 10.27
CA LYS A 489 -0.27 -18.45 11.68
C LYS A 489 -0.43 -19.92 12.07
N THR A 490 -0.09 -20.81 11.15
CA THR A 490 0.10 -22.24 11.43
C THR A 490 1.59 -22.46 11.68
N TRP A 491 1.93 -22.88 12.89
CA TRP A 491 3.32 -23.03 13.36
C TRP A 491 3.64 -24.51 13.55
N ILE A 492 4.72 -24.95 12.92
CA ILE A 492 5.25 -26.34 12.97
C ILE A 492 6.37 -26.34 14.00
N VAL A 493 6.11 -26.84 15.20
CA VAL A 493 7.10 -26.77 16.32
C VAL A 493 8.06 -27.96 16.22
N ASP A 494 7.60 -29.14 15.82
CA ASP A 494 8.51 -30.21 15.28
C ASP A 494 7.70 -31.14 14.37
N GLU A 495 8.28 -32.26 13.95
CA GLU A 495 7.66 -33.25 13.01
C GLU A 495 6.20 -33.56 13.40
N ASP A 496 5.88 -33.69 14.71
CA ASP A 496 4.53 -34.12 15.16
C ASP A 496 3.91 -33.10 16.13
N LEU A 497 4.14 -31.79 15.93
CA LEU A 497 3.43 -30.73 16.69
C LEU A 497 3.13 -29.54 15.77
N VAL A 498 1.87 -29.46 15.30
CA VAL A 498 1.35 -28.40 14.41
C VAL A 498 0.25 -27.61 15.14
N LEU A 499 0.44 -26.31 15.28
CA LEU A 499 -0.50 -25.35 15.94
C LEU A 499 -1.13 -24.53 14.83
N ILE A 500 -2.44 -24.66 14.65
CA ILE A 500 -3.23 -23.75 13.79
C ILE A 500 -3.80 -22.69 14.72
N SER A 501 -3.51 -21.41 14.49
CA SER A 501 -3.66 -20.34 15.51
C SER A 501 -3.91 -18.96 14.88
N ASN A 502 -4.16 -17.98 15.74
CA ASN A 502 -4.15 -16.52 15.43
C ASN A 502 -2.84 -15.92 15.94
N ILE A 503 -1.88 -16.74 16.40
CA ILE A 503 -0.73 -16.23 17.18
C ILE A 503 0.30 -15.59 16.23
N TYR A 504 0.69 -14.36 16.55
CA TYR A 504 1.65 -13.52 15.80
C TYR A 504 2.97 -14.27 15.55
N TYR A 505 3.52 -14.95 16.55
CA TYR A 505 4.81 -15.67 16.40
C TYR A 505 4.96 -16.75 17.48
N ILE A 506 5.49 -17.88 17.07
CA ILE A 506 5.95 -18.97 17.96
C ILE A 506 7.45 -19.11 17.76
N GLY A 507 8.19 -18.90 18.85
CA GLY A 507 9.65 -18.92 18.87
C GLY A 507 10.16 -20.28 19.31
N ASP A 508 11.12 -20.23 20.22
CA ASP A 508 11.87 -21.39 20.75
C ASP A 508 10.89 -22.35 21.42
N SER A 509 11.17 -23.64 21.26
CA SER A 509 10.55 -24.75 22.01
C SER A 509 11.64 -25.46 22.81
N ARG A 510 11.28 -25.95 24.00
CA ARG A 510 12.06 -26.89 24.84
C ARG A 510 11.21 -28.15 24.94
N ILE A 511 11.65 -29.24 24.31
CA ILE A 511 10.90 -30.53 24.21
C ILE A 511 11.37 -31.41 25.37
N ASP A 512 11.02 -31.03 26.62
CA ASP A 512 11.52 -31.61 27.90
C ASP A 512 11.33 -33.14 27.90
N GLU A 513 10.33 -33.66 28.63
CA GLU A 513 10.15 -35.14 28.88
C GLU A 513 8.69 -35.53 28.59
N GLY A 514 7.76 -35.25 29.51
CA GLY A 514 6.30 -35.16 29.30
C GLY A 514 5.86 -33.72 29.46
N LYS A 515 6.64 -32.79 28.89
CA LYS A 515 6.37 -31.33 28.78
C LYS A 515 6.93 -30.82 27.43
N VAL A 516 6.11 -30.12 26.65
CA VAL A 516 6.60 -29.20 25.57
C VAL A 516 6.35 -27.76 26.07
N VAL A 517 7.39 -26.93 26.12
CA VAL A 517 7.29 -25.48 26.44
C VAL A 517 7.63 -24.70 25.17
N ILE A 518 6.70 -23.89 24.64
CA ILE A 518 6.95 -23.03 23.44
C ILE A 518 6.78 -21.56 23.84
N ASN A 519 7.68 -20.69 23.38
CA ASN A 519 7.61 -19.23 23.60
C ASN A 519 6.68 -18.60 22.56
N ALA A 520 5.54 -18.08 22.98
CA ALA A 520 4.61 -17.34 22.09
C ALA A 520 4.88 -15.86 22.27
N GLU A 521 4.76 -15.11 21.19
CA GLU A 521 4.72 -13.64 21.19
C GLU A 521 3.35 -13.24 20.66
N LEU A 522 2.53 -12.62 21.52
CA LEU A 522 1.12 -12.29 21.22
C LEU A 522 1.02 -10.80 20.86
N ASP A 523 0.45 -10.50 19.70
CA ASP A 523 -0.01 -9.15 19.32
C ASP A 523 -1.48 -9.09 19.76
N GLU A 524 -2.14 -7.99 19.43
CA GLU A 524 -3.52 -7.72 19.90
C GLU A 524 -4.54 -8.67 19.24
N ASP A 525 -4.18 -9.37 18.17
CA ASP A 525 -5.10 -10.27 17.43
C ASP A 525 -4.70 -11.72 17.62
N SER A 526 -3.92 -12.04 18.66
CA SER A 526 -3.27 -13.36 18.80
C SER A 526 -4.13 -14.31 19.63
N CYS A 527 -5.25 -13.81 20.12
CA CYS A 527 -6.11 -14.51 21.09
C CYS A 527 -7.12 -15.36 20.32
N GLY A 528 -7.84 -16.27 20.99
CA GLY A 528 -8.92 -17.03 20.35
C GLY A 528 -8.50 -18.48 20.14
N ARG A 529 -9.07 -19.11 19.12
CA ARG A 529 -8.96 -20.58 18.97
C ARG A 529 -7.54 -21.01 18.60
N LEU A 530 -7.07 -22.09 19.23
CA LEU A 530 -5.80 -22.78 18.92
C LEU A 530 -6.13 -24.25 18.71
N LEU A 531 -5.80 -24.80 17.55
CA LEU A 531 -5.89 -26.25 17.26
C LEU A 531 -4.50 -26.83 17.30
N VAL A 532 -4.38 -28.01 17.89
CA VAL A 532 -3.11 -28.75 18.01
C VAL A 532 -3.29 -30.09 17.28
N VAL A 533 -2.48 -30.30 16.27
CA VAL A 533 -2.43 -31.55 15.48
C VAL A 533 -1.18 -32.27 15.93
N THR A 534 -1.32 -33.42 16.61
CA THR A 534 -0.16 -34.19 17.12
C THR A 534 -0.56 -35.66 17.36
N SER A 535 0.41 -36.55 17.22
CA SER A 535 0.34 -37.99 17.60
C SER A 535 0.50 -38.11 19.12
N ARG A 536 1.00 -37.06 19.79
CA ARG A 536 1.21 -37.07 21.25
C ARG A 536 -0.13 -36.99 21.98
N GLU A 537 -0.18 -37.64 23.14
CA GLU A 537 -1.31 -37.58 24.10
C GLU A 537 -1.13 -36.30 24.92
N ILE A 538 -2.03 -35.33 24.73
CA ILE A 538 -2.08 -34.06 25.50
C ILE A 538 -3.10 -34.19 26.63
N GLU A 539 -2.64 -34.05 27.87
CA GLU A 539 -3.52 -34.02 29.08
C GLU A 539 -3.94 -32.59 29.38
N ALA A 540 -3.03 -31.64 29.21
CA ALA A 540 -3.21 -30.26 29.68
C ALA A 540 -2.38 -29.27 28.85
N ILE A 541 -2.97 -28.09 28.62
CA ILE A 541 -2.30 -26.94 27.95
C ILE A 541 -2.49 -25.74 28.87
N SER A 542 -1.37 -25.11 29.23
CA SER A 542 -1.25 -23.94 30.13
C SER A 542 -0.71 -22.73 29.34
N LEU A 543 -1.24 -21.54 29.62
CA LEU A 543 -0.63 -20.26 29.19
C LEU A 543 -0.05 -19.60 30.45
N GLU A 544 1.27 -19.61 30.59
CA GLU A 544 1.97 -19.39 31.89
C GLU A 544 1.24 -20.24 32.95
N ASP A 545 0.53 -19.60 33.89
CA ASP A 545 -0.09 -20.26 35.08
C ASP A 545 -1.56 -20.59 34.76
N LEU A 546 -2.17 -20.04 33.70
CA LEU A 546 -3.60 -20.28 33.40
C LEU A 546 -3.74 -21.63 32.66
N ASP A 547 -4.47 -22.58 33.26
CA ASP A 547 -4.81 -23.86 32.59
C ASP A 547 -5.93 -23.52 31.60
N LEU A 548 -5.85 -24.02 30.36
CA LEU A 548 -6.83 -23.69 29.29
C LEU A 548 -7.82 -24.84 29.15
N ASP A 549 -9.03 -24.55 28.66
CA ASP A 549 -10.05 -25.53 28.21
C ASP A 549 -9.45 -26.42 27.11
N LEU A 550 -9.56 -27.75 27.24
CA LEU A 550 -9.00 -28.76 26.30
C LEU A 550 -10.11 -29.65 25.75
N THR A 551 -10.47 -29.52 24.47
CA THR A 551 -11.44 -30.43 23.80
C THR A 551 -10.69 -31.33 22.83
N ARG A 552 -10.95 -32.64 22.88
CA ARG A 552 -10.43 -33.62 21.90
C ARG A 552 -11.43 -33.67 20.74
N LEU A 553 -11.03 -33.22 19.55
CA LEU A 553 -11.93 -33.12 18.36
C LEU A 553 -11.92 -34.45 17.60
N SER A 554 -10.76 -35.12 17.54
CA SER A 554 -10.55 -36.43 16.87
C SER A 554 -9.26 -36.97 17.47
N LYS A 555 -8.74 -38.08 16.96
CA LYS A 555 -7.59 -38.81 17.57
C LYS A 555 -6.34 -37.91 17.66
N TYR A 556 -6.09 -37.08 16.64
CA TYR A 556 -4.83 -36.30 16.48
C TYR A 556 -5.05 -34.78 16.66
N VAL A 557 -6.26 -34.35 16.98
CA VAL A 557 -6.68 -32.92 16.95
C VAL A 557 -7.26 -32.52 18.30
N TYR A 558 -6.60 -31.57 18.96
CA TYR A 558 -7.12 -30.86 20.16
C TYR A 558 -7.47 -29.40 19.84
N ALA A 559 -8.46 -28.90 20.54
CA ALA A 559 -8.97 -27.52 20.49
C ALA A 559 -8.87 -26.90 21.89
N THR A 560 -8.38 -25.66 21.92
CA THR A 560 -8.31 -24.80 23.12
C THR A 560 -8.56 -23.36 22.66
N HIS A 561 -8.51 -22.40 23.57
CA HIS A 561 -8.67 -20.95 23.28
C HIS A 561 -7.80 -20.16 24.25
N ILE A 562 -7.19 -19.07 23.75
CA ILE A 562 -6.55 -18.03 24.59
C ILE A 562 -7.61 -16.95 24.85
N PRO A 563 -7.93 -16.62 26.13
CA PRO A 563 -8.93 -15.58 26.41
C PRO A 563 -8.55 -14.26 25.73
N LEU A 564 -9.56 -13.57 25.18
CA LEU A 564 -9.43 -12.30 24.41
C LEU A 564 -8.83 -11.20 25.30
N SER A 565 -8.96 -11.30 26.64
CA SER A 565 -8.40 -10.37 27.66
C SER A 565 -6.85 -10.36 27.70
N MET A 566 -6.19 -11.45 27.29
CA MET A 566 -4.71 -11.64 27.38
C MET A 566 -3.95 -10.90 26.27
N CYS A 567 -4.64 -10.25 25.34
CA CYS A 567 -4.03 -9.56 24.16
C CYS A 567 -4.11 -8.02 24.29
N ARG A 568 -3.15 -7.37 24.95
CA ARG A 568 -3.15 -5.88 25.14
C ARG A 568 -2.72 -5.16 23.85
N SER A 569 -2.95 -3.84 23.82
CA SER A 569 -2.73 -2.88 22.70
C SER A 569 -1.80 -1.71 23.11
N GLY A 570 -0.89 -1.94 24.07
CA GLY A 570 0.05 -0.93 24.61
C GLY A 570 0.88 -0.25 23.52
N LYS A 571 1.49 0.91 23.84
CA LYS A 571 2.41 1.68 22.95
C LYS A 571 2.86 2.96 23.67
N ASN A 572 4.11 3.00 24.12
CA ASN A 572 4.64 4.07 25.01
C ASN A 572 5.72 4.88 24.29
N THR A 573 5.77 6.16 24.62
CA THR A 573 6.82 7.15 24.26
C THR A 573 7.58 7.54 25.52
N TYR A 574 8.91 7.57 25.46
CA TYR A 574 9.79 7.93 26.60
C TYR A 574 10.55 9.21 26.23
N HIS A 575 10.55 10.17 27.15
CA HIS A 575 11.00 11.58 26.97
C HIS A 575 12.29 11.84 27.74
N PRO A 576 13.16 12.73 27.20
CA PRO A 576 14.38 13.13 27.88
C PRO A 576 14.08 14.01 29.11
N LEU A 577 14.88 13.86 30.16
CA LEU A 577 14.82 14.67 31.39
C LEU A 577 15.18 16.13 31.05
N GLU A 578 16.31 16.33 30.37
CA GLU A 578 17.10 17.58 30.33
C GLU A 578 18.14 17.50 29.20
N TYR A 579 18.43 18.63 28.54
CA TYR A 579 19.45 18.70 27.46
C TYR A 579 20.65 19.51 27.95
N ARG A 580 21.88 19.00 27.76
CA ARG A 580 23.15 19.73 27.96
C ARG A 580 23.91 19.87 26.63
N LEU A 581 24.48 21.07 26.37
CA LEU A 581 25.24 21.42 25.15
C LEU A 581 26.70 21.61 25.50
N LEU A 582 27.56 21.10 24.66
CA LEU A 582 29.03 21.27 24.71
C LEU A 582 29.49 21.47 23.27
N GLU A 583 30.27 22.53 23.01
CA GLU A 583 30.89 22.84 21.70
C GLU A 583 32.14 21.98 21.56
N ASP A 584 32.28 21.25 20.45
CA ASP A 584 33.52 20.47 20.16
C ASP A 584 34.61 21.49 19.79
N PRO A 585 35.82 21.45 20.37
CA PRO A 585 36.94 22.30 19.93
C PRO A 585 37.41 21.94 18.51
N VAL A 586 37.00 20.76 17.99
CA VAL A 586 37.20 20.29 16.58
C VAL A 586 38.68 19.93 16.38
N PHE A 587 39.58 20.90 16.43
CA PHE A 587 41.02 20.65 16.17
C PHE A 587 41.65 19.89 17.34
N HIS A 588 42.48 18.93 16.99
CA HIS A 588 43.15 17.98 17.90
C HIS A 588 44.53 17.64 17.36
N THR A 589 44.59 17.03 16.17
CA THR A 589 45.82 16.58 15.47
C THR A 589 45.68 16.86 13.97
N LEU A 590 46.40 17.84 13.44
CA LEU A 590 46.39 18.20 12.01
C LEU A 590 47.76 17.89 11.42
N THR A 591 47.83 17.17 10.32
CA THR A 591 49.10 16.90 9.61
C THR A 591 49.01 17.38 8.17
N SER A 592 50.17 17.69 7.60
CA SER A 592 50.37 18.15 6.21
C SER A 592 49.82 17.13 5.19
N ILE A 593 49.18 17.62 4.13
CA ILE A 593 48.72 16.78 3.00
C ILE A 593 48.92 17.58 1.72
N ASN A 594 49.36 16.95 0.63
CA ASN A 594 49.54 17.65 -0.68
C ASN A 594 48.16 18.07 -1.21
N PRO A 595 47.99 19.29 -1.78
CA PRO A 595 46.70 19.67 -2.36
C PRO A 595 46.15 18.61 -3.32
N SER A 596 44.85 18.29 -3.21
CA SER A 596 44.13 17.36 -4.11
C SER A 596 44.53 15.90 -3.88
N SER A 597 45.40 15.61 -2.90
CA SER A 597 45.88 14.23 -2.63
C SER A 597 44.77 13.48 -1.85
N PRO A 598 44.18 12.44 -2.45
CA PRO A 598 43.05 11.77 -1.82
C PRO A 598 43.42 11.08 -0.51
N LEU A 599 42.45 10.95 0.41
CA LEU A 599 42.73 10.44 1.77
C LEU A 599 43.26 9.00 1.73
N GLU A 600 42.81 8.15 0.81
CA GLU A 600 43.23 6.72 0.78
C GLU A 600 44.73 6.64 0.41
N LYS A 601 45.27 7.65 -0.28
CA LYS A 601 46.69 7.75 -0.69
C LYS A 601 47.51 8.34 0.45
N ASN A 602 46.88 8.72 1.56
CA ASN A 602 47.58 9.29 2.75
C ASN A 602 47.39 8.36 3.94
N GLY A 603 47.11 7.09 3.70
CA GLY A 603 46.89 6.09 4.77
C GLY A 603 45.55 6.24 5.52
N PHE A 604 44.59 7.00 5.01
CA PHE A 604 43.24 7.10 5.64
C PHE A 604 42.27 6.17 4.91
N TYR A 605 41.91 5.05 5.54
CA TYR A 605 41.04 4.01 4.92
C TYR A 605 39.63 3.96 5.52
N GLU A 606 39.29 4.84 6.49
CA GLU A 606 37.96 4.88 7.15
C GLU A 606 37.15 6.00 6.47
N ASN A 607 35.83 5.84 6.41
CA ASN A 607 34.92 6.95 6.00
C ASN A 607 34.72 7.81 7.25
N GLY A 608 33.69 8.65 7.29
CA GLY A 608 33.34 9.37 8.52
C GLY A 608 33.74 10.81 8.39
N ILE A 609 34.14 11.43 9.51
CA ILE A 609 34.37 12.89 9.61
C ILE A 609 35.86 13.17 9.50
N TYR A 610 36.19 14.14 8.68
CA TYR A 610 37.55 14.69 8.50
C TYR A 610 37.45 16.21 8.60
N VAL A 611 38.53 16.83 9.07
CA VAL A 611 38.72 18.29 9.14
C VAL A 611 39.96 18.65 8.33
N TYR A 612 39.77 19.54 7.37
CA TYR A 612 40.87 20.15 6.60
C TYR A 612 41.07 21.57 7.14
N ARG A 613 42.33 21.99 7.17
CA ARG A 613 42.68 23.41 7.31
C ARG A 613 43.43 23.80 6.05
N LEU A 614 42.92 24.78 5.30
CA LEU A 614 43.56 25.25 4.06
C LEU A 614 44.11 26.65 4.35
N ARG A 615 45.42 26.84 4.21
CA ARG A 615 46.09 28.18 4.31
C ARG A 615 46.33 28.67 2.87
N LEU A 616 45.43 29.50 2.36
CA LEU A 616 45.38 29.96 0.95
C LEU A 616 45.90 31.40 0.83
N HIS A 617 46.68 31.69 -0.22
CA HIS A 617 47.31 33.03 -0.36
C HIS A 617 46.65 33.80 -1.51
N LEU A 618 46.26 35.04 -1.24
CA LEU A 618 45.80 36.00 -2.26
C LEU A 618 46.64 37.27 -2.10
N ASP A 619 47.19 37.81 -3.20
CA ASP A 619 47.95 39.09 -3.17
C ASP A 619 47.04 40.20 -3.70
N LYS A 620 47.48 41.46 -3.53
CA LYS A 620 46.68 42.68 -3.80
C LYS A 620 46.14 42.63 -5.24
N LYS A 621 47.00 42.24 -6.19
CA LYS A 621 46.73 42.14 -7.65
C LYS A 621 45.51 41.23 -7.88
N GLN A 622 45.59 39.94 -7.50
CA GLN A 622 44.47 38.95 -7.64
C GLN A 622 43.16 39.56 -7.12
N LEU A 623 43.13 40.05 -5.89
CA LEU A 623 41.89 40.60 -5.26
C LEU A 623 41.42 41.87 -6.01
N GLY A 624 42.35 42.73 -6.43
CA GLY A 624 42.09 43.95 -7.21
C GLY A 624 41.50 43.63 -8.58
N ASP A 625 42.09 42.66 -9.30
CA ASP A 625 41.65 42.27 -10.66
C ASP A 625 40.40 41.38 -10.61
N LEU A 626 39.91 41.01 -9.41
CA LEU A 626 38.89 39.94 -9.26
C LEU A 626 37.59 40.39 -9.93
N LEU A 627 37.00 39.58 -10.82
CA LEU A 627 35.81 39.96 -11.65
C LEU A 627 34.48 39.50 -11.03
N ASP A 628 34.49 38.59 -10.07
CA ASP A 628 33.24 38.02 -9.48
C ASP A 628 33.55 37.56 -8.06
N LYS A 629 32.60 37.74 -7.14
CA LYS A 629 32.83 37.64 -5.68
C LYS A 629 32.48 36.23 -5.16
N HIS A 630 32.77 35.15 -5.90
CA HIS A 630 32.44 33.76 -5.49
C HIS A 630 33.73 32.91 -5.44
N LEU A 631 33.87 32.15 -4.36
CA LEU A 631 34.87 31.10 -4.07
C LEU A 631 34.12 29.77 -4.25
N ALA A 632 34.73 28.78 -4.90
CA ALA A 632 34.17 27.41 -5.03
C ALA A 632 35.12 26.38 -4.43
N LEU A 633 34.64 25.53 -3.53
CA LEU A 633 35.31 24.26 -3.19
C LEU A 633 34.73 23.19 -4.11
N ILE A 634 35.57 22.55 -4.95
CA ILE A 634 35.11 21.70 -6.07
C ILE A 634 35.78 20.34 -5.97
N GLY A 635 35.00 19.26 -5.99
CA GLY A 635 35.51 17.87 -6.02
C GLY A 635 35.88 17.36 -4.64
N PHE A 636 34.90 16.94 -3.86
CA PHE A 636 35.14 16.23 -2.59
C PHE A 636 34.03 15.19 -2.38
N SER A 637 34.32 14.19 -1.56
CA SER A 637 33.44 13.11 -1.11
C SER A 637 33.25 13.22 0.40
N ASP A 638 32.06 13.58 0.93
CA ASP A 638 30.83 13.82 0.20
C ASP A 638 30.28 15.21 0.55
N TYR A 639 30.14 15.49 1.84
CA TYR A 639 29.43 16.70 2.36
C TYR A 639 30.41 17.52 3.18
N ALA A 640 30.43 18.83 2.95
CA ALA A 640 31.35 19.75 3.67
C ALA A 640 30.59 20.96 4.24
N VAL A 641 31.10 21.41 5.37
CA VAL A 641 30.72 22.68 6.03
C VAL A 641 31.98 23.53 6.05
N VAL A 642 31.93 24.69 5.41
CA VAL A 642 33.15 25.50 5.14
C VAL A 642 33.07 26.81 5.90
N SER A 643 34.15 27.15 6.59
CA SER A 643 34.33 28.47 7.22
C SER A 643 35.53 29.18 6.59
N ILE A 644 35.42 30.49 6.33
CA ILE A 644 36.55 31.33 5.83
C ILE A 644 36.87 32.43 6.87
N ASN A 645 38.12 32.46 7.35
CA ASN A 645 38.59 33.49 8.33
C ASN A 645 37.58 33.59 9.47
N ASN A 646 37.17 32.45 10.04
CA ASN A 646 36.30 32.32 11.26
C ASN A 646 34.85 32.72 10.98
N GLU A 647 34.43 32.85 9.73
CA GLU A 647 33.03 33.13 9.37
C GLU A 647 32.51 31.96 8.54
N TYR A 648 31.31 31.47 8.89
CA TYR A 648 30.60 30.42 8.15
C TYR A 648 30.44 30.89 6.72
N ALA A 649 30.81 30.07 5.73
CA ALA A 649 30.70 30.44 4.30
C ALA A 649 29.67 29.56 3.58
N GLY A 650 29.59 28.26 3.83
CA GLY A 650 28.58 27.45 3.11
C GLY A 650 28.73 25.96 3.35
N SER A 651 27.82 25.18 2.78
CA SER A 651 27.77 23.72 2.99
C SER A 651 27.13 23.12 1.75
N GLY A 652 27.39 21.83 1.51
CA GLY A 652 26.71 21.04 0.48
C GLY A 652 27.54 19.84 0.03
N TYR A 653 27.06 19.15 -0.99
CA TYR A 653 27.66 17.89 -1.50
C TYR A 653 28.55 18.21 -2.71
N HIS A 654 29.78 17.71 -2.72
CA HIS A 654 30.67 17.55 -3.91
C HIS A 654 31.17 18.85 -4.54
N TYR A 655 30.40 19.94 -4.48
CA TYR A 655 30.69 21.20 -5.21
C TYR A 655 29.93 22.33 -4.52
N ILE A 656 30.62 23.24 -3.83
CA ILE A 656 30.04 24.38 -3.05
C ILE A 656 30.54 25.70 -3.65
N GLU A 657 29.61 26.59 -4.02
CA GLU A 657 29.86 28.03 -4.33
C GLU A 657 29.47 28.88 -3.12
N MET A 658 30.39 29.76 -2.68
CA MET A 658 30.27 30.60 -1.46
C MET A 658 30.62 32.06 -1.79
N SER A 659 30.25 32.99 -0.91
CA SER A 659 30.64 34.42 -0.99
C SER A 659 32.13 34.52 -0.74
N ALA A 660 32.83 35.39 -1.48
CA ALA A 660 34.28 35.63 -1.34
C ALA A 660 34.57 36.79 -0.38
N ASP A 661 33.56 37.32 0.32
CA ASP A 661 33.62 38.60 1.10
C ASP A 661 34.48 38.46 2.37
N SER A 662 34.62 37.27 2.98
CA SER A 662 35.50 37.09 4.16
C SER A 662 36.99 37.03 3.74
N LEU A 663 37.28 36.94 2.45
CA LEU A 663 38.68 36.84 1.93
C LEU A 663 39.38 38.18 2.08
N ARG A 664 40.68 38.15 2.31
CA ARG A 664 41.52 39.37 2.47
C ARG A 664 42.94 39.07 1.97
N GLU A 665 43.76 40.13 1.83
CA GLU A 665 45.10 40.03 1.23
C GLU A 665 45.99 39.20 2.16
N GLY A 666 46.89 38.38 1.62
CA GLY A 666 47.77 37.51 2.42
C GLY A 666 47.14 36.15 2.68
N VAL A 667 47.34 35.59 3.88
CA VAL A 667 46.86 34.22 4.26
C VAL A 667 45.37 34.29 4.62
N ASN A 668 44.62 33.31 4.15
CA ASN A 668 43.20 33.08 4.48
C ASN A 668 43.09 31.66 5.02
N GLU A 669 42.52 31.54 6.21
CA GLU A 669 42.34 30.27 6.94
C GLU A 669 40.96 29.73 6.55
N VAL A 670 40.94 28.61 5.83
CA VAL A 670 39.66 27.93 5.47
C VAL A 670 39.57 26.67 6.33
N THR A 671 38.45 26.50 7.04
CA THR A 671 38.14 25.25 7.76
C THR A 671 37.09 24.48 6.97
N VAL A 672 37.40 23.23 6.64
CA VAL A 672 36.41 22.33 6.00
C VAL A 672 36.20 21.15 6.95
N ILE A 673 34.98 21.08 7.45
CA ILE A 673 34.44 19.89 8.16
C ILE A 673 33.67 19.05 7.13
N LEU A 674 34.17 17.85 6.88
CA LEU A 674 33.75 16.98 5.78
C LEU A 674 33.32 15.63 6.34
N GLU A 675 32.25 15.08 5.77
CA GLU A 675 31.78 13.70 6.00
C GLU A 675 31.94 12.94 4.68
N SER A 676 32.62 11.79 4.72
CA SER A 676 32.48 10.72 3.70
C SER A 676 31.40 9.76 4.19
N THR A 677 30.34 9.56 3.41
CA THR A 677 29.15 8.74 3.74
C THR A 677 29.44 7.29 3.36
N GLY A 678 30.63 7.02 2.82
CA GLY A 678 30.98 5.71 2.25
C GLY A 678 31.33 5.80 0.78
N HIS A 679 32.06 4.82 0.26
CA HIS A 679 32.36 4.67 -1.19
C HIS A 679 31.11 4.10 -1.85
N PRO A 680 30.96 4.27 -3.17
CA PRO A 680 29.84 3.66 -3.87
C PRO A 680 29.98 2.13 -3.88
N ASN A 681 28.94 1.43 -4.34
CA ASN A 681 28.87 -0.07 -4.29
C ASN A 681 28.95 -0.66 -5.71
N ASP A 682 29.64 0.00 -6.64
CA ASP A 682 29.79 -0.48 -8.04
C ASP A 682 30.97 -1.47 -8.14
N GLY A 683 31.99 -1.28 -7.30
CA GLY A 683 33.21 -2.12 -7.19
C GLY A 683 34.21 -1.95 -8.34
N LEU A 684 34.04 -1.00 -9.26
CA LEU A 684 34.95 -0.81 -10.43
C LEU A 684 35.80 0.46 -10.30
N LEU A 685 35.20 1.56 -9.85
CA LEU A 685 35.83 2.89 -9.89
C LEU A 685 36.41 3.22 -8.54
N TYR A 686 37.36 4.15 -8.56
CA TYR A 686 37.93 4.79 -7.36
C TYR A 686 37.38 6.21 -7.25
N VAL A 687 36.43 6.38 -6.31
CA VAL A 687 35.82 7.68 -5.92
C VAL A 687 36.42 8.05 -4.58
N PRO A 688 37.42 8.96 -4.63
CA PRO A 688 38.28 9.21 -3.48
C PRO A 688 37.53 9.92 -2.35
N ASN A 689 37.81 9.51 -1.12
CA ASN A 689 37.35 10.21 0.08
C ASN A 689 38.10 11.53 0.20
N GLY A 690 37.42 12.56 0.69
CA GLY A 690 38.02 13.87 0.97
C GLY A 690 38.08 14.73 -0.28
N ILE A 691 39.00 15.70 -0.27
CA ILE A 691 39.09 16.75 -1.32
C ILE A 691 40.10 16.28 -2.34
N TYR A 692 39.57 15.84 -3.50
CA TYR A 692 40.36 15.41 -4.67
C TYR A 692 40.44 16.52 -5.73
N GLY A 693 39.62 17.57 -5.66
CA GLY A 693 39.68 18.73 -6.57
C GLY A 693 40.41 19.90 -5.94
N GLY A 694 39.76 21.05 -5.82
CA GLY A 694 40.42 22.20 -5.17
C GLY A 694 39.52 23.40 -5.02
N VAL A 695 40.13 24.55 -4.79
CA VAL A 695 39.44 25.83 -4.46
C VAL A 695 39.67 26.78 -5.64
N TYR A 696 38.60 27.36 -6.13
CA TYR A 696 38.62 28.25 -7.30
C TYR A 696 37.94 29.55 -6.87
N LEU A 697 38.32 30.65 -7.53
CA LEU A 697 37.84 32.01 -7.17
C LEU A 697 37.53 32.79 -8.45
N GLY A 698 36.36 33.43 -8.48
CA GLY A 698 35.88 34.28 -9.58
C GLY A 698 35.19 33.48 -10.65
N ARG A 699 33.88 33.32 -10.52
CA ARG A 699 33.05 32.62 -11.53
C ARG A 699 32.75 33.62 -12.63
N VAL A 700 33.43 33.48 -13.76
CA VAL A 700 33.37 34.47 -14.88
C VAL A 700 32.51 33.88 -16.00
N GLY A 701 32.07 32.63 -15.90
CA GLY A 701 31.12 32.10 -16.89
C GLY A 701 30.81 30.62 -16.71
N GLU A 702 30.11 30.08 -17.69
CA GLU A 702 29.76 28.64 -17.79
C GLU A 702 29.54 28.30 -19.25
N ILE A 703 29.87 27.07 -19.60
CA ILE A 703 29.59 26.47 -20.93
C ILE A 703 28.56 25.39 -20.63
N ARG A 704 27.32 25.56 -21.08
CA ARG A 704 26.30 24.48 -20.97
C ARG A 704 26.56 23.49 -22.11
N LEU A 705 26.65 22.21 -21.80
CA LEU A 705 26.79 21.13 -22.80
C LEU A 705 25.40 20.52 -22.99
N TYR A 706 24.57 21.23 -23.78
CA TYR A 706 23.12 21.00 -24.02
C TYR A 706 22.87 19.75 -24.86
N LYS A 707 23.48 19.77 -26.05
CA LYS A 707 23.07 18.97 -27.23
C LYS A 707 24.23 18.04 -27.58
N TRP A 708 23.92 16.76 -27.74
CA TRP A 708 24.93 15.71 -27.97
C TRP A 708 24.55 14.98 -29.26
N ARG A 709 25.56 14.52 -30.00
CA ARG A 709 25.40 13.54 -31.10
C ARG A 709 25.70 12.16 -30.54
N LYS A 710 24.73 11.26 -30.59
CA LYS A 710 24.88 9.85 -30.18
C LYS A 710 25.35 9.04 -31.39
N THR A 711 26.47 8.33 -31.28
CA THR A 711 27.04 7.52 -32.38
C THR A 711 26.70 6.03 -32.15
N GLY A 712 27.10 5.21 -33.13
CA GLY A 712 26.86 3.76 -33.18
C GLY A 712 28.07 3.00 -32.73
N PHE A 713 28.51 3.24 -31.50
CA PHE A 713 29.57 2.44 -30.82
C PHE A 713 28.92 1.38 -29.92
N GLU A 714 29.45 0.15 -29.96
CA GLU A 714 28.98 -1.10 -29.27
C GLU A 714 30.11 -1.60 -28.36
N ILE A 715 29.87 -1.70 -27.05
CA ILE A 715 30.86 -2.27 -26.12
C ILE A 715 30.83 -3.79 -26.31
N PRO A 716 31.98 -4.45 -26.58
CA PRO A 716 31.98 -5.87 -26.94
C PRO A 716 31.84 -6.82 -25.75
N TYR A 717 30.70 -6.81 -25.06
CA TYR A 717 30.39 -7.68 -23.89
C TYR A 717 30.51 -9.17 -24.26
N GLY A 718 31.04 -10.02 -23.39
CA GLY A 718 31.08 -11.45 -23.70
C GLY A 718 32.08 -12.18 -22.85
N PRO A 719 32.27 -13.49 -23.12
CA PRO A 719 33.12 -14.33 -22.28
C PRO A 719 34.56 -13.81 -22.20
N GLY A 720 35.08 -13.24 -23.31
CA GLY A 720 36.46 -12.71 -23.40
C GLY A 720 36.60 -11.25 -22.92
N PHE A 721 35.50 -10.56 -22.65
CA PHE A 721 35.52 -9.12 -22.28
C PHE A 721 35.88 -8.95 -20.80
N ASP A 722 36.84 -8.05 -20.53
CA ASP A 722 37.30 -7.62 -19.19
C ASP A 722 36.91 -6.14 -19.02
N LEU A 723 35.83 -5.81 -18.30
CA LEU A 723 35.35 -4.39 -18.24
C LEU A 723 36.37 -3.52 -17.52
N ALA A 724 37.03 -3.99 -16.46
CA ALA A 724 38.06 -3.16 -15.78
C ALA A 724 39.16 -2.74 -16.76
N GLU A 725 39.57 -3.64 -17.65
CA GLU A 725 40.65 -3.40 -18.65
C GLU A 725 40.18 -2.33 -19.63
N PHE A 726 38.94 -2.41 -20.08
CA PHE A 726 38.32 -1.42 -21.00
C PHE A 726 38.20 -0.03 -20.32
N ILE A 727 37.87 0.03 -19.04
CA ILE A 727 37.76 1.31 -18.30
C ILE A 727 39.16 1.93 -18.21
N ALA A 728 40.17 1.13 -17.86
CA ALA A 728 41.57 1.58 -17.69
C ALA A 728 42.18 2.00 -19.03
N ASN A 729 41.71 1.43 -20.13
CA ASN A 729 42.36 1.56 -21.46
C ASN A 729 41.30 1.40 -22.54
N PRO A 730 40.43 2.41 -22.74
CA PRO A 730 39.35 2.31 -23.73
C PRO A 730 39.78 2.52 -25.19
N GLU A 731 40.78 1.75 -25.63
CA GLU A 731 41.37 1.84 -26.99
C GLU A 731 40.28 1.85 -28.06
N PRO A 732 39.28 0.94 -28.04
CA PRO A 732 38.25 0.95 -29.08
C PRO A 732 37.50 2.28 -29.16
N VAL A 733 37.34 2.96 -28.02
CA VAL A 733 36.64 4.29 -28.00
C VAL A 733 37.56 5.32 -28.65
N ILE A 734 38.87 5.26 -28.35
CA ILE A 734 39.90 6.21 -28.89
C ILE A 734 39.88 6.06 -30.41
N LYS A 735 39.85 4.83 -30.91
CA LYS A 735 39.76 4.52 -32.37
C LYS A 735 38.42 5.06 -32.90
N ALA A 736 37.29 4.71 -32.30
CA ALA A 736 35.99 5.23 -32.80
C ALA A 736 36.03 6.75 -32.91
N LEU A 737 36.67 7.46 -31.95
CA LEU A 737 36.74 8.95 -31.93
C LEU A 737 37.66 9.48 -33.04
N GLN A 738 38.65 8.70 -33.51
CA GLN A 738 39.62 9.14 -34.56
C GLN A 738 38.99 8.99 -35.96
N GLU A 739 37.96 8.16 -36.12
CA GLU A 739 37.34 7.87 -37.45
C GLU A 739 36.30 8.95 -37.80
N GLN A 740 36.06 9.12 -39.09
CA GLN A 740 34.95 9.94 -39.66
C GLN A 740 33.68 9.71 -38.82
N ARG A 741 33.04 10.79 -38.35
CA ARG A 741 31.65 10.69 -37.82
C ARG A 741 30.72 10.65 -39.03
N SER A 742 29.73 9.77 -39.01
CA SER A 742 28.54 9.87 -39.91
C SER A 742 27.54 10.81 -39.23
N SER A 743 26.54 11.24 -39.99
CA SER A 743 25.33 11.95 -39.49
C SER A 743 24.61 11.06 -38.47
N THR A 744 24.16 11.65 -37.35
CA THR A 744 23.50 10.90 -36.24
C THR A 744 22.42 11.78 -35.60
N GLY A 745 21.61 11.18 -34.71
CA GLY A 745 20.63 11.93 -33.90
C GLY A 745 21.28 12.77 -32.81
N GLU A 746 20.87 14.04 -32.73
CA GLU A 746 21.06 15.00 -31.60
C GLU A 746 20.12 14.61 -30.43
N THR A 747 20.58 14.78 -29.18
CA THR A 747 19.75 14.52 -27.96
C THR A 747 20.11 15.58 -26.91
N TYR A 748 19.15 15.91 -26.05
CA TYR A 748 19.34 16.76 -24.84
C TYR A 748 19.57 15.87 -23.62
N SER A 749 19.54 14.55 -23.78
CA SER A 749 19.53 13.58 -22.68
C SER A 749 20.63 12.54 -22.84
N VAL A 750 21.63 12.61 -21.97
CA VAL A 750 22.66 11.52 -21.88
C VAL A 750 22.25 10.58 -20.76
N ASP A 751 21.34 9.62 -21.05
CA ASP A 751 20.67 8.76 -20.07
C ASP A 751 20.59 7.30 -20.51
N SER A 752 21.38 6.86 -21.50
CA SER A 752 21.39 5.44 -21.94
C SER A 752 22.73 5.13 -22.61
N PRO A 753 23.11 3.84 -22.67
CA PRO A 753 24.42 3.43 -23.16
C PRO A 753 24.67 4.03 -24.55
N GLY A 754 25.94 4.34 -24.87
CA GLY A 754 26.30 5.02 -26.13
C GLY A 754 27.53 5.93 -26.02
N LEU A 755 28.03 6.36 -27.17
CA LEU A 755 29.12 7.37 -27.31
C LEU A 755 28.47 8.68 -27.73
N TYR A 756 28.55 9.70 -26.89
CA TYR A 756 27.94 11.04 -27.09
C TYR A 756 29.08 12.04 -27.31
N ILE A 757 28.91 12.96 -28.26
CA ILE A 757 29.95 13.95 -28.66
C ILE A 757 29.28 15.32 -28.69
N THR A 758 29.95 16.34 -28.14
CA THR A 758 29.54 17.75 -28.31
C THR A 758 30.78 18.64 -28.51
N GLU A 759 30.55 19.92 -28.82
CA GLU A 759 31.59 20.90 -29.22
C GLU A 759 31.31 22.18 -28.45
N PHE A 760 32.34 22.88 -28.00
CA PHE A 760 32.14 24.18 -27.34
C PHE A 760 33.34 25.10 -27.61
N LYS A 761 33.14 26.39 -27.40
CA LYS A 761 34.16 27.46 -27.61
C LYS A 761 34.92 27.71 -26.30
N VAL A 762 36.25 27.68 -26.39
CA VAL A 762 37.17 28.23 -25.36
C VAL A 762 37.78 29.49 -25.94
N ASP A 763 37.48 30.66 -25.38
CA ASP A 763 38.03 31.96 -25.83
C ASP A 763 39.30 32.30 -25.03
N ASP A 764 39.43 31.88 -23.77
CA ASP A 764 40.48 32.37 -22.84
C ASP A 764 41.11 31.22 -22.02
N LEU A 765 42.35 30.84 -22.36
CA LEU A 765 43.02 29.68 -21.74
C LEU A 765 43.82 30.11 -20.49
N SER A 766 43.70 31.37 -20.05
CA SER A 766 44.19 31.80 -18.71
C SER A 766 43.16 31.45 -17.62
N ARG A 767 41.91 31.16 -18.00
CA ARG A 767 40.85 30.77 -17.03
C ARG A 767 41.02 29.30 -16.63
N HIS A 768 40.18 28.82 -15.71
CA HIS A 768 40.12 27.42 -15.25
C HIS A 768 38.74 26.84 -15.58
N TYR A 769 38.72 25.66 -16.19
CA TYR A 769 37.51 25.00 -16.76
C TYR A 769 37.25 23.73 -15.95
N VAL A 770 36.18 23.75 -15.15
CA VAL A 770 35.84 22.61 -14.25
C VAL A 770 34.51 22.02 -14.75
N LEU A 771 34.53 20.77 -15.17
CA LEU A 771 33.33 20.03 -15.61
C LEU A 771 32.62 19.46 -14.35
N ASP A 772 31.37 19.86 -14.16
CA ASP A 772 30.45 19.33 -13.13
C ASP A 772 29.53 18.29 -13.78
N PRO A 773 29.51 17.03 -13.34
CA PRO A 773 28.62 16.04 -14.00
C PRO A 773 27.12 16.27 -13.75
N GLY A 774 26.76 17.13 -12.81
CA GLY A 774 25.36 17.47 -12.51
C GLY A 774 24.78 16.56 -11.44
N LEU A 775 23.75 17.02 -10.77
CA LEU A 775 23.03 16.31 -9.68
C LEU A 775 22.64 14.87 -10.08
N GLU A 776 22.16 14.70 -11.30
CA GLU A 776 21.61 13.44 -11.88
C GLU A 776 22.66 12.33 -11.83
N PHE A 777 23.93 12.70 -11.94
CA PHE A 777 25.05 11.75 -12.06
C PHE A 777 25.23 10.90 -10.79
N TYR A 778 24.92 11.42 -9.62
CA TYR A 778 25.38 10.80 -8.35
C TYR A 778 24.37 9.75 -7.83
N TYR A 779 24.80 8.49 -7.76
CA TYR A 779 23.96 7.36 -7.33
C TYR A 779 24.82 6.36 -6.56
N ASN A 780 24.27 5.72 -5.53
CA ASN A 780 25.06 4.83 -4.65
C ASN A 780 25.75 3.73 -5.47
N HIS A 781 25.07 3.17 -6.48
CA HIS A 781 25.66 2.16 -7.40
C HIS A 781 26.26 2.94 -8.56
N TYR A 782 27.49 3.37 -8.41
CA TYR A 782 28.04 4.50 -9.21
C TYR A 782 27.92 4.21 -10.70
N TYR A 783 27.52 5.21 -11.46
CA TYR A 783 27.50 5.12 -12.95
C TYR A 783 28.94 4.98 -13.47
N ARG A 784 29.04 4.49 -14.71
CA ARG A 784 30.29 4.26 -15.46
C ARG A 784 30.19 5.05 -16.76
N ILE A 785 30.78 6.23 -16.75
CA ILE A 785 30.77 7.19 -17.89
C ILE A 785 32.22 7.62 -18.09
N LEU A 786 32.76 7.40 -19.28
CA LEU A 786 34.17 7.64 -19.63
C LEU A 786 34.27 9.00 -20.32
N LEU A 787 35.12 9.89 -19.82
CA LEU A 787 35.28 11.27 -20.30
C LEU A 787 36.50 11.34 -21.23
N PHE A 788 36.30 11.90 -22.42
CA PHE A 788 37.33 12.19 -23.45
C PHE A 788 37.23 13.68 -23.82
N VAL A 789 38.37 14.36 -23.84
CA VAL A 789 38.46 15.80 -24.24
C VAL A 789 39.48 15.89 -25.38
N ASN A 790 39.05 16.45 -26.51
CA ASN A 790 39.76 16.45 -27.82
C ASN A 790 40.38 15.08 -28.04
N LYS A 791 39.58 14.02 -27.85
CA LYS A 791 39.88 12.61 -28.22
C LYS A 791 40.95 12.01 -27.31
N VAL A 792 41.27 12.66 -26.19
CA VAL A 792 42.20 12.11 -25.17
C VAL A 792 41.34 11.64 -23.99
N TYR A 793 41.54 10.41 -23.56
CA TYR A 793 40.94 9.84 -22.34
C TYR A 793 41.34 10.65 -21.10
N VAL A 794 40.39 11.28 -20.42
CA VAL A 794 40.65 11.93 -19.11
C VAL A 794 40.51 10.88 -17.99
N GLY A 795 39.48 10.07 -18.08
CA GLY A 795 39.19 9.08 -17.03
C GLY A 795 37.70 8.84 -16.92
N PRO A 796 37.31 7.84 -16.11
CA PRO A 796 35.90 7.67 -15.76
C PRO A 796 35.50 8.92 -14.98
N LEU A 797 34.28 9.40 -15.13
CA LEU A 797 33.78 10.48 -14.26
C LEU A 797 33.61 9.96 -12.84
N ILE A 798 34.05 10.72 -11.86
CA ILE A 798 33.86 10.33 -10.42
C ILE A 798 33.26 11.52 -9.67
N GLY A 799 33.09 12.64 -10.34
CA GLY A 799 32.87 13.92 -9.68
C GLY A 799 33.33 15.07 -10.57
N PRO A 800 33.29 16.31 -10.06
CA PRO A 800 33.86 17.45 -10.77
C PRO A 800 35.35 17.24 -11.06
N ILE A 801 35.82 17.70 -12.21
CA ILE A 801 37.21 17.48 -12.70
C ILE A 801 37.63 18.74 -13.47
N ASP A 802 38.76 19.32 -13.07
CA ASP A 802 39.40 20.45 -13.79
C ASP A 802 39.96 19.91 -15.12
N ILE A 803 39.43 20.34 -16.27
CA ILE A 803 39.83 19.79 -17.60
C ILE A 803 40.70 20.80 -18.37
N THR A 804 41.13 21.90 -17.73
CA THR A 804 41.85 23.04 -18.37
C THR A 804 42.99 22.55 -19.28
N ARG A 805 43.87 21.70 -18.77
CA ARG A 805 45.09 21.23 -19.48
C ARG A 805 44.73 20.41 -20.74
N TYR A 806 43.47 20.01 -20.95
CA TYR A 806 43.12 19.14 -22.11
C TYR A 806 42.57 20.00 -23.24
N LEU A 807 42.35 21.29 -22.94
CA LEU A 807 41.70 22.25 -23.84
C LEU A 807 42.75 22.95 -24.70
N LYS A 808 42.29 23.51 -25.81
CA LYS A 808 43.07 24.36 -26.74
C LYS A 808 42.19 25.57 -27.08
N PRO A 809 42.75 26.65 -27.66
CA PRO A 809 41.91 27.79 -28.06
C PRO A 809 40.92 27.34 -29.13
N GLY A 810 39.74 27.96 -29.17
CA GLY A 810 38.74 27.75 -30.25
C GLY A 810 37.79 26.60 -29.96
N VAL A 811 37.57 25.74 -30.94
CA VAL A 811 36.54 24.68 -30.85
C VAL A 811 37.16 23.48 -30.11
N ASN A 812 36.48 23.01 -29.05
CA ASN A 812 36.91 21.83 -28.28
C ASN A 812 35.83 20.76 -28.40
N GLU A 813 36.25 19.51 -28.32
CA GLU A 813 35.33 18.35 -28.30
C GLU A 813 35.32 17.74 -26.88
N VAL A 814 34.15 17.38 -26.36
CA VAL A 814 34.06 16.42 -25.21
C VAL A 814 33.16 15.27 -25.64
N ALA A 815 33.59 14.06 -25.34
CA ALA A 815 32.88 12.81 -25.64
C ALA A 815 32.69 12.04 -24.34
N LEU A 816 31.50 11.47 -24.17
CA LEU A 816 31.14 10.62 -23.01
C LEU A 816 30.76 9.26 -23.56
N LEU A 817 31.50 8.23 -23.17
CA LEU A 817 31.04 6.85 -23.35
C LEU A 817 30.24 6.48 -22.12
N VAL A 818 28.93 6.43 -22.25
CA VAL A 818 28.03 5.93 -21.18
C VAL A 818 27.96 4.40 -21.31
N GLU A 819 28.65 3.70 -20.41
CA GLU A 819 28.46 2.24 -20.26
C GLU A 819 27.12 2.05 -19.52
N TRP A 820 26.90 2.82 -18.46
CA TRP A 820 25.63 2.78 -17.68
C TRP A 820 25.51 4.05 -16.83
N GLY A 821 24.36 4.72 -16.93
CA GLY A 821 24.03 5.84 -16.05
C GLY A 821 23.41 7.00 -16.80
N VAL A 822 23.42 8.15 -16.16
CA VAL A 822 22.85 9.42 -16.69
C VAL A 822 23.77 10.51 -16.20
N VAL A 823 23.88 11.57 -16.99
CA VAL A 823 24.78 12.71 -16.69
C VAL A 823 24.25 13.92 -17.46
N ASN A 824 24.44 15.08 -16.89
CA ASN A 824 24.05 16.37 -17.49
C ASN A 824 25.16 17.38 -17.18
N PRO A 825 26.28 17.35 -17.93
CA PRO A 825 27.44 18.13 -17.52
C PRO A 825 27.41 19.62 -17.90
N VAL A 826 28.03 20.43 -17.06
CA VAL A 826 28.25 21.89 -17.33
C VAL A 826 29.70 22.22 -16.96
N ILE A 827 30.30 23.16 -17.69
CA ILE A 827 31.69 23.64 -17.38
C ILE A 827 31.59 24.97 -16.63
N GLY A 828 32.04 24.98 -15.38
CA GLY A 828 32.33 26.21 -14.61
C GLY A 828 33.63 26.84 -15.11
N VAL A 829 33.61 28.16 -15.33
CA VAL A 829 34.81 28.96 -15.73
C VAL A 829 35.19 29.90 -14.59
N TYR A 830 36.42 29.73 -14.08
CA TYR A 830 36.99 30.45 -12.93
C TYR A 830 38.22 31.26 -13.36
N GLN A 831 38.42 32.40 -12.71
CA GLN A 831 39.53 33.36 -12.91
C GLN A 831 40.82 32.79 -12.31
N TYR A 832 40.74 32.21 -11.12
CA TYR A 832 41.95 31.71 -10.42
C TYR A 832 41.71 30.32 -9.85
N LYS A 833 42.81 29.61 -9.68
CA LYS A 833 42.92 28.44 -8.82
C LYS A 833 43.77 28.84 -7.63
N VAL A 834 43.20 28.82 -6.43
CA VAL A 834 43.88 29.37 -5.23
C VAL A 834 44.79 28.29 -4.65
N ASP A 835 46.05 28.65 -4.46
CA ASP A 835 47.09 27.69 -4.00
C ASP A 835 47.30 27.89 -2.52
N GLY A 836 47.78 26.86 -1.88
CA GLY A 836 48.32 27.04 -0.52
C GLY A 836 48.62 25.74 0.14
N GLU A 837 48.71 25.77 1.46
CA GLU A 837 49.13 24.63 2.31
C GLU A 837 47.87 24.01 2.92
N TRP A 838 47.79 22.68 2.86
CA TRP A 838 46.64 21.91 3.37
C TRP A 838 47.07 21.01 4.53
N PHE A 839 46.14 20.82 5.46
CA PHE A 839 46.31 19.99 6.67
C PHE A 839 45.03 19.17 6.86
N ILE A 840 45.20 17.92 7.29
CA ILE A 840 44.12 16.91 7.46
C ILE A 840 44.11 16.38 8.89
N GLN A 841 42.91 16.16 9.43
CA GLN A 841 42.64 15.46 10.71
C GLN A 841 41.54 14.42 10.47
N GLU A 842 41.76 13.20 10.96
CA GLU A 842 40.72 12.15 11.01
C GLU A 842 39.90 12.35 12.28
N GLY A 843 38.59 12.57 12.14
CA GLY A 843 37.70 12.72 13.29
C GLY A 843 37.68 14.14 13.82
N LEU A 844 37.16 14.31 15.03
CA LEU A 844 36.98 15.60 15.74
C LEU A 844 37.58 15.41 17.14
N HIS A 845 37.94 16.49 17.85
CA HIS A 845 38.40 16.41 19.26
C HIS A 845 37.48 15.49 20.07
N GLY A 846 36.16 15.72 20.01
CA GLY A 846 35.13 14.97 20.75
C GLY A 846 35.08 13.50 20.39
N LEU A 847 35.35 13.13 19.14
CA LEU A 847 35.40 11.69 18.79
C LEU A 847 36.70 11.07 19.32
N ILE A 848 37.82 11.76 19.12
CA ILE A 848 39.17 11.21 19.47
C ILE A 848 39.22 10.97 20.98
N GLU A 849 38.69 11.93 21.77
CA GLU A 849 38.59 11.91 23.25
C GLU A 849 37.35 11.11 23.71
N GLU A 850 36.57 10.55 22.79
CA GLU A 850 35.48 9.59 23.10
C GLU A 850 34.45 10.23 24.03
N TRP A 851 34.02 11.45 23.72
CA TRP A 851 32.89 12.13 24.39
C TRP A 851 31.60 11.33 24.24
N PHE A 852 31.41 10.55 23.17
CA PHE A 852 30.21 9.68 23.04
C PHE A 852 30.21 8.63 24.16
N ARG A 853 31.37 8.18 24.66
CA ARG A 853 31.47 7.14 25.72
C ARG A 853 31.28 7.79 27.09
N ARG A 854 31.65 9.06 27.25
CA ARG A 854 31.64 9.83 28.52
C ARG A 854 31.79 11.31 28.14
N SER A 855 30.73 12.09 28.26
CA SER A 855 30.78 13.52 27.83
C SER A 855 31.18 14.35 29.03
N PRO A 856 32.06 15.35 28.87
CA PRO A 856 32.14 16.44 29.85
C PRO A 856 30.75 17.08 30.08
N ARG A 857 30.62 17.72 31.24
CA ARG A 857 29.42 18.47 31.70
C ARG A 857 29.25 19.65 30.75
N GLY A 858 28.07 19.83 30.20
CA GLY A 858 27.76 20.99 29.35
C GLY A 858 26.86 21.94 30.09
N GLU A 859 26.45 23.03 29.45
CA GLU A 859 25.38 23.95 29.91
C GLU A 859 24.03 23.33 29.54
N THR A 860 23.06 23.36 30.47
CA THR A 860 21.66 22.97 30.19
C THR A 860 21.10 23.93 29.15
N ALA A 861 20.13 23.48 28.37
CA ALA A 861 19.48 24.26 27.29
C ALA A 861 18.02 23.86 27.23
N GLU A 862 17.14 24.85 27.14
CA GLU A 862 15.69 24.62 27.00
C GLU A 862 15.41 24.40 25.52
N PRO A 863 14.83 23.25 25.09
CA PRO A 863 14.37 23.12 23.72
C PRO A 863 13.30 24.14 23.40
N PRO A 864 13.23 24.70 22.18
CA PRO A 864 14.14 24.32 21.09
C PRO A 864 15.54 24.96 21.16
N ILE A 865 16.54 24.14 20.84
CA ILE A 865 17.98 24.54 20.86
C ILE A 865 18.31 25.15 19.51
N LEU A 866 18.53 26.46 19.46
CA LEU A 866 18.81 27.22 18.21
C LEU A 866 20.31 27.16 17.98
N LEU A 867 20.74 26.78 16.77
CA LEU A 867 22.16 26.52 16.47
C LEU A 867 22.68 27.44 15.36
N GLY A 868 21.82 28.27 14.74
CA GLY A 868 22.14 29.08 13.55
C GLY A 868 23.37 29.97 13.74
N ASP A 869 23.59 30.46 14.94
CA ASP A 869 24.79 31.25 15.34
C ASP A 869 26.01 30.35 15.41
N LYS A 870 25.85 29.03 15.33
CA LYS A 870 26.99 28.09 15.37
C LYS A 870 27.19 27.43 14.01
N ALA A 871 26.59 27.99 12.95
CA ALA A 871 26.81 27.51 11.57
C ALA A 871 28.31 27.26 11.35
N GLY A 872 28.69 26.06 10.92
CA GLY A 872 30.09 25.70 10.61
C GLY A 872 30.81 25.07 11.77
N ARG A 873 30.14 24.98 12.92
CA ARG A 873 30.76 24.48 14.17
C ARG A 873 30.06 23.18 14.55
N VAL A 874 30.59 22.48 15.53
CA VAL A 874 30.10 21.13 15.95
C VAL A 874 29.64 21.22 17.42
N ILE A 875 28.39 20.82 17.66
CA ILE A 875 27.73 20.85 19.02
C ILE A 875 27.35 19.44 19.45
N TRP A 876 27.75 19.07 20.65
CA TRP A 876 27.32 17.82 21.34
C TRP A 876 26.11 18.12 22.22
N VAL A 877 25.04 17.32 22.08
CA VAL A 877 23.75 17.43 22.79
C VAL A 877 23.60 16.13 23.56
N ASN A 878 23.62 16.20 24.89
CA ASN A 878 23.53 15.03 25.81
C ASN A 878 22.21 15.11 26.56
N THR A 879 21.51 13.99 26.59
CA THR A 879 20.27 13.88 27.38
C THR A 879 20.14 12.48 27.97
N VAL A 880 19.21 12.35 28.90
CA VAL A 880 18.94 11.08 29.62
C VAL A 880 17.46 10.73 29.47
N ILE A 881 17.20 9.48 29.11
CA ILE A 881 15.83 8.94 28.93
C ILE A 881 15.70 7.73 29.83
N PRO A 882 14.84 7.82 30.86
CA PRO A 882 14.57 6.67 31.71
C PRO A 882 13.66 5.69 30.96
N TYR A 883 14.05 4.42 30.90
CA TYR A 883 13.31 3.31 30.28
C TYR A 883 13.14 2.24 31.35
N GLU A 884 12.01 2.21 32.05
CA GLU A 884 11.86 1.38 33.27
C GLU A 884 11.27 0.02 32.86
N LYS A 885 11.89 -0.68 31.92
CA LYS A 885 11.58 -2.12 31.66
C LYS A 885 12.80 -2.79 31.06
N GLU A 886 12.79 -4.12 31.05
CA GLU A 886 13.84 -4.94 30.40
C GLU A 886 13.71 -4.75 28.88
N PRO A 887 14.80 -4.39 28.17
CA PRO A 887 14.76 -4.30 26.71
C PRO A 887 14.40 -5.66 26.10
N THR A 888 13.51 -5.67 25.14
CA THR A 888 12.95 -6.94 24.60
C THR A 888 12.62 -6.73 23.12
N SER A 889 12.77 -7.79 22.32
CA SER A 889 12.38 -7.82 20.90
C SER A 889 10.85 -7.69 20.75
N SER A 890 10.09 -7.98 21.80
CA SER A 890 8.61 -7.93 21.76
C SER A 890 8.16 -6.47 21.96
N SER A 891 9.11 -5.56 22.23
CA SER A 891 8.83 -4.11 22.38
C SER A 891 10.01 -3.27 21.91
N PRO A 892 10.36 -3.29 20.60
CA PRO A 892 11.54 -2.61 20.10
C PRO A 892 11.34 -1.10 20.04
N VAL A 893 12.42 -0.34 20.15
CA VAL A 893 12.32 1.15 20.21
C VAL A 893 13.09 1.78 19.05
N LYS A 894 12.58 2.95 18.66
CA LYS A 894 13.17 3.86 17.66
C LYS A 894 13.36 5.22 18.33
N LEU A 895 14.49 5.85 18.06
CA LEU A 895 14.81 7.20 18.54
C LEU A 895 14.44 8.15 17.40
N GLU A 896 13.57 9.11 17.70
CA GLU A 896 13.20 10.15 16.72
C GLU A 896 13.83 11.48 17.14
N VAL A 897 14.43 12.21 16.22
CA VAL A 897 14.98 13.56 16.47
C VAL A 897 14.28 14.53 15.53
N ASP A 898 13.68 15.60 16.05
CA ASP A 898 13.12 16.74 15.28
C ASP A 898 14.23 17.79 15.26
N PHE A 899 14.82 18.03 14.09
CA PHE A 899 15.92 18.99 13.90
C PHE A 899 15.84 19.53 12.48
N TRP A 900 16.64 20.55 12.20
CA TRP A 900 16.84 21.08 10.84
C TRP A 900 18.24 21.69 10.77
N GLY A 901 18.82 21.75 9.57
CA GLY A 901 20.14 22.34 9.27
C GLY A 901 21.27 21.74 10.10
N CYS A 902 21.30 20.42 10.25
CA CYS A 902 22.39 19.63 10.87
C CYS A 902 22.65 18.35 10.08
N ARG A 903 23.89 17.87 10.16
CA ARG A 903 24.23 16.43 10.01
C ARG A 903 24.37 15.88 11.44
N ILE A 904 23.63 14.82 11.77
CA ILE A 904 23.55 14.32 13.16
C ILE A 904 24.12 12.92 13.21
N LEU A 905 25.04 12.68 14.16
CA LEU A 905 25.52 11.34 14.52
C LEU A 905 24.88 10.97 15.85
N VAL A 906 24.28 9.79 15.93
CA VAL A 906 23.45 9.39 17.11
C VAL A 906 24.17 8.28 17.88
N PHE A 907 24.38 8.49 19.18
CA PHE A 907 24.93 7.48 20.12
C PHE A 907 23.92 7.24 21.25
N VAL A 908 23.80 5.99 21.66
CA VAL A 908 22.96 5.61 22.82
C VAL A 908 23.86 4.79 23.75
N ASN A 909 24.05 5.26 24.98
CA ASN A 909 24.90 4.56 25.98
C ASN A 909 26.28 4.24 25.36
N GLY A 910 26.85 5.17 24.59
CA GLY A 910 28.19 5.05 24.02
C GLY A 910 28.26 4.20 22.76
N GLU A 911 27.12 3.75 22.23
CA GLU A 911 27.08 2.89 21.03
C GLU A 911 26.60 3.73 19.83
N PHE A 912 27.38 3.76 18.74
CA PHE A 912 27.02 4.48 17.50
C PHE A 912 25.79 3.80 16.88
N ILE A 913 24.69 4.53 16.81
CA ILE A 913 23.40 3.99 16.30
C ILE A 913 23.27 4.28 14.80
N GLY A 914 23.74 5.43 14.32
CA GLY A 914 23.59 5.79 12.90
C GLY A 914 23.57 7.30 12.68
N ARG A 915 23.30 7.74 11.45
CA ARG A 915 23.26 9.16 11.11
C ARG A 915 21.88 9.55 10.59
N ILE A 916 21.55 10.82 10.75
CA ILE A 916 20.32 11.43 10.18
C ILE A 916 20.75 12.81 9.69
N SER A 917 20.18 13.26 8.59
CA SER A 917 20.39 14.62 8.05
C SER A 917 19.08 15.13 7.45
N ASP A 918 19.03 16.42 7.11
CA ASP A 918 17.86 17.06 6.44
C ASP A 918 17.40 16.21 5.25
N ASP A 919 18.31 15.53 4.56
CA ASP A 919 17.98 14.87 3.27
C ASP A 919 17.82 13.35 3.52
N SER A 920 17.64 12.94 4.77
CA SER A 920 17.38 11.53 5.13
C SER A 920 15.93 11.23 4.75
N PRO A 921 15.60 9.97 4.37
CA PRO A 921 14.20 9.63 4.06
C PRO A 921 13.35 9.45 5.33
N GLU A 922 13.95 9.56 6.53
CA GLU A 922 13.24 9.51 7.83
C GLU A 922 14.07 10.26 8.88
N ARG A 923 13.49 10.52 10.06
CA ARG A 923 14.09 11.28 11.19
C ARG A 923 14.22 10.37 12.41
N GLU A 924 14.22 9.05 12.20
CA GLU A 924 14.23 7.99 13.25
C GLU A 924 15.28 6.94 12.95
N LEU A 925 15.84 6.33 14.00
CA LEU A 925 16.72 5.15 13.93
C LEU A 925 16.18 4.04 14.83
N TYR A 926 16.27 2.80 14.37
CA TYR A 926 16.19 1.59 15.24
C TYR A 926 17.35 1.63 16.24
N VAL A 927 17.02 1.63 17.53
CA VAL A 927 17.96 1.44 18.65
C VAL A 927 17.84 0.00 19.10
N PRO A 928 18.81 -0.87 18.72
CA PRO A 928 18.73 -2.27 19.09
C PRO A 928 18.67 -2.46 20.62
N GLU A 929 17.98 -3.53 21.03
CA GLU A 929 17.86 -3.95 22.44
C GLU A 929 19.25 -3.99 23.11
N THR A 930 20.27 -4.38 22.38
CA THR A 930 21.66 -4.55 22.86
C THR A 930 22.25 -3.18 23.26
N ALA A 931 21.74 -2.07 22.73
CA ALA A 931 22.25 -0.74 23.11
C ALA A 931 21.42 -0.17 24.28
N VAL A 932 20.17 -0.60 24.43
CA VAL A 932 19.24 -0.08 25.46
C VAL A 932 19.52 -0.85 26.78
N ARG A 933 19.29 -0.18 27.91
CA ARG A 933 19.39 -0.74 29.28
C ARG A 933 18.10 -0.35 30.05
N ARG A 934 17.72 -1.17 31.02
CA ARG A 934 16.73 -0.80 32.06
C ARG A 934 17.30 0.33 32.92
N GLY A 935 16.50 1.37 33.15
CA GLY A 935 16.94 2.55 33.90
C GLY A 935 17.32 3.69 32.95
N LEU A 936 18.36 4.42 33.30
CA LEU A 936 18.72 5.68 32.62
C LEU A 936 19.49 5.33 31.35
N ASN A 937 19.01 5.85 30.24
CA ASN A 937 19.67 5.72 28.91
C ASN A 937 20.26 7.09 28.55
N ASN A 938 21.58 7.12 28.29
CA ASN A 938 22.31 8.29 27.74
C ASN A 938 22.13 8.34 26.22
N ILE A 939 21.45 9.38 25.74
CA ILE A 939 21.30 9.70 24.31
C ILE A 939 22.27 10.82 24.04
N THR A 940 23.21 10.61 23.10
CA THR A 940 24.23 11.61 22.70
C THR A 940 24.11 11.91 21.19
N LEU A 941 23.94 13.19 20.84
CA LEU A 941 23.96 13.66 19.44
C LEU A 941 25.22 14.50 19.20
N LEU A 942 25.88 14.23 18.08
CA LEU A 942 26.93 15.11 17.55
C LEU A 942 26.29 15.81 16.35
N ALA A 943 26.08 17.12 16.44
CA ALA A 943 25.43 17.97 15.41
C ALA A 943 26.52 18.83 14.73
N ILE A 944 26.75 18.57 13.45
CA ILE A 944 27.50 19.46 12.54
C ILE A 944 26.47 20.46 12.00
N VAL A 945 26.60 21.73 12.36
CA VAL A 945 25.60 22.78 12.02
C VAL A 945 25.91 23.24 10.61
N THR A 946 24.97 23.07 9.69
CA THR A 946 25.18 23.22 8.23
C THR A 946 24.51 24.49 7.74
N SER A 947 23.82 25.25 8.59
CA SER A 947 23.04 26.43 8.12
C SER A 947 22.81 27.45 9.25
N ARG A 948 22.48 28.67 8.84
CA ARG A 948 22.10 29.77 9.78
C ARG A 948 20.67 29.55 10.31
N SER A 949 19.79 28.82 9.61
CA SER A 949 18.53 28.23 10.15
C SER A 949 18.82 26.79 10.60
N SER A 950 19.00 26.59 11.90
CA SER A 950 19.48 25.30 12.43
C SER A 950 19.01 25.18 13.88
N GLY A 951 18.58 23.99 14.27
CA GLY A 951 18.38 23.66 15.69
C GLY A 951 17.86 22.23 15.88
N ILE A 952 17.72 21.88 17.14
CA ILE A 952 17.11 20.61 17.62
C ILE A 952 15.86 20.96 18.45
N ARG A 953 14.67 20.60 17.94
CA ARG A 953 13.36 20.88 18.58
C ARG A 953 13.16 19.89 19.74
N GLY A 954 13.58 18.63 19.55
CA GLY A 954 13.61 17.64 20.65
C GLY A 954 13.86 16.23 20.12
N LEU A 955 13.78 15.25 21.00
CA LEU A 955 13.90 13.82 20.60
C LEU A 955 13.05 12.98 21.54
N ARG A 956 12.73 11.75 21.14
CA ARG A 956 11.92 10.81 21.95
C ARG A 956 12.26 9.36 21.56
N LEU A 957 12.18 8.44 22.51
CA LEU A 957 12.28 6.98 22.29
C LEU A 957 10.86 6.50 22.11
N LYS A 958 10.53 5.80 21.04
CA LYS A 958 9.15 5.34 20.77
C LYS A 958 9.17 3.84 20.62
N GLU A 959 8.27 3.15 21.31
CA GLU A 959 8.04 1.72 21.07
C GLU A 959 7.20 1.59 19.81
N THR A 960 7.52 0.62 18.96
CA THR A 960 6.76 0.31 17.73
C THR A 960 5.44 -0.33 18.14
N TYR A 961 5.47 -1.10 19.22
CA TYR A 961 4.35 -1.95 19.72
C TYR A 961 4.83 -2.61 21.00
N VAL A 962 3.91 -3.15 21.78
CA VAL A 962 4.19 -3.93 23.02
C VAL A 962 3.48 -5.28 22.86
N HIS A 963 4.24 -6.31 22.51
CA HIS A 963 3.68 -7.68 22.38
C HIS A 963 3.82 -8.35 23.74
N GLU A 964 3.05 -9.40 24.04
CA GLU A 964 3.23 -10.19 25.29
C GLU A 964 4.04 -11.47 24.98
N ARG A 965 5.10 -11.72 25.73
CA ARG A 965 5.87 -12.98 25.73
C ARG A 965 5.19 -13.93 26.73
N LYS A 966 4.73 -15.09 26.30
CA LYS A 966 4.04 -16.07 27.19
C LYS A 966 4.47 -17.48 26.78
N GLU A 967 4.76 -18.34 27.74
CA GLU A 967 5.06 -19.76 27.50
C GLU A 967 3.74 -20.52 27.36
N ILE A 968 3.61 -21.32 26.32
CA ILE A 968 2.53 -22.35 26.22
C ILE A 968 3.17 -23.68 26.61
N VAL A 969 2.56 -24.38 27.57
CA VAL A 969 3.11 -25.63 28.20
C VAL A 969 2.12 -26.77 27.89
N PHE A 970 2.60 -27.78 27.18
CA PHE A 970 1.84 -29.03 26.87
C PHE A 970 2.31 -30.10 27.87
N LYS A 971 1.45 -30.55 28.80
CA LYS A 971 1.70 -31.75 29.65
C LYS A 971 1.37 -33.00 28.83
N LEU A 972 2.30 -33.95 28.68
CA LEU A 972 2.08 -35.23 27.92
C LEU A 972 2.05 -36.40 28.90
N THR B 2 -12.99 25.24 -11.32
CA THR B 2 -14.13 25.94 -10.62
C THR B 2 -14.96 25.00 -9.73
N LEU B 3 -15.39 23.78 -10.12
CA LEU B 3 -16.05 22.88 -9.11
C LEU B 3 -15.06 21.85 -8.56
N LEU B 4 -14.67 22.03 -7.29
CA LEU B 4 -13.73 21.12 -6.57
C LEU B 4 -14.54 20.45 -5.47
N CYS B 5 -15.01 19.26 -5.81
CA CYS B 5 -16.18 18.65 -5.19
C CYS B 5 -15.80 17.35 -4.50
N GLY B 6 -16.45 17.09 -3.38
CA GLY B 6 -16.38 15.80 -2.69
C GLY B 6 -17.76 15.26 -2.43
N GLU B 7 -17.90 13.93 -2.56
CA GLU B 7 -19.17 13.24 -2.27
C GLU B 7 -19.21 12.96 -0.76
N ILE B 8 -20.20 13.51 -0.07
CA ILE B 8 -20.52 13.17 1.35
C ILE B 8 -22.05 13.04 1.41
N HIS B 9 -22.56 11.91 1.90
CA HIS B 9 -23.99 11.57 2.00
C HIS B 9 -24.49 11.85 3.41
N TYR B 10 -25.39 12.84 3.56
CA TYR B 10 -26.07 13.21 4.84
C TYR B 10 -26.75 11.98 5.44
N PHE B 11 -27.21 11.04 4.61
CA PHE B 11 -27.88 9.79 5.04
C PHE B 11 -26.90 8.68 5.45
N ARG B 12 -25.59 8.94 5.44
CA ARG B 12 -24.56 7.94 5.82
C ARG B 12 -23.70 8.48 6.98
N VAL B 13 -24.04 9.66 7.49
CA VAL B 13 -23.31 10.40 8.55
C VAL B 13 -24.28 10.79 9.65
N PRO B 14 -23.99 10.45 10.92
CA PRO B 14 -24.77 10.96 12.05
C PRO B 14 -24.83 12.49 11.96
N LYS B 15 -26.01 13.05 12.18
CA LYS B 15 -26.34 14.48 11.97
C LYS B 15 -25.35 15.38 12.72
N HIS B 16 -25.02 15.05 13.96
CA HIS B 16 -24.07 15.81 14.81
C HIS B 16 -22.67 15.83 14.18
N LEU B 17 -22.30 14.87 13.32
CA LEU B 17 -20.94 14.77 12.72
C LEU B 17 -20.93 15.41 11.32
N TRP B 18 -22.07 15.88 10.81
CA TRP B 18 -22.16 16.53 9.48
C TRP B 18 -21.12 17.64 9.38
N ARG B 19 -21.07 18.51 10.38
CA ARG B 19 -20.15 19.68 10.45
C ARG B 19 -18.68 19.21 10.33
N ASP B 20 -18.29 18.22 11.13
CA ASP B 20 -16.91 17.68 11.08
C ASP B 20 -16.60 17.23 9.64
N ARG B 21 -17.45 16.42 9.03
CA ARG B 21 -17.15 15.86 7.69
C ARG B 21 -17.06 17.00 6.66
N LEU B 22 -18.01 17.93 6.66
CA LEU B 22 -18.03 19.00 5.65
C LEU B 22 -16.85 19.94 5.86
N LEU B 23 -16.51 20.29 7.10
CA LEU B 23 -15.41 21.25 7.36
C LEU B 23 -14.09 20.61 6.90
N LYS B 24 -13.96 19.29 7.01
CA LYS B 24 -12.70 18.60 6.60
C LYS B 24 -12.57 18.71 5.10
N LEU B 25 -13.69 18.63 4.37
CA LEU B 25 -13.68 18.82 2.90
C LEU B 25 -13.32 20.27 2.56
N LYS B 26 -13.92 21.23 3.26
CA LYS B 26 -13.62 22.67 3.07
C LYS B 26 -12.12 22.92 3.34
N ARG B 27 -11.58 22.42 4.43
CA ARG B 27 -10.16 22.61 4.84
C ARG B 27 -9.24 21.94 3.83
N ALA B 28 -9.74 20.99 3.04
CA ALA B 28 -8.97 20.32 1.97
C ALA B 28 -8.94 21.17 0.70
N GLY B 29 -9.66 22.31 0.67
CA GLY B 29 -9.75 23.19 -0.50
C GLY B 29 -10.96 22.87 -1.38
N GLY B 30 -11.81 21.92 -0.99
CA GLY B 30 -13.10 21.70 -1.66
C GLY B 30 -13.95 22.96 -1.65
N ASN B 31 -14.75 23.22 -2.68
CA ASN B 31 -15.67 24.39 -2.68
C ASN B 31 -17.08 23.89 -2.96
N CYS B 32 -17.27 22.58 -2.99
CA CYS B 32 -18.56 21.98 -3.38
C CYS B 32 -18.66 20.61 -2.72
N VAL B 33 -19.84 20.28 -2.24
CA VAL B 33 -20.16 18.91 -1.75
C VAL B 33 -21.24 18.36 -2.68
N SER B 34 -21.13 17.08 -3.00
CA SER B 34 -22.17 16.38 -3.82
C SER B 34 -22.82 15.29 -2.97
N THR B 35 -24.13 15.09 -3.13
CA THR B 35 -24.90 14.06 -2.39
C THR B 35 -26.11 13.61 -3.23
N TYR B 36 -26.41 12.32 -3.12
CA TYR B 36 -27.71 11.76 -3.52
C TYR B 36 -28.77 12.20 -2.52
N ILE B 37 -30.01 12.26 -2.99
CA ILE B 37 -31.24 12.46 -2.16
C ILE B 37 -32.11 11.25 -2.43
N PRO B 38 -31.97 10.19 -1.63
CA PRO B 38 -32.56 8.90 -1.94
C PRO B 38 -34.07 8.86 -1.60
N TRP B 39 -34.84 8.52 -2.59
CA TRP B 39 -36.33 8.50 -2.58
C TRP B 39 -36.79 7.57 -1.47
N ASN B 40 -36.17 6.39 -1.34
CA ASN B 40 -36.52 5.35 -0.32
C ASN B 40 -36.12 5.81 1.08
N TRP B 41 -35.18 6.76 1.18
CA TRP B 41 -34.75 7.34 2.47
C TRP B 41 -35.87 8.28 2.99
N HIS B 42 -36.46 9.08 2.10
CA HIS B 42 -37.54 10.06 2.45
C HIS B 42 -38.95 9.44 2.40
N ASP B 43 -39.20 8.39 1.62
CA ASP B 43 -40.56 7.80 1.43
C ASP B 43 -40.50 6.28 1.42
N PRO B 44 -40.05 5.61 2.51
CA PRO B 44 -40.03 4.15 2.56
C PRO B 44 -41.39 3.43 2.57
N ARG B 45 -42.46 4.06 3.06
CA ARG B 45 -43.74 3.34 3.36
C ARG B 45 -44.90 3.82 2.45
N GLU B 46 -44.67 4.81 1.59
CA GLU B 46 -45.70 5.39 0.67
C GLU B 46 -46.74 6.16 1.50
N LYS B 47 -46.29 6.98 2.44
CA LYS B 47 -47.11 7.79 3.39
C LYS B 47 -46.68 9.25 3.25
N VAL B 48 -46.55 10.00 4.35
CA VAL B 48 -46.04 11.40 4.26
C VAL B 48 -44.54 11.31 4.05
N VAL B 49 -44.06 11.93 2.97
CA VAL B 49 -42.63 12.16 2.67
C VAL B 49 -42.01 12.85 3.88
N ASN B 50 -40.91 12.27 4.36
CA ASN B 50 -40.18 12.69 5.59
C ASN B 50 -38.93 13.50 5.21
N PHE B 51 -38.93 14.80 5.51
CA PHE B 51 -37.74 15.69 5.48
C PHE B 51 -37.41 16.20 6.87
N THR B 52 -37.66 15.41 7.93
CA THR B 52 -37.40 15.72 9.38
C THR B 52 -36.37 14.77 10.02
N ASP B 53 -36.18 14.85 11.35
CA ASP B 53 -35.24 13.99 12.10
C ASP B 53 -35.89 12.65 12.45
N GLY B 54 -37.23 12.55 12.37
CA GLY B 54 -37.99 11.34 12.73
C GLY B 54 -37.65 10.15 11.83
N THR B 55 -37.62 8.95 12.44
CA THR B 55 -37.61 7.61 11.77
C THR B 55 -38.84 6.80 12.22
N SER B 56 -39.47 6.06 11.33
CA SER B 56 -40.46 5.00 11.65
C SER B 56 -39.81 3.60 11.68
N GLN B 57 -38.47 3.48 11.55
CA GLN B 57 -37.81 2.16 11.30
C GLN B 57 -36.88 1.83 12.46
N TRP B 58 -37.04 0.66 13.05
CA TRP B 58 -36.24 0.13 14.18
C TRP B 58 -34.73 0.15 13.85
N HIS B 59 -34.34 -0.10 12.61
CA HIS B 59 -32.94 -0.40 12.19
C HIS B 59 -32.22 0.90 11.83
N VAL B 60 -32.90 2.04 11.85
CA VAL B 60 -32.28 3.36 11.63
C VAL B 60 -32.11 4.05 12.98
N ALA B 61 -30.85 4.18 13.42
CA ALA B 61 -30.47 4.83 14.69
C ALA B 61 -30.96 6.27 14.67
N SER B 62 -31.17 6.81 15.88
CA SER B 62 -31.86 8.09 16.21
C SER B 62 -31.05 9.26 15.67
N TYR B 63 -29.74 9.08 15.50
CA TYR B 63 -28.80 10.14 15.05
C TYR B 63 -28.70 10.23 13.51
N TYR B 64 -29.28 9.32 12.72
CA TYR B 64 -29.42 9.49 11.24
C TYR B 64 -30.68 10.31 10.94
N SER B 65 -30.55 11.30 10.06
CA SER B 65 -31.60 12.31 9.83
C SER B 65 -32.06 12.34 8.35
N ARG B 66 -33.30 12.79 8.14
CA ARG B 66 -33.93 13.06 6.81
C ARG B 66 -34.00 14.58 6.59
N ASP B 67 -33.40 15.35 7.50
CA ASP B 67 -33.42 16.83 7.47
C ASP B 67 -32.42 17.38 6.44
N LEU B 68 -32.73 17.19 5.17
CA LEU B 68 -31.92 17.68 4.02
C LEU B 68 -31.72 19.21 4.10
N ALA B 69 -32.75 19.95 4.47
CA ALA B 69 -32.67 21.42 4.60
C ALA B 69 -31.50 21.77 5.52
N SER B 70 -31.34 21.14 6.68
CA SER B 70 -30.22 21.45 7.61
C SER B 70 -28.85 21.13 7.01
N PHE B 71 -28.73 20.03 6.28
CA PHE B 71 -27.47 19.66 5.55
C PHE B 71 -27.09 20.81 4.61
N LEU B 72 -28.06 21.30 3.84
CA LEU B 72 -27.82 22.32 2.79
C LEU B 72 -27.41 23.65 3.43
N GLU B 73 -28.03 24.01 4.56
CA GLU B 73 -27.72 25.27 5.30
C GLU B 73 -26.28 25.21 5.83
N LEU B 74 -25.92 24.07 6.42
CA LEU B 74 -24.55 23.80 6.94
C LEU B 74 -23.55 23.96 5.81
N ALA B 75 -23.80 23.40 4.63
CA ALA B 75 -22.89 23.54 3.48
C ALA B 75 -22.68 25.02 3.19
N GLY B 76 -23.78 25.78 3.09
CA GLY B 76 -23.77 27.24 2.89
C GLY B 76 -22.96 27.95 3.94
N GLU B 77 -23.21 27.69 5.21
CA GLU B 77 -22.52 28.38 6.33
C GLU B 77 -21.01 28.08 6.22
N LEU B 78 -20.60 26.89 5.78
CA LEU B 78 -19.16 26.53 5.71
C LEU B 78 -18.51 27.03 4.41
N GLY B 79 -19.26 27.62 3.49
CA GLY B 79 -18.71 28.13 2.22
C GLY B 79 -18.70 27.08 1.12
N LEU B 80 -19.55 26.06 1.21
CA LEU B 80 -19.62 25.01 0.16
C LEU B 80 -20.88 25.23 -0.67
N ARG B 81 -20.75 25.13 -1.99
CA ARG B 81 -21.87 24.87 -2.91
C ARG B 81 -22.25 23.38 -2.85
N VAL B 82 -23.39 23.06 -3.45
CA VAL B 82 -23.97 21.70 -3.40
C VAL B 82 -24.37 21.25 -4.79
N ILE B 83 -24.00 20.01 -5.13
CA ILE B 83 -24.62 19.27 -6.26
C ILE B 83 -25.63 18.27 -5.68
N ALA B 84 -26.90 18.38 -6.08
CA ALA B 84 -27.99 17.49 -5.65
C ALA B 84 -28.24 16.41 -6.70
N ARG B 85 -28.35 15.16 -6.26
CA ARG B 85 -28.53 13.96 -7.13
C ARG B 85 -29.78 13.21 -6.65
N PRO B 86 -31.00 13.66 -7.05
CA PRO B 86 -32.24 13.09 -6.52
C PRO B 86 -32.73 11.79 -7.15
N GLY B 87 -31.99 11.24 -8.09
CA GLY B 87 -32.40 9.96 -8.69
C GLY B 87 -33.36 10.22 -9.87
N PRO B 88 -34.48 9.49 -10.02
CA PRO B 88 -35.05 8.62 -8.98
C PRO B 88 -34.19 7.40 -8.61
N TYR B 89 -33.41 6.87 -9.54
CA TYR B 89 -32.38 5.82 -9.26
C TYR B 89 -31.05 6.51 -8.95
N ILE B 90 -30.32 6.03 -7.94
CA ILE B 90 -29.01 6.59 -7.48
C ILE B 90 -27.91 5.52 -7.50
N CYS B 91 -28.23 4.25 -7.64
CA CYS B 91 -27.22 3.14 -7.54
C CYS B 91 -26.62 3.19 -6.11
N SER B 92 -25.36 3.63 -5.98
CA SER B 92 -24.71 4.06 -4.72
C SER B 92 -24.73 2.95 -3.67
N GLU B 93 -24.69 1.68 -4.10
CA GLU B 93 -24.59 0.49 -3.22
C GLU B 93 -25.69 0.57 -2.16
N TRP B 94 -26.88 1.01 -2.57
CA TRP B 94 -28.01 1.37 -1.68
C TRP B 94 -29.22 0.51 -2.04
N ASP B 95 -30.00 0.10 -1.03
CA ASP B 95 -31.22 -0.72 -1.21
C ASP B 95 -32.01 -0.26 -2.45
N SER B 96 -32.24 -1.14 -3.41
CA SER B 96 -33.08 -0.90 -4.60
C SER B 96 -32.56 0.32 -5.39
N GLY B 97 -31.27 0.66 -5.26
CA GLY B 97 -30.66 1.85 -5.84
C GLY B 97 -31.51 3.08 -5.61
N GLY B 98 -32.18 3.15 -4.46
CA GLY B 98 -32.90 4.36 -4.01
C GLY B 98 -34.40 4.27 -4.28
N HIS B 99 -34.83 3.22 -5.03
CA HIS B 99 -36.28 2.98 -5.25
C HIS B 99 -36.90 2.54 -3.94
N PRO B 100 -38.04 3.13 -3.52
CA PRO B 100 -38.83 2.58 -2.42
C PRO B 100 -39.29 1.18 -2.83
N ASN B 101 -39.33 0.28 -1.86
CA ASN B 101 -39.65 -1.16 -2.09
C ASN B 101 -41.13 -1.34 -2.46
N TRP B 102 -41.96 -0.33 -2.23
CA TRP B 102 -43.35 -0.29 -2.73
C TRP B 102 -43.41 -0.04 -4.25
N ILE B 103 -42.30 0.34 -4.91
CA ILE B 103 -42.37 0.64 -6.38
C ILE B 103 -42.66 -0.65 -7.15
N TYR B 104 -42.23 -1.80 -6.65
CA TYR B 104 -42.36 -3.12 -7.33
C TYR B 104 -43.85 -3.52 -7.42
N THR B 105 -44.74 -2.93 -6.62
CA THR B 105 -46.22 -3.13 -6.74
C THR B 105 -46.81 -2.26 -7.86
N LYS B 106 -46.13 -1.19 -8.31
CA LYS B 106 -46.67 -0.19 -9.29
C LYS B 106 -46.24 -0.47 -10.74
N ALA B 107 -45.10 -1.10 -11.01
CA ALA B 107 -44.53 -1.18 -12.36
C ALA B 107 -43.45 -2.25 -12.41
N MET B 108 -43.39 -3.00 -13.52
CA MET B 108 -42.25 -3.85 -13.94
C MET B 108 -41.18 -2.99 -14.64
N ARG B 109 -41.58 -1.94 -15.37
CA ARG B 109 -40.67 -1.20 -16.30
C ARG B 109 -40.02 -0.05 -15.52
N LEU B 110 -39.25 -0.41 -14.48
CA LEU B 110 -38.51 0.57 -13.64
C LEU B 110 -37.47 1.26 -14.53
N ARG B 111 -37.27 2.55 -14.27
CA ARG B 111 -36.28 3.42 -14.96
C ARG B 111 -36.71 3.59 -16.43
N SER B 112 -37.97 4.01 -16.62
CA SER B 112 -38.52 4.35 -17.96
C SER B 112 -39.66 5.35 -17.82
N LEU B 113 -40.24 5.71 -18.96
CA LEU B 113 -41.46 6.53 -19.02
C LEU B 113 -42.72 5.69 -18.83
N ASP B 114 -42.59 4.38 -18.67
CA ASP B 114 -43.75 3.55 -18.27
C ASP B 114 -44.51 4.31 -17.19
N PRO B 115 -45.83 4.62 -17.38
CA PRO B 115 -46.56 5.50 -16.46
C PRO B 115 -46.68 4.98 -15.01
N GLY B 116 -46.75 3.66 -14.85
CA GLY B 116 -46.87 2.99 -13.54
C GLY B 116 -45.69 3.33 -12.64
N TYR B 117 -44.52 3.59 -13.23
CA TYR B 117 -43.27 4.03 -12.56
C TYR B 117 -43.23 5.57 -12.53
N PHE B 118 -43.44 6.18 -13.69
CA PHE B 118 -43.07 7.60 -13.93
C PHE B 118 -44.00 8.55 -13.15
N LYS B 119 -45.27 8.17 -12.96
CA LYS B 119 -46.25 8.96 -12.15
C LYS B 119 -45.69 9.16 -10.73
N HIS B 120 -45.08 8.13 -10.15
CA HIS B 120 -44.51 8.17 -8.77
C HIS B 120 -43.22 9.01 -8.79
N VAL B 121 -42.46 8.92 -9.87
CA VAL B 121 -41.24 9.75 -10.05
C VAL B 121 -41.65 11.22 -10.09
N VAL B 122 -42.74 11.56 -10.80
CA VAL B 122 -43.26 12.96 -10.88
C VAL B 122 -43.50 13.48 -9.46
N GLU B 123 -44.13 12.67 -8.59
CA GLU B 123 -44.51 13.09 -7.20
C GLU B 123 -43.26 13.22 -6.32
N TRP B 124 -42.32 12.26 -6.43
CA TRP B 124 -40.98 12.35 -5.76
C TRP B 124 -40.29 13.68 -6.13
N TYR B 125 -40.11 13.95 -7.43
CA TYR B 125 -39.40 15.18 -7.90
C TYR B 125 -40.11 16.43 -7.35
N ASN B 126 -41.44 16.44 -7.37
CA ASN B 126 -42.22 17.56 -6.77
C ASN B 126 -41.82 17.75 -5.29
N SER B 127 -41.82 16.70 -4.49
CA SER B 127 -41.50 16.79 -3.04
C SER B 127 -40.06 17.31 -2.91
N VAL B 128 -39.12 16.69 -3.62
CA VAL B 128 -37.66 16.96 -3.39
C VAL B 128 -37.32 18.33 -4.01
N LEU B 129 -37.76 18.62 -5.25
CA LEU B 129 -37.41 19.91 -5.90
C LEU B 129 -38.03 21.09 -5.12
N ASN B 130 -39.14 20.89 -4.38
CA ASN B 130 -39.74 21.95 -3.51
C ASN B 130 -38.79 22.25 -2.36
N ILE B 131 -38.16 21.23 -1.76
CA ILE B 131 -37.17 21.43 -0.66
C ILE B 131 -35.94 22.13 -1.23
N LEU B 132 -35.46 21.74 -2.42
CA LEU B 132 -34.21 22.32 -3.00
C LEU B 132 -34.39 23.81 -3.38
N LYS B 133 -35.61 24.19 -3.79
CA LYS B 133 -35.97 25.49 -4.40
C LYS B 133 -35.30 26.66 -3.68
N PRO B 134 -35.55 26.91 -2.37
CA PRO B 134 -34.93 28.06 -1.71
C PRO B 134 -33.39 28.06 -1.77
N TYR B 135 -32.76 26.87 -1.82
CA TYR B 135 -31.28 26.70 -1.79
C TYR B 135 -30.73 26.94 -3.20
N VAL B 136 -31.52 26.67 -4.24
CA VAL B 136 -31.13 27.05 -5.63
C VAL B 136 -31.15 28.58 -5.73
N GLU B 137 -32.17 29.23 -5.19
CA GLU B 137 -32.38 30.71 -5.28
C GLU B 137 -31.24 31.41 -4.55
N ARG B 138 -30.84 30.90 -3.40
CA ARG B 138 -29.72 31.44 -2.59
C ARG B 138 -28.36 30.98 -3.13
N GLU B 139 -28.32 30.27 -4.26
CA GLU B 139 -27.07 29.91 -5.00
C GLU B 139 -26.17 28.98 -4.16
N ILE B 140 -26.76 28.14 -3.31
CA ILE B 140 -26.04 27.07 -2.56
C ILE B 140 -26.07 25.83 -3.44
N VAL B 141 -27.26 25.35 -3.79
CA VAL B 141 -27.43 24.28 -4.81
C VAL B 141 -27.26 24.87 -6.23
N ILE B 142 -26.23 24.42 -6.95
CA ILE B 142 -25.77 24.95 -8.28
C ILE B 142 -25.92 23.88 -9.35
N GLY B 143 -26.34 22.67 -9.02
CA GLY B 143 -26.38 21.62 -10.04
C GLY B 143 -27.29 20.52 -9.62
N ILE B 144 -28.07 19.99 -10.57
CA ILE B 144 -28.98 18.85 -10.34
C ILE B 144 -28.61 17.77 -11.34
N GLN B 145 -28.32 16.58 -10.85
CA GLN B 145 -28.15 15.35 -11.67
C GLN B 145 -29.52 14.66 -11.75
N VAL B 146 -29.92 14.27 -12.94
CA VAL B 146 -31.16 13.48 -13.14
C VAL B 146 -30.72 12.06 -13.47
N GLU B 147 -31.35 11.09 -12.82
CA GLU B 147 -31.03 9.64 -12.99
C GLU B 147 -29.58 9.39 -12.55
N ASN B 148 -29.02 8.26 -12.97
CA ASN B 148 -27.68 7.84 -12.55
C ASN B 148 -27.24 6.68 -13.41
N GLU B 149 -26.25 6.91 -14.27
CA GLU B 149 -25.64 5.88 -15.14
C GLU B 149 -26.75 5.14 -15.90
N TYR B 150 -27.68 5.88 -16.50
CA TYR B 150 -28.51 5.31 -17.58
C TYR B 150 -27.60 5.14 -18.80
N PHE B 151 -26.86 4.03 -18.82
CA PHE B 151 -25.78 3.73 -19.79
C PHE B 151 -26.32 3.63 -21.24
N TRP B 152 -27.63 3.35 -21.40
CA TRP B 152 -28.13 2.63 -22.60
C TRP B 152 -28.85 3.55 -23.59
N GLY B 153 -29.12 4.79 -23.19
CA GLY B 153 -29.67 5.84 -24.06
C GLY B 153 -30.91 6.47 -23.49
N ASN B 154 -32.06 6.00 -23.98
CA ASN B 154 -33.44 6.49 -23.66
C ASN B 154 -33.44 8.00 -23.47
N GLU B 155 -33.19 8.76 -24.53
CA GLU B 155 -33.00 10.23 -24.46
C GLU B 155 -34.27 10.91 -23.95
N LYS B 156 -35.44 10.45 -24.40
CA LYS B 156 -36.70 11.14 -24.03
C LYS B 156 -36.98 10.90 -22.52
N TYR B 157 -36.57 9.77 -21.94
CA TYR B 157 -36.66 9.51 -20.47
C TYR B 157 -35.83 10.58 -19.76
N ILE B 158 -34.55 10.70 -20.15
CA ILE B 158 -33.62 11.68 -19.53
C ILE B 158 -34.16 13.11 -19.73
N GLU B 159 -34.61 13.46 -20.94
CA GLU B 159 -35.15 14.82 -21.23
C GLU B 159 -36.41 15.12 -20.41
N LYS B 160 -37.29 14.13 -20.15
CA LYS B 160 -38.53 14.33 -19.35
C LYS B 160 -38.15 14.69 -17.91
N LEU B 161 -37.21 13.94 -17.33
CA LEU B 161 -36.64 14.24 -15.98
C LEU B 161 -36.08 15.67 -15.98
N ALA B 162 -35.29 16.04 -16.99
CA ALA B 162 -34.62 17.36 -17.07
C ALA B 162 -35.66 18.49 -17.22
N GLU B 163 -36.72 18.21 -17.98
CA GLU B 163 -37.83 19.18 -18.25
C GLU B 163 -38.56 19.48 -16.93
N ILE B 164 -38.77 18.48 -16.06
CA ILE B 164 -39.42 18.73 -14.73
C ILE B 164 -38.51 19.59 -13.84
N VAL B 165 -37.20 19.34 -13.86
CA VAL B 165 -36.26 20.15 -13.04
C VAL B 165 -36.31 21.59 -13.59
N GLU B 166 -36.28 21.77 -14.91
CA GLU B 166 -36.27 23.11 -15.57
C GLU B 166 -37.58 23.85 -15.23
N GLU B 167 -38.75 23.19 -15.26
CA GLU B 167 -40.05 23.85 -14.94
C GLU B 167 -39.99 24.38 -13.50
N LYS B 168 -39.49 23.60 -12.55
CA LYS B 168 -39.49 24.00 -11.11
C LYS B 168 -38.34 24.96 -10.80
N LEU B 169 -37.16 24.74 -11.40
CA LEU B 169 -35.93 25.47 -11.05
C LEU B 169 -35.34 26.08 -12.31
N PRO B 170 -35.97 27.15 -12.85
CA PRO B 170 -35.63 27.65 -14.19
C PRO B 170 -34.18 28.15 -14.25
N GLY B 171 -33.40 27.61 -15.19
CA GLY B 171 -32.01 28.03 -15.46
C GLY B 171 -30.96 27.27 -14.68
N VAL B 172 -31.33 26.45 -13.68
CA VAL B 172 -30.35 25.69 -12.85
C VAL B 172 -29.64 24.69 -13.79
N LEU B 173 -28.33 24.52 -13.65
CA LEU B 173 -27.58 23.49 -14.42
C LEU B 173 -28.18 22.11 -14.12
N VAL B 174 -28.50 21.35 -15.16
CA VAL B 174 -29.06 19.97 -15.08
C VAL B 174 -28.21 19.07 -15.96
N PHE B 175 -27.88 17.88 -15.48
CA PHE B 175 -26.99 16.95 -16.22
C PHE B 175 -27.26 15.52 -15.78
N THR B 176 -26.69 14.54 -16.48
CA THR B 176 -26.65 13.13 -16.00
C THR B 176 -25.24 12.60 -16.18
N ASN B 177 -25.02 11.36 -15.77
CA ASN B 177 -23.67 10.73 -15.72
C ASN B 177 -23.75 9.45 -16.52
N GLU B 178 -22.76 9.23 -17.39
CA GLU B 178 -22.52 7.99 -18.16
C GLU B 178 -23.69 7.67 -19.09
N ASP B 179 -24.32 8.67 -19.68
CA ASP B 179 -25.26 8.42 -20.82
C ASP B 179 -24.68 9.13 -22.04
N PRO B 180 -23.81 8.49 -22.83
CA PRO B 180 -23.15 9.18 -23.94
C PRO B 180 -24.01 9.47 -25.19
N TYR B 181 -25.30 9.11 -25.19
CA TYR B 181 -26.17 9.11 -26.40
C TYR B 181 -26.99 10.39 -26.42
N LEU B 182 -26.74 11.31 -25.50
CA LEU B 182 -27.51 12.55 -25.34
C LEU B 182 -26.90 13.66 -26.20
N THR B 183 -27.77 14.47 -26.81
CA THR B 183 -27.40 15.60 -27.69
C THR B 183 -27.47 16.90 -26.90
N ARG B 184 -28.49 17.05 -26.06
CA ARG B 184 -28.82 18.38 -25.46
C ARG B 184 -28.51 18.38 -23.95
N ILE B 185 -28.81 17.28 -23.22
CA ILE B 185 -28.60 17.20 -21.75
C ILE B 185 -27.13 16.90 -21.52
N PRO B 186 -26.39 17.76 -20.81
CA PRO B 186 -24.98 17.49 -20.49
C PRO B 186 -24.78 16.12 -19.83
N ASN B 187 -23.85 15.34 -20.39
CA ASN B 187 -23.29 14.06 -19.86
C ASN B 187 -22.02 14.38 -19.06
N THR B 188 -21.80 13.59 -17.99
CA THR B 188 -20.63 13.69 -17.07
C THR B 188 -20.05 12.27 -16.92
N ILE B 189 -18.78 12.11 -16.54
CA ILE B 189 -18.17 10.73 -16.50
C ILE B 189 -17.81 10.33 -15.07
N ASP B 190 -17.81 9.00 -14.88
CA ASP B 190 -17.50 8.25 -13.66
C ASP B 190 -16.32 7.34 -14.00
N LEU B 191 -15.20 7.52 -13.30
CA LEU B 191 -13.91 6.90 -13.66
C LEU B 191 -13.35 6.14 -12.46
N TYR B 192 -13.18 4.84 -12.67
CA TYR B 192 -12.66 3.90 -11.65
C TYR B 192 -11.67 2.97 -12.33
N PRO B 193 -10.56 3.50 -12.89
CA PRO B 193 -9.51 2.67 -13.47
C PRO B 193 -8.72 1.91 -12.39
N SER B 194 -8.19 0.76 -12.76
CA SER B 194 -7.28 -0.09 -11.96
C SER B 194 -5.86 0.46 -11.99
N PRO B 195 -5.15 0.48 -10.85
CA PRO B 195 -3.77 0.98 -10.79
C PRO B 195 -2.75 0.38 -11.76
N TRP B 196 -2.20 1.34 -12.51
CA TRP B 196 -0.82 1.81 -12.84
C TRP B 196 -0.79 2.14 -14.33
N ASP B 197 -1.53 1.37 -15.14
CA ASP B 197 -1.56 1.67 -16.59
C ASP B 197 -2.60 2.77 -16.79
N MET B 198 -2.16 3.85 -17.46
CA MET B 198 -2.92 5.11 -17.64
C MET B 198 -3.80 5.07 -18.90
N ARG B 199 -3.62 4.13 -19.83
CA ARG B 199 -4.15 4.28 -21.21
C ARG B 199 -5.68 4.26 -21.19
N GLN B 200 -6.29 3.33 -20.45
CA GLN B 200 -7.76 3.25 -20.35
C GLN B 200 -8.29 4.60 -19.80
N PHE B 201 -7.72 5.12 -18.72
CA PHE B 201 -8.17 6.41 -18.12
C PHE B 201 -7.97 7.55 -19.12
N ASP B 202 -6.75 7.71 -19.64
CA ASP B 202 -6.41 8.79 -20.64
C ASP B 202 -7.42 8.70 -21.81
N ASP B 203 -7.70 7.50 -22.31
CA ASP B 203 -8.55 7.32 -23.52
C ASP B 203 -9.96 7.74 -23.16
N ARG B 204 -10.47 7.37 -21.98
CA ARG B 204 -11.86 7.77 -21.56
C ARG B 204 -11.93 9.28 -21.40
N LEU B 205 -10.91 9.93 -20.81
CA LEU B 205 -10.93 11.41 -20.65
C LEU B 205 -10.96 12.11 -22.02
N ARG B 206 -10.10 11.68 -22.93
CA ARG B 206 -9.99 12.20 -24.32
C ARG B 206 -11.35 12.10 -25.03
N SER B 207 -11.98 10.90 -25.09
CA SER B 207 -13.30 10.70 -25.76
C SER B 207 -14.32 11.63 -25.12
N TYR B 208 -14.37 11.70 -23.78
CA TYR B 208 -15.34 12.60 -23.11
C TYR B 208 -15.06 14.06 -23.53
N LEU B 209 -13.81 14.48 -23.59
CA LEU B 209 -13.52 15.91 -23.89
C LEU B 209 -13.91 16.28 -25.33
N SER B 210 -13.83 15.31 -26.26
CA SER B 210 -14.20 15.45 -27.69
C SER B 210 -15.72 15.35 -27.90
N SER B 211 -16.48 14.82 -26.93
CA SER B 211 -17.95 14.59 -26.97
C SER B 211 -18.73 15.89 -26.70
N GLN B 212 -20.03 15.92 -27.04
CA GLN B 212 -21.01 16.99 -26.73
C GLN B 212 -20.36 18.37 -26.83
N PRO B 213 -19.91 18.80 -28.03
CA PRO B 213 -19.21 20.08 -28.20
C PRO B 213 -19.99 21.26 -27.54
N GLY B 214 -19.30 22.03 -26.70
CA GLY B 214 -19.85 23.24 -26.03
C GLY B 214 -20.66 22.95 -24.78
N LEU B 215 -20.92 21.70 -24.39
CA LEU B 215 -21.76 21.47 -23.17
C LEU B 215 -20.85 21.38 -21.94
N PHE B 216 -21.42 21.59 -20.76
CA PHE B 216 -20.83 21.37 -19.42
C PHE B 216 -19.98 20.08 -19.40
N LYS B 217 -18.72 20.22 -18.94
CA LYS B 217 -17.74 19.12 -18.78
C LYS B 217 -17.44 18.92 -17.28
N MET B 218 -17.52 17.69 -16.80
CA MET B 218 -17.22 17.36 -15.39
C MET B 218 -16.93 15.87 -15.23
N ILE B 219 -15.96 15.52 -14.36
CA ILE B 219 -15.88 14.14 -13.85
C ILE B 219 -16.78 14.13 -12.61
N MET B 220 -17.96 13.52 -12.73
CA MET B 220 -18.93 13.49 -11.58
C MET B 220 -18.52 12.41 -10.56
N GLU B 221 -17.80 11.38 -10.97
CA GLU B 221 -17.23 10.44 -9.98
C GLU B 221 -15.79 10.12 -10.37
N LEU B 222 -14.83 10.80 -9.71
CA LEU B 222 -13.42 10.42 -9.78
C LEU B 222 -13.16 9.46 -8.60
N GLU B 223 -12.70 8.26 -8.95
CA GLU B 223 -12.40 7.21 -7.97
C GLU B 223 -11.73 7.77 -6.73
N GLY B 224 -12.41 7.66 -5.59
CA GLY B 224 -11.86 8.06 -4.27
C GLY B 224 -11.65 6.87 -3.35
N GLY B 225 -11.79 5.67 -3.91
CA GLY B 225 -11.63 4.37 -3.24
C GLY B 225 -12.58 3.37 -3.89
N TRP B 226 -13.08 2.38 -3.13
CA TRP B 226 -14.04 1.37 -3.62
C TRP B 226 -14.80 0.78 -2.43
N PHE B 227 -15.90 0.10 -2.68
CA PHE B 227 -16.82 -0.41 -1.61
C PHE B 227 -16.42 -1.82 -1.20
N LYS B 228 -17.04 -2.27 -0.08
CA LYS B 228 -16.78 -3.56 0.60
C LYS B 228 -18.10 -4.33 0.64
N SER B 229 -18.05 -5.62 0.40
CA SER B 229 -19.24 -6.51 0.35
C SER B 229 -18.98 -7.70 1.23
N SER B 230 -20.03 -8.33 1.75
CA SER B 230 -19.95 -9.72 2.27
C SER B 230 -19.93 -10.68 1.07
N ARG B 231 -19.66 -11.95 1.36
CA ARG B 231 -19.76 -13.08 0.37
C ARG B 231 -18.54 -13.11 -0.54
N TYR B 232 -18.26 -12.03 -1.28
CA TYR B 232 -17.21 -11.97 -2.34
C TYR B 232 -16.23 -10.80 -2.10
N GLY B 233 -16.29 -10.17 -0.93
CA GLY B 233 -15.58 -8.93 -0.65
C GLY B 233 -14.29 -9.12 0.10
N TYR B 234 -13.58 -8.01 0.29
CA TYR B 234 -12.25 -7.93 0.92
C TYR B 234 -12.16 -6.59 1.61
N TYR B 235 -11.19 -6.50 2.50
CA TYR B 235 -10.74 -5.29 3.19
C TYR B 235 -9.44 -4.85 2.52
N PRO B 236 -9.20 -3.55 2.28
CA PRO B 236 -10.14 -2.48 2.64
C PRO B 236 -11.26 -2.17 1.64
N THR B 237 -11.21 -2.80 0.48
CA THR B 237 -12.25 -2.75 -0.59
C THR B 237 -12.27 -4.11 -1.28
N ASN B 238 -13.32 -4.37 -2.04
CA ASN B 238 -13.44 -5.57 -2.88
C ASN B 238 -12.30 -5.59 -3.89
N ARG B 239 -11.68 -4.43 -4.17
CA ARG B 239 -10.55 -4.38 -5.10
C ARG B 239 -9.22 -4.28 -4.37
N LEU B 240 -9.18 -4.60 -3.07
CA LEU B 240 -8.01 -4.39 -2.17
C LEU B 240 -7.73 -2.88 -2.09
N SER B 241 -6.51 -2.48 -1.73
CA SER B 241 -6.13 -1.07 -1.50
C SER B 241 -6.11 -0.30 -2.83
N ILE B 242 -6.84 0.80 -2.90
CA ILE B 242 -6.69 1.83 -3.96
C ILE B 242 -5.58 2.77 -3.50
N PRO B 243 -4.36 2.70 -4.08
CA PRO B 243 -3.25 3.49 -3.57
C PRO B 243 -3.50 4.99 -3.64
N PRO B 244 -3.21 5.74 -2.58
CA PRO B 244 -3.41 7.18 -2.59
C PRO B 244 -2.59 7.87 -3.69
N GLU B 245 -1.41 7.32 -4.05
CA GLU B 245 -0.52 7.76 -5.16
C GLU B 245 -1.35 7.75 -6.45
N TRP B 246 -2.16 6.73 -6.61
CA TRP B 246 -3.01 6.52 -7.80
C TRP B 246 -4.03 7.65 -7.92
N THR B 247 -4.75 7.93 -6.84
CA THR B 247 -5.78 8.99 -6.79
C THR B 247 -5.15 10.33 -7.19
N GLU B 248 -3.99 10.66 -6.62
CA GLU B 248 -3.33 11.94 -6.97
C GLU B 248 -2.95 11.97 -8.47
N ILE B 249 -2.41 10.88 -9.03
CA ILE B 249 -2.07 10.80 -10.47
C ILE B 249 -3.34 11.01 -11.33
N LEU B 250 -4.50 10.43 -10.96
CA LEU B 250 -5.74 10.61 -11.75
C LEU B 250 -6.12 12.09 -11.72
N LEU B 251 -6.07 12.71 -10.56
CA LEU B 251 -6.46 14.13 -10.39
C LEU B 251 -5.55 15.03 -11.24
N LYS B 252 -4.22 14.85 -11.12
CA LYS B 252 -3.24 15.71 -11.82
C LYS B 252 -3.36 15.48 -13.35
N THR B 253 -3.63 14.25 -13.77
CA THR B 253 -3.88 13.88 -15.17
C THR B 253 -5.13 14.63 -15.67
N ALA B 254 -6.20 14.70 -14.86
CA ALA B 254 -7.46 15.37 -15.23
C ALA B 254 -7.15 16.87 -15.41
N VAL B 255 -6.35 17.45 -14.54
CA VAL B 255 -5.98 18.90 -14.62
C VAL B 255 -5.12 19.09 -15.88
N GLY B 256 -4.17 18.20 -16.10
CA GLY B 256 -3.31 18.26 -17.28
C GLY B 256 -4.13 18.24 -18.56
N MET B 257 -5.24 17.52 -18.60
CA MET B 257 -6.03 17.34 -19.86
C MET B 257 -7.18 18.35 -19.95
N GLY B 258 -7.37 19.24 -18.98
CA GLY B 258 -8.33 20.38 -19.04
C GLY B 258 -9.67 20.16 -18.35
N LEU B 259 -9.82 19.18 -17.48
CA LEU B 259 -11.05 19.04 -16.64
C LEU B 259 -10.85 19.80 -15.34
N ASN B 260 -11.56 20.90 -15.14
CA ASN B 260 -11.46 21.69 -13.89
C ASN B 260 -12.73 21.50 -13.06
N ASN B 261 -13.68 20.66 -13.50
CA ASN B 261 -14.86 20.28 -12.68
C ASN B 261 -14.70 18.81 -12.27
N ILE B 262 -14.46 18.57 -10.99
CA ILE B 262 -14.10 17.21 -10.48
C ILE B 262 -14.79 16.96 -9.14
N ASN B 263 -15.45 15.81 -9.04
CA ASN B 263 -16.09 15.29 -7.80
C ASN B 263 -15.40 13.98 -7.43
N ILE B 264 -14.81 13.91 -6.24
CA ILE B 264 -14.19 12.68 -5.67
C ILE B 264 -15.32 11.83 -5.12
N TYR B 265 -15.52 10.60 -5.61
CA TYR B 265 -16.54 9.68 -5.08
C TYR B 265 -15.85 8.47 -4.49
N MET B 266 -16.01 8.23 -3.17
CA MET B 266 -16.59 9.07 -2.16
C MET B 266 -15.46 9.90 -1.54
N PHE B 267 -15.74 11.09 -1.02
CA PHE B 267 -14.74 11.88 -0.25
C PHE B 267 -14.77 11.40 1.20
N HIS B 268 -15.99 11.23 1.72
CA HIS B 268 -16.32 10.52 2.98
C HIS B 268 -17.50 9.60 2.72
N GLY B 269 -17.35 8.31 2.98
CA GLY B 269 -18.41 7.31 2.73
C GLY B 269 -19.33 7.11 3.92
N GLY B 270 -18.78 7.15 5.14
CA GLY B 270 -19.53 6.87 6.38
C GLY B 270 -20.07 5.44 6.44
N SER B 271 -21.30 5.29 6.91
CA SER B 271 -21.91 4.01 7.33
C SER B 271 -23.26 3.84 6.61
N ASN B 272 -23.60 2.60 6.23
CA ASN B 272 -24.95 2.26 5.72
C ASN B 272 -25.86 2.06 6.91
N PRO B 273 -26.82 2.98 7.17
CA PRO B 273 -27.82 2.78 8.21
C PRO B 273 -28.62 1.49 8.01
N GLY B 274 -28.55 0.63 9.02
CA GLY B 274 -29.35 -0.58 9.17
C GLY B 274 -29.50 -1.39 7.90
N TYR B 275 -30.74 -1.48 7.38
CA TYR B 275 -31.11 -2.38 6.27
C TYR B 275 -31.35 -1.54 5.01
N TYR B 276 -30.77 -0.34 4.93
CA TYR B 276 -30.68 0.45 3.68
C TYR B 276 -29.48 0.01 2.83
N THR B 277 -28.66 -0.92 3.31
CA THR B 277 -27.62 -1.57 2.46
C THR B 277 -28.27 -2.09 1.18
N ALA B 278 -27.56 -2.01 0.05
CA ALA B 278 -27.82 -2.91 -1.09
C ALA B 278 -27.47 -4.37 -0.70
N LYS B 279 -28.03 -5.32 -1.45
CA LYS B 279 -27.80 -6.77 -1.22
C LYS B 279 -26.29 -7.05 -1.11
N TYR B 280 -25.89 -7.73 -0.02
CA TYR B 280 -24.50 -8.17 0.25
C TYR B 280 -23.59 -7.03 0.71
N LEU B 281 -24.01 -5.77 0.72
CA LEU B 281 -23.14 -4.64 1.17
C LEU B 281 -22.87 -4.78 2.66
N ALA B 282 -21.61 -4.56 3.01
CA ALA B 282 -21.17 -4.35 4.40
C ALA B 282 -21.93 -3.16 4.99
N SER B 283 -22.06 -3.16 6.32
CA SER B 283 -22.66 -2.06 7.10
C SER B 283 -21.78 -0.81 6.96
N SER B 284 -20.47 -1.00 6.79
CA SER B 284 -19.49 0.08 6.53
C SER B 284 -19.60 0.56 5.08
N TYR B 285 -19.62 1.89 4.87
CA TYR B 285 -19.35 2.53 3.56
C TYR B 285 -18.06 3.34 3.62
N ASP B 286 -17.08 2.88 4.40
CA ASP B 286 -15.76 3.57 4.57
C ASP B 286 -15.17 3.95 3.21
N PHE B 287 -15.19 3.02 2.25
CA PHE B 287 -14.82 3.24 0.82
C PHE B 287 -13.31 3.41 0.67
N GLU B 288 -12.50 3.20 1.73
CA GLU B 288 -11.08 3.63 1.81
C GLU B 288 -10.96 5.11 1.40
N ALA B 289 -11.94 5.90 1.77
CA ALA B 289 -12.08 7.32 1.33
C ALA B 289 -11.06 8.23 2.00
N CYS B 290 -10.85 9.41 1.41
CA CYS B 290 -10.08 10.54 2.00
C CYS B 290 -10.36 10.66 3.51
N ILE B 291 -11.61 10.87 3.91
CA ILE B 291 -12.02 10.81 5.33
C ILE B 291 -12.60 9.41 5.59
N ARG B 292 -11.91 8.59 6.38
CA ARG B 292 -12.34 7.22 6.73
C ARG B 292 -13.70 7.33 7.43
N GLU B 293 -14.44 6.22 7.46
CA GLU B 293 -15.76 6.10 8.13
C GLU B 293 -15.74 6.74 9.52
N TRP B 294 -14.66 6.50 10.29
CA TRP B 294 -14.54 6.91 11.72
C TRP B 294 -14.03 8.36 11.80
N GLY B 295 -13.80 9.04 10.67
CA GLY B 295 -13.43 10.47 10.63
C GLY B 295 -11.94 10.72 10.41
N GLU B 296 -11.12 9.68 10.30
CA GLU B 296 -9.65 9.82 10.15
C GLU B 296 -9.33 10.46 8.80
N LEU B 297 -8.40 11.41 8.81
CA LEU B 297 -7.76 11.98 7.61
C LEU B 297 -6.66 11.02 7.20
N SER B 298 -6.88 10.35 6.08
CA SER B 298 -6.02 9.29 5.53
C SER B 298 -4.97 9.96 4.61
N GLU B 299 -4.00 9.19 4.15
CA GLU B 299 -2.99 9.72 3.20
C GLU B 299 -3.71 10.27 1.96
N ARG B 300 -4.81 9.63 1.54
CA ARG B 300 -5.53 10.06 0.33
C ARG B 300 -6.05 11.48 0.53
N TYR B 301 -6.52 11.82 1.73
CA TYR B 301 -7.02 13.18 2.07
C TYR B 301 -5.92 14.20 1.79
N TYR B 302 -4.73 13.98 2.32
CA TYR B 302 -3.66 15.01 2.27
C TYR B 302 -3.19 15.19 0.82
N ARG B 303 -3.18 14.15 0.00
CA ARG B 303 -2.78 14.29 -1.43
C ARG B 303 -3.83 15.08 -2.18
N VAL B 304 -5.09 14.75 -1.98
CA VAL B 304 -6.20 15.48 -2.67
C VAL B 304 -6.18 16.94 -2.20
N LYS B 305 -5.92 17.15 -0.92
CA LYS B 305 -5.86 18.50 -0.34
C LYS B 305 -4.78 19.32 -1.09
N ARG B 306 -3.62 18.77 -1.35
CA ARG B 306 -2.57 19.57 -2.03
C ARG B 306 -3.08 19.97 -3.42
N VAL B 307 -3.80 19.07 -4.08
CA VAL B 307 -4.30 19.36 -5.45
C VAL B 307 -5.41 20.41 -5.36
N PHE B 308 -6.43 20.20 -4.52
CA PHE B 308 -7.57 21.16 -4.41
C PHE B 308 -7.06 22.54 -3.95
N THR B 309 -6.05 22.58 -3.07
CA THR B 309 -5.51 23.86 -2.57
C THR B 309 -4.84 24.61 -3.72
N PHE B 310 -4.07 23.92 -4.56
CA PHE B 310 -3.47 24.51 -5.77
C PHE B 310 -4.61 25.00 -6.67
N LEU B 311 -5.57 24.15 -7.00
CA LEU B 311 -6.63 24.50 -8.00
C LEU B 311 -7.48 25.68 -7.50
N ASN B 312 -7.71 25.75 -6.18
CA ASN B 312 -8.48 26.80 -5.48
C ASN B 312 -7.64 28.09 -5.48
N GLY B 313 -6.37 28.06 -5.09
CA GLY B 313 -5.53 29.27 -5.03
C GLY B 313 -4.92 29.67 -6.37
N PHE B 314 -5.42 29.17 -7.52
CA PHE B 314 -4.94 29.60 -8.86
C PHE B 314 -6.06 29.45 -9.90
N GLN B 315 -7.33 29.57 -9.48
CA GLN B 315 -8.54 29.47 -10.36
C GLN B 315 -8.43 30.44 -11.55
N GLU B 316 -7.92 31.65 -11.31
CA GLU B 316 -7.64 32.67 -12.36
C GLU B 316 -6.92 31.97 -13.53
N LEU B 317 -5.63 31.65 -13.32
CA LEU B 317 -4.78 30.90 -14.27
C LEU B 317 -5.55 29.71 -14.82
N VAL B 318 -6.12 28.85 -13.97
CA VAL B 318 -6.66 27.52 -14.41
C VAL B 318 -7.85 27.70 -15.38
N THR B 319 -8.77 28.60 -15.06
CA THR B 319 -9.94 28.93 -15.92
C THR B 319 -9.45 29.45 -17.30
N SER B 320 -8.34 30.17 -17.37
CA SER B 320 -7.80 30.78 -18.61
C SER B 320 -7.15 29.74 -19.54
N LEU B 321 -6.91 28.51 -19.09
CA LEU B 321 -5.98 27.56 -19.78
C LEU B 321 -6.69 26.91 -20.96
N LYS B 322 -5.98 26.76 -22.08
CA LYS B 322 -6.40 25.95 -23.23
C LYS B 322 -5.36 24.87 -23.46
N PRO B 323 -5.66 23.86 -24.29
CA PRO B 323 -4.66 22.86 -24.70
C PRO B 323 -3.43 23.51 -25.36
N GLY B 324 -2.23 23.02 -25.03
CA GLY B 324 -0.93 23.58 -25.45
C GLY B 324 -0.12 22.53 -26.18
N GLU B 325 0.89 22.92 -26.95
CA GLU B 325 1.83 21.96 -27.58
C GLU B 325 3.26 22.49 -27.63
N THR B 326 3.53 23.73 -27.25
CA THR B 326 4.86 24.35 -27.59
C THR B 326 5.94 23.78 -26.67
N VAL B 327 5.61 23.48 -25.41
CA VAL B 327 6.59 22.96 -24.43
C VAL B 327 6.95 21.52 -24.82
N LYS B 328 8.24 21.18 -24.69
CA LYS B 328 8.78 19.82 -24.91
C LYS B 328 9.61 19.40 -23.70
N THR B 329 9.83 18.10 -23.55
CA THR B 329 10.67 17.50 -22.48
C THR B 329 12.00 17.09 -23.10
N ALA B 330 13.05 17.06 -22.28
CA ALA B 330 14.42 16.61 -22.65
C ALA B 330 14.49 15.08 -22.59
N SER B 331 13.79 14.46 -21.65
CA SER B 331 13.97 13.03 -21.29
C SER B 331 12.63 12.32 -21.47
N THR B 332 12.68 11.03 -21.78
CA THR B 332 11.49 10.11 -21.84
C THR B 332 11.09 9.58 -20.45
N CYS B 333 11.80 9.91 -19.37
CA CYS B 333 11.56 9.36 -17.99
C CYS B 333 10.21 9.85 -17.42
N SER B 334 9.58 10.87 -17.99
CA SER B 334 8.23 11.31 -17.57
C SER B 334 7.44 11.74 -18.80
N GLU B 335 6.12 11.64 -18.74
CA GLU B 335 5.22 12.16 -19.79
C GLU B 335 4.93 13.63 -19.51
N LEU B 336 4.47 14.37 -20.51
CA LEU B 336 4.10 15.81 -20.42
C LEU B 336 2.63 16.00 -20.83
N LEU B 337 1.84 16.61 -19.98
CA LEU B 337 0.49 17.12 -20.32
C LEU B 337 0.56 18.63 -20.13
N GLN B 338 0.25 19.44 -21.14
CA GLN B 338 0.50 20.91 -20.98
C GLN B 338 -0.76 21.72 -21.27
N ARG B 339 -0.90 22.85 -20.58
CA ARG B 339 -1.98 23.82 -20.84
C ARG B 339 -1.41 25.23 -20.81
N VAL B 340 -2.01 26.09 -21.60
CA VAL B 340 -1.46 27.43 -21.89
C VAL B 340 -2.61 28.44 -21.81
N GLY B 341 -2.34 29.57 -21.17
CA GLY B 341 -3.25 30.72 -21.05
C GLY B 341 -2.48 32.01 -21.26
N ASP B 342 -3.21 33.11 -21.44
CA ASP B 342 -2.60 34.46 -21.64
C ASP B 342 -1.46 34.68 -20.66
N HIS B 343 -1.68 34.40 -19.37
CA HIS B 343 -0.83 34.89 -18.25
C HIS B 343 -0.19 33.70 -17.51
N GLY B 344 -0.05 32.55 -18.16
CA GLY B 344 0.74 31.44 -17.60
C GLY B 344 0.44 30.11 -18.27
N LYS B 345 1.28 29.12 -17.97
CA LYS B 345 1.11 27.72 -18.42
C LYS B 345 1.29 26.77 -17.24
N ILE B 346 0.75 25.57 -17.40
CA ILE B 346 1.06 24.41 -16.53
C ILE B 346 1.65 23.32 -17.41
N ALA B 347 2.72 22.75 -16.93
CA ALA B 347 3.32 21.51 -17.47
C ALA B 347 3.18 20.44 -16.39
N VAL B 348 2.33 19.46 -16.65
CA VAL B 348 2.14 18.28 -15.75
C VAL B 348 3.14 17.20 -16.19
N LEU B 349 4.11 16.89 -15.33
CA LEU B 349 5.10 15.82 -15.59
C LEU B 349 4.68 14.58 -14.83
N ARG B 350 4.31 13.54 -15.57
CA ARG B 350 3.66 12.33 -14.99
C ARG B 350 4.67 11.18 -15.04
N ASN B 351 4.96 10.60 -13.88
CA ASN B 351 5.87 9.46 -13.74
C ASN B 351 5.12 8.34 -13.03
N THR B 352 4.48 7.46 -13.82
CA THR B 352 3.73 6.28 -13.34
C THR B 352 4.68 5.13 -12.93
N GLY B 353 5.98 5.23 -13.21
CA GLY B 353 7.00 4.22 -12.86
C GLY B 353 7.51 4.40 -11.45
N ASP B 354 8.38 3.49 -10.99
CA ASP B 354 8.71 3.39 -9.56
C ASP B 354 10.11 3.96 -9.32
N ASN B 355 10.74 4.58 -10.31
CA ASN B 355 12.07 5.21 -10.15
C ASN B 355 11.90 6.73 -10.32
N LEU B 356 12.58 7.50 -9.49
CA LEU B 356 12.69 8.97 -9.58
C LEU B 356 13.23 9.32 -10.97
N CYS B 357 12.70 10.37 -11.57
CA CYS B 357 13.05 10.82 -12.93
C CYS B 357 13.59 12.25 -12.82
N TYR B 358 14.64 12.56 -13.56
CA TYR B 358 15.15 13.96 -13.65
C TYR B 358 14.80 14.53 -15.03
N GLN B 359 13.94 15.55 -15.09
CA GLN B 359 13.38 16.07 -16.35
C GLN B 359 13.86 17.53 -16.57
N ARG B 360 13.85 17.97 -17.84
CA ARG B 360 13.99 19.40 -18.20
C ARG B 360 12.94 19.73 -19.24
N LEU B 361 12.59 20.99 -19.33
CA LEU B 361 11.62 21.46 -20.33
C LEU B 361 12.34 22.32 -21.38
N ILE B 362 11.80 22.30 -22.59
CA ILE B 362 12.16 23.27 -23.66
C ILE B 362 10.95 24.18 -23.83
N ASN B 363 11.12 25.45 -23.52
CA ASN B 363 10.08 26.50 -23.59
C ASN B 363 10.69 27.67 -24.39
N ARG B 364 10.30 27.82 -25.65
CA ARG B 364 10.82 28.85 -26.60
C ARG B 364 12.34 28.72 -26.79
N GLY B 365 12.84 27.56 -27.19
CA GLY B 365 14.28 27.28 -27.45
C GLY B 365 15.18 27.28 -26.21
N GLU B 366 14.72 27.77 -25.05
CA GLU B 366 15.42 27.75 -23.74
C GLU B 366 15.20 26.40 -23.02
N ILE B 367 16.28 25.79 -22.55
CA ILE B 367 16.28 24.56 -21.70
C ILE B 367 16.14 25.02 -20.26
N ILE B 368 15.04 24.66 -19.60
CA ILE B 368 14.86 25.04 -18.17
C ILE B 368 14.65 23.79 -17.32
N PRO B 369 15.01 23.83 -16.03
CA PRO B 369 15.77 24.94 -15.44
C PRO B 369 17.23 24.95 -15.91
N MET B 370 18.02 25.86 -15.36
CA MET B 370 19.35 26.22 -15.89
C MET B 370 20.46 25.45 -15.18
N TRP B 371 20.43 25.32 -13.85
CA TRP B 371 21.52 24.69 -13.07
C TRP B 371 21.09 23.35 -12.49
N THR B 372 19.78 23.06 -12.47
CA THR B 372 19.26 21.85 -11.80
C THR B 372 18.16 21.26 -12.65
N PRO B 373 18.01 19.93 -12.60
CA PRO B 373 16.88 19.27 -13.25
C PRO B 373 15.64 19.40 -12.37
N ILE B 374 14.48 19.15 -12.99
CA ILE B 374 13.18 18.94 -12.30
C ILE B 374 13.14 17.51 -11.79
N ARG B 375 13.07 17.33 -10.48
CA ARG B 375 12.73 16.01 -9.89
C ARG B 375 11.29 15.66 -10.23
N VAL B 376 11.04 14.47 -10.77
CA VAL B 376 9.67 13.88 -10.87
C VAL B 376 9.71 12.63 -10.02
N PRO B 377 9.15 12.68 -8.79
CA PRO B 377 9.19 11.52 -7.88
C PRO B 377 8.53 10.29 -8.49
N PRO B 378 8.87 9.09 -7.99
CA PRO B 378 8.19 7.85 -8.40
C PRO B 378 6.69 7.90 -8.08
N ARG B 379 5.88 7.33 -8.97
CA ARG B 379 4.40 7.27 -8.83
C ARG B 379 3.83 8.65 -8.49
N TYR B 380 4.17 9.63 -9.31
CA TYR B 380 3.82 11.05 -9.07
C TYR B 380 3.66 11.75 -10.40
N ALA B 381 2.77 12.74 -10.39
CA ALA B 381 2.64 13.76 -11.44
C ALA B 381 2.80 15.14 -10.80
N LYS B 382 3.80 15.91 -11.24
CA LYS B 382 4.13 17.25 -10.70
C LYS B 382 3.52 18.32 -11.62
N ILE B 383 2.82 19.29 -11.04
CA ILE B 383 2.43 20.54 -11.75
C ILE B 383 3.59 21.54 -11.66
N VAL B 384 4.19 21.83 -12.81
CA VAL B 384 5.26 22.85 -12.98
C VAL B 384 4.61 24.13 -13.54
N LEU B 385 4.78 25.27 -12.88
CA LEU B 385 4.27 26.59 -13.38
C LEU B 385 5.33 27.24 -14.27
N LEU B 386 4.92 27.70 -15.45
CA LEU B 386 5.73 28.50 -16.41
C LEU B 386 5.06 29.85 -16.71
N ASP B 387 5.87 30.89 -16.88
CA ASP B 387 5.50 32.20 -17.51
C ASP B 387 4.31 32.81 -16.75
N LEU B 388 4.23 32.66 -15.44
CA LEU B 388 3.06 33.08 -14.64
C LEU B 388 3.18 34.60 -14.33
N VAL B 389 2.23 35.39 -14.82
CA VAL B 389 2.11 36.84 -14.53
C VAL B 389 1.46 36.98 -13.15
N VAL B 390 2.15 37.64 -12.23
CA VAL B 390 1.54 38.00 -10.92
C VAL B 390 0.85 39.35 -11.12
N GLU B 391 -0.47 39.32 -11.30
CA GLU B 391 -1.31 40.47 -11.76
C GLU B 391 -1.18 41.68 -10.83
N GLY B 392 -1.12 42.90 -11.39
CA GLY B 392 -0.98 44.19 -10.66
C GLY B 392 0.32 44.30 -9.87
N THR B 393 1.34 43.56 -10.27
CA THR B 393 2.71 43.60 -9.69
C THR B 393 3.69 43.65 -10.87
N PRO B 394 4.97 43.93 -10.62
CA PRO B 394 5.98 43.75 -11.67
C PRO B 394 6.57 42.33 -11.80
N PHE B 395 6.02 41.35 -11.08
CA PHE B 395 6.59 40.00 -10.96
C PHE B 395 5.98 39.05 -12.00
N LYS B 396 6.88 38.26 -12.59
CA LYS B 396 6.58 37.07 -13.42
C LYS B 396 7.39 35.90 -12.86
N LEU B 397 6.71 34.80 -12.56
CA LEU B 397 7.38 33.52 -12.26
C LEU B 397 7.69 32.83 -13.59
N VAL B 398 8.92 32.99 -14.08
CA VAL B 398 9.33 32.43 -15.39
C VAL B 398 9.19 30.89 -15.31
N TYR B 399 9.61 30.28 -14.19
CA TYR B 399 9.38 28.85 -13.89
C TYR B 399 9.66 28.60 -12.41
N THR B 400 9.10 27.53 -11.87
CA THR B 400 9.65 26.84 -10.68
C THR B 400 9.66 25.34 -10.97
N SER B 401 10.76 24.69 -10.61
CA SER B 401 10.90 23.22 -10.64
C SER B 401 10.26 22.66 -9.37
N GLY B 402 9.91 23.53 -8.43
CA GLY B 402 9.13 23.14 -7.23
C GLY B 402 7.66 23.11 -7.57
N GLU B 403 6.83 22.74 -6.60
CA GLU B 403 5.38 22.61 -6.82
C GLU B 403 4.66 23.72 -6.04
N ALA B 404 3.97 24.60 -6.76
CA ALA B 404 3.21 25.72 -6.18
C ALA B 404 1.97 25.16 -5.48
N LEU B 405 1.83 25.48 -4.19
CA LEU B 405 0.67 25.15 -3.35
C LEU B 405 -0.38 26.26 -3.43
N LEU B 406 0.02 27.53 -3.34
CA LEU B 406 -0.95 28.66 -3.21
C LEU B 406 -0.21 30.01 -3.40
N MET B 407 -1.00 31.05 -3.60
CA MET B 407 -0.55 32.44 -3.88
C MET B 407 -1.56 33.41 -3.27
N LYS B 408 -1.12 34.36 -2.43
CA LYS B 408 -2.01 35.22 -1.61
C LYS B 408 -1.48 36.65 -1.65
N ARG B 409 -2.37 37.62 -1.84
CA ARG B 409 -2.10 39.08 -1.74
C ARG B 409 -2.12 39.50 -0.26
N LEU B 410 -0.99 39.98 0.26
CA LEU B 410 -0.86 40.69 1.57
C LEU B 410 -0.32 42.11 1.33
N GLY B 411 -1.19 43.06 0.98
CA GLY B 411 -0.81 44.46 0.72
C GLY B 411 0.30 44.61 -0.33
N ASP B 412 1.51 44.95 0.10
CA ASP B 412 2.63 45.29 -0.80
C ASP B 412 3.32 43.98 -1.23
N THR B 413 2.95 42.85 -0.60
CA THR B 413 3.64 41.53 -0.77
C THR B 413 2.67 40.52 -1.37
N VAL B 414 3.14 39.76 -2.36
CA VAL B 414 2.45 38.51 -2.80
C VAL B 414 3.25 37.36 -2.24
N VAL B 415 2.58 36.45 -1.53
CA VAL B 415 3.21 35.24 -0.97
C VAL B 415 2.87 34.07 -1.89
N MET B 416 3.86 33.21 -2.16
CA MET B 416 3.65 31.89 -2.79
C MET B 416 4.35 30.85 -1.91
N ILE B 417 3.67 29.73 -1.69
CA ILE B 417 4.24 28.55 -1.03
C ILE B 417 4.55 27.55 -2.15
N ILE B 418 5.80 27.11 -2.18
CA ILE B 418 6.35 26.13 -3.16
C ILE B 418 6.94 24.96 -2.38
N TYR B 419 6.63 23.72 -2.75
CA TYR B 419 7.07 22.56 -1.96
C TYR B 419 7.90 21.61 -2.81
N GLY B 420 8.64 20.76 -2.09
CA GLY B 420 9.43 19.65 -2.65
C GLY B 420 9.69 18.60 -1.61
N ASP B 421 10.35 17.51 -1.98
CA ASP B 421 10.65 16.41 -1.03
C ASP B 421 11.89 16.84 -0.24
N HIS B 422 12.08 16.23 0.92
CA HIS B 422 13.34 16.24 1.69
C HIS B 422 14.52 15.98 0.75
N GLY B 423 15.45 16.94 0.66
CA GLY B 423 16.66 16.74 -0.15
C GLY B 423 16.49 17.14 -1.60
N GLU B 424 15.28 17.48 -2.03
CA GLU B 424 15.03 17.95 -3.42
C GLU B 424 15.70 19.33 -3.59
N TYR B 425 16.34 19.56 -4.72
CA TYR B 425 16.79 20.87 -5.19
C TYR B 425 15.71 21.43 -6.11
N THR B 426 15.22 22.64 -5.82
CA THR B 426 14.31 23.32 -6.76
C THR B 426 15.02 24.58 -7.27
N GLU B 427 14.58 25.06 -8.41
CA GLU B 427 15.10 26.29 -9.06
C GLU B 427 13.86 27.11 -9.50
N THR B 428 13.79 28.34 -9.03
CA THR B 428 12.73 29.33 -9.33
C THR B 428 13.37 30.57 -10.01
N ALA B 429 12.83 30.96 -11.16
CA ALA B 429 13.26 32.15 -11.92
C ALA B 429 12.15 33.20 -11.81
N VAL B 430 12.46 34.35 -11.19
CA VAL B 430 11.57 35.54 -11.06
C VAL B 430 12.09 36.67 -11.93
N GLU B 431 11.22 37.18 -12.79
CA GLU B 431 11.50 38.38 -13.61
C GLU B 431 10.76 39.57 -13.02
N VAL B 432 11.44 40.69 -12.81
CA VAL B 432 10.87 41.90 -12.15
C VAL B 432 10.96 43.08 -13.12
N GLU B 433 9.85 43.54 -13.67
CA GLU B 433 9.77 44.82 -14.48
C GLU B 433 10.45 45.96 -13.71
N GLY B 434 11.42 46.63 -14.35
CA GLY B 434 12.17 47.77 -13.79
C GLY B 434 13.33 47.32 -12.92
N GLY B 435 13.53 46.00 -12.81
CA GLY B 435 14.72 45.42 -12.17
C GLY B 435 14.49 44.95 -10.74
N VAL B 436 15.43 44.14 -10.27
CA VAL B 436 15.50 43.56 -8.90
C VAL B 436 16.23 44.56 -8.02
N LEU B 437 15.58 45.05 -6.97
CA LEU B 437 16.16 46.03 -6.02
C LEU B 437 17.02 45.28 -5.02
N ASP B 438 16.55 44.12 -4.56
CA ASP B 438 17.25 43.34 -3.51
C ASP B 438 16.55 41.98 -3.34
N VAL B 439 17.26 41.02 -2.74
CA VAL B 439 16.70 39.70 -2.31
C VAL B 439 17.13 39.45 -0.86
N ASP B 440 16.19 39.37 0.08
CA ASP B 440 16.43 38.95 1.48
C ASP B 440 16.16 37.45 1.57
N ILE B 441 17.03 36.69 2.22
CA ILE B 441 16.86 35.21 2.31
C ILE B 441 16.95 34.81 3.77
N GLN B 442 16.14 33.81 4.15
CA GLN B 442 16.24 33.08 5.42
C GLN B 442 16.34 31.59 5.11
N GLY B 443 17.40 30.99 5.60
CA GLY B 443 17.75 29.58 5.33
C GLY B 443 18.58 29.45 4.09
N ASP B 444 18.51 28.29 3.46
CA ASP B 444 19.49 27.79 2.46
C ASP B 444 18.88 28.10 1.09
N VAL B 445 19.09 29.34 0.62
CA VAL B 445 18.73 29.80 -0.74
C VAL B 445 19.96 30.39 -1.40
N LEU B 446 20.34 29.89 -2.57
CA LEU B 446 21.41 30.48 -3.40
C LEU B 446 20.75 31.31 -4.50
N ILE B 447 21.30 32.50 -4.75
CA ILE B 447 20.78 33.55 -5.65
C ILE B 447 21.77 33.76 -6.80
N ARG B 448 21.31 33.70 -8.03
CA ARG B 448 22.00 34.26 -9.21
C ARG B 448 21.15 35.44 -9.71
N ARG B 449 21.76 36.57 -9.97
CA ARG B 449 21.11 37.76 -10.60
C ARG B 449 21.63 37.90 -12.03
N GLU B 450 20.74 38.16 -12.97
CA GLU B 450 21.08 38.47 -14.38
C GLU B 450 19.94 39.31 -14.94
N GLY B 451 20.25 40.53 -15.42
CA GLY B 451 19.24 41.43 -16.00
C GLY B 451 18.19 41.72 -14.94
N GLU B 452 16.93 41.54 -15.30
CA GLU B 452 15.73 41.78 -14.45
C GLU B 452 15.36 40.49 -13.71
N ARG B 453 16.24 39.47 -13.70
CA ARG B 453 15.89 38.15 -13.13
C ARG B 453 16.60 37.88 -11.81
N ALA B 454 15.90 37.26 -10.87
CA ALA B 454 16.52 36.55 -9.74
C ALA B 454 16.26 35.05 -9.90
N TYR B 455 17.33 34.25 -9.87
CA TYR B 455 17.24 32.77 -9.86
C TYR B 455 17.50 32.28 -8.44
N LEU B 456 16.62 31.41 -7.94
CA LEU B 456 16.64 30.93 -6.55
C LEU B 456 16.76 29.40 -6.57
N VAL B 457 17.86 28.90 -6.03
CA VAL B 457 18.14 27.44 -5.95
C VAL B 457 18.01 27.08 -4.48
N VAL B 458 17.09 26.17 -4.15
CA VAL B 458 16.75 25.85 -2.73
C VAL B 458 16.90 24.35 -2.54
N ASN B 459 17.48 23.96 -1.39
CA ASN B 459 17.58 22.53 -0.96
C ASN B 459 16.50 22.35 0.11
N HIS B 460 15.41 21.64 -0.21
CA HIS B 460 14.20 21.50 0.65
C HIS B 460 14.51 20.65 1.88
N THR B 461 14.04 21.08 3.05
CA THR B 461 14.16 20.37 4.36
C THR B 461 12.80 20.35 5.09
N HIS B 462 12.80 19.78 6.31
CA HIS B 462 11.67 19.76 7.27
C HIS B 462 11.61 21.16 7.94
N GLY B 463 11.06 22.10 7.20
CA GLY B 463 11.14 23.53 7.53
C GLY B 463 10.93 24.35 6.29
N GLU B 464 10.96 25.67 6.44
CA GLU B 464 10.73 26.65 5.35
C GLU B 464 12.05 27.37 5.10
N HIS B 465 12.43 27.60 3.85
CA HIS B 465 13.37 28.66 3.45
C HIS B 465 12.50 29.79 2.87
N LEU B 466 12.88 31.04 3.16
CA LEU B 466 12.15 32.27 2.74
C LEU B 466 13.05 33.02 1.75
N ALA B 467 12.50 33.49 0.65
CA ALA B 467 13.15 34.48 -0.22
C ALA B 467 12.15 35.62 -0.46
N ILE B 468 12.56 36.87 -0.20
CA ILE B 468 11.78 38.08 -0.58
C ILE B 468 12.50 38.76 -1.75
N VAL B 469 11.90 38.76 -2.92
CA VAL B 469 12.43 39.50 -4.10
C VAL B 469 11.74 40.87 -4.06
N LYS B 470 12.52 41.94 -3.86
CA LYS B 470 12.01 43.33 -3.71
C LYS B 470 12.06 44.02 -5.07
N SER B 471 10.97 44.62 -5.51
CA SER B 471 10.94 45.44 -6.75
C SER B 471 11.36 46.90 -6.43
N THR B 472 11.54 47.72 -7.46
CA THR B 472 11.85 49.17 -7.33
C THR B 472 10.55 49.97 -7.10
N ARG B 473 9.38 49.32 -7.17
CA ARG B 473 8.04 49.99 -7.04
C ARG B 473 7.36 49.65 -5.70
N GLY B 474 8.15 49.19 -4.73
CA GLY B 474 7.74 48.91 -3.34
C GLY B 474 6.99 47.59 -3.18
N GLN B 475 6.68 46.88 -4.25
CA GLN B 475 5.98 45.56 -4.17
C GLN B 475 6.99 44.43 -4.06
N ASN B 476 6.72 43.46 -3.21
CA ASN B 476 7.61 42.32 -2.87
C ASN B 476 6.94 41.01 -3.26
N LEU B 477 7.77 40.02 -3.61
CA LEU B 477 7.37 38.61 -3.78
C LEU B 477 8.04 37.81 -2.68
N LEU B 478 7.23 37.22 -1.80
CA LEU B 478 7.68 36.35 -0.70
C LEU B 478 7.49 34.88 -1.14
N LEU B 479 8.58 34.17 -1.37
CA LEU B 479 8.57 32.70 -1.68
C LEU B 479 8.92 31.94 -0.41
N ILE B 480 8.02 31.03 -0.02
CA ILE B 480 8.18 30.09 1.13
C ILE B 480 8.33 28.69 0.54
N PHE B 481 9.50 28.11 0.73
CA PHE B 481 9.90 26.78 0.22
C PHE B 481 9.79 25.80 1.39
N THR B 482 8.87 24.85 1.29
CA THR B 482 8.53 23.93 2.40
C THR B 482 8.61 22.50 1.87
N CYS B 483 8.45 21.49 2.71
CA CYS B 483 8.42 20.10 2.23
C CYS B 483 6.97 19.74 1.89
N ARG B 484 6.81 18.64 1.14
CA ARG B 484 5.50 18.06 0.81
C ARG B 484 4.66 17.79 2.07
N CYS B 485 5.25 17.24 3.14
CA CYS B 485 4.52 16.92 4.41
C CYS B 485 3.94 18.20 5.04
N ARG B 486 4.68 19.31 5.08
CA ARG B 486 4.19 20.57 5.70
C ARG B 486 3.19 21.26 4.76
N ALA B 487 3.36 21.14 3.45
CA ALA B 487 2.35 21.62 2.49
C ALA B 487 0.99 20.93 2.74
N GLU B 488 1.02 19.62 2.96
CA GLU B 488 -0.17 18.81 3.27
C GLU B 488 -0.83 19.30 4.55
N LYS B 489 -0.07 19.87 5.50
CA LYS B 489 -0.58 20.36 6.80
C LYS B 489 -0.39 21.89 6.88
N THR B 490 -0.67 22.54 5.75
CA THR B 490 -0.85 24.00 5.62
C THR B 490 -2.34 24.25 5.70
N TRP B 491 -2.81 25.04 6.67
CA TRP B 491 -4.25 25.26 6.91
C TRP B 491 -4.55 26.75 6.71
N ILE B 492 -5.50 27.02 5.83
CA ILE B 492 -6.02 28.36 5.53
C ILE B 492 -7.26 28.58 6.41
N VAL B 493 -7.09 29.24 7.54
CA VAL B 493 -8.16 29.61 8.50
C VAL B 493 -8.74 30.99 8.08
N ASP B 494 -10.05 31.21 8.28
CA ASP B 494 -10.73 32.50 7.99
C ASP B 494 -10.41 32.89 6.54
N GLU B 495 -9.47 33.81 6.36
CA GLU B 495 -8.70 33.99 5.11
C GLU B 495 -7.26 34.38 5.50
N ASP B 496 -7.10 35.58 6.12
CA ASP B 496 -5.80 36.27 6.36
C ASP B 496 -5.06 35.60 7.53
N LEU B 497 -4.92 34.28 7.44
CA LEU B 497 -4.23 33.41 8.42
C LEU B 497 -3.96 32.07 7.72
N VAL B 498 -2.72 31.82 7.34
CA VAL B 498 -2.23 30.55 6.73
C VAL B 498 -1.26 29.96 7.75
N LEU B 499 -1.55 28.74 8.22
CA LEU B 499 -0.71 28.03 9.20
C LEU B 499 0.07 26.97 8.42
N ILE B 500 1.40 27.06 8.38
CA ILE B 500 2.27 26.01 7.81
C ILE B 500 2.77 25.20 9.02
N SER B 501 2.40 23.92 9.10
CA SER B 501 2.54 23.12 10.35
C SER B 501 2.80 21.65 10.05
N ASN B 502 2.88 20.85 11.12
CA ASN B 502 2.86 19.37 11.12
C ASN B 502 1.52 18.91 11.72
N ILE B 503 0.59 19.84 11.89
CA ILE B 503 -0.65 19.59 12.67
C ILE B 503 -1.60 18.73 11.83
N TYR B 504 -1.98 17.59 12.37
CA TYR B 504 -2.90 16.59 11.76
C TYR B 504 -4.17 17.28 11.21
N TYR B 505 -4.81 18.14 12.00
CA TYR B 505 -6.06 18.81 11.55
C TYR B 505 -6.27 20.13 12.29
N ILE B 506 -6.58 21.19 11.53
CA ILE B 506 -7.12 22.47 12.08
C ILE B 506 -8.60 22.54 11.73
N GLY B 507 -9.47 22.45 12.73
CA GLY B 507 -10.94 22.48 12.58
C GLY B 507 -11.50 23.90 12.69
N ASP B 508 -12.51 24.07 13.55
CA ASP B 508 -13.27 25.35 13.64
C ASP B 508 -12.33 26.47 14.09
N SER B 509 -12.55 27.64 13.52
CA SER B 509 -11.87 28.91 13.87
C SER B 509 -12.96 29.93 14.18
N ARG B 510 -12.69 30.83 15.11
CA ARG B 510 -13.66 31.89 15.49
C ARG B 510 -12.87 33.16 15.76
N ILE B 511 -13.15 34.21 14.98
CA ILE B 511 -12.54 35.55 15.16
C ILE B 511 -13.60 36.45 15.80
N ASP B 512 -13.59 36.50 17.14
CA ASP B 512 -14.33 37.51 17.95
C ASP B 512 -13.25 38.41 18.58
N GLU B 513 -13.57 39.09 19.69
CA GLU B 513 -12.68 40.07 20.39
C GLU B 513 -11.70 40.65 19.35
N GLY B 514 -10.43 40.82 19.71
CA GLY B 514 -9.28 40.92 18.78
C GLY B 514 -8.44 39.66 18.91
N LYS B 515 -9.09 38.49 18.79
CA LYS B 515 -8.52 37.14 19.07
C LYS B 515 -9.02 36.16 18.00
N VAL B 516 -8.14 35.31 17.50
CA VAL B 516 -8.54 34.13 16.68
C VAL B 516 -8.36 32.88 17.56
N VAL B 517 -9.44 32.10 17.72
CA VAL B 517 -9.42 30.81 18.46
C VAL B 517 -9.57 29.68 17.42
N ILE B 518 -8.61 28.76 17.38
CA ILE B 518 -8.50 27.64 16.40
C ILE B 518 -8.64 26.33 17.18
N ASN B 519 -9.45 25.40 16.70
CA ASN B 519 -9.57 24.04 17.29
C ASN B 519 -8.57 23.11 16.59
N ALA B 520 -7.45 22.79 17.21
CA ALA B 520 -6.44 21.88 16.60
C ALA B 520 -6.63 20.46 17.13
N GLU B 521 -6.44 19.48 16.25
CA GLU B 521 -6.40 18.05 16.59
C GLU B 521 -4.96 17.58 16.36
N LEU B 522 -4.25 17.23 17.42
CA LEU B 522 -2.82 16.80 17.42
C LEU B 522 -2.74 15.28 17.42
N ASP B 523 -2.11 14.69 16.39
CA ASP B 523 -1.66 13.27 16.42
C ASP B 523 -0.24 13.26 16.99
N GLU B 524 0.39 12.09 17.02
CA GLU B 524 1.78 11.85 17.47
C GLU B 524 2.79 12.80 16.80
N ASP B 525 2.58 13.15 15.52
CA ASP B 525 3.56 13.86 14.66
C ASP B 525 3.18 15.34 14.52
N SER B 526 2.24 15.85 15.32
CA SER B 526 1.64 17.21 15.12
C SER B 526 2.46 18.31 15.80
N CYS B 527 3.49 17.98 16.56
CA CYS B 527 4.28 18.98 17.32
C CYS B 527 5.44 19.56 16.49
N GLY B 528 6.15 20.52 17.07
CA GLY B 528 7.25 21.22 16.39
C GLY B 528 6.79 22.52 15.75
N ARG B 529 7.41 22.84 14.62
CA ARG B 529 7.48 24.19 14.02
C ARG B 529 6.12 24.52 13.41
N LEU B 530 5.59 25.69 13.77
CA LEU B 530 4.38 26.31 13.21
C LEU B 530 4.75 27.69 12.63
N LEU B 531 4.55 27.89 11.33
CA LEU B 531 4.66 29.22 10.67
C LEU B 531 3.28 29.82 10.51
N VAL B 532 3.14 31.11 10.82
CA VAL B 532 1.88 31.87 10.64
C VAL B 532 2.17 32.95 9.59
N VAL B 533 1.46 32.89 8.48
CA VAL B 533 1.60 33.87 7.36
C VAL B 533 0.34 34.72 7.44
N THR B 534 0.49 36.00 7.78
CA THR B 534 -0.69 36.89 8.02
C THR B 534 -0.28 38.36 7.86
N SER B 535 -1.21 39.20 7.42
CA SER B 535 -1.09 40.68 7.46
C SER B 535 -1.44 41.19 8.86
N ARG B 536 -2.20 40.42 9.63
CA ARG B 536 -2.55 40.78 11.03
C ARG B 536 -1.25 40.85 11.85
N GLU B 537 -1.19 41.77 12.81
CA GLU B 537 -0.13 41.86 13.85
C GLU B 537 -0.41 40.72 14.84
N ILE B 538 0.55 39.83 15.08
CA ILE B 538 0.42 38.74 16.08
C ILE B 538 1.24 39.16 17.30
N GLU B 539 0.55 39.37 18.42
CA GLU B 539 1.14 39.80 19.72
C GLU B 539 1.55 38.58 20.53
N ALA B 540 0.70 37.54 20.56
CA ALA B 540 0.95 36.31 21.34
C ALA B 540 0.20 35.13 20.72
N ILE B 541 0.76 33.93 20.87
CA ILE B 541 0.07 32.65 20.56
C ILE B 541 0.03 31.81 21.84
N SER B 542 -1.15 31.32 22.21
CA SER B 542 -1.36 30.49 23.42
C SER B 542 -1.92 29.12 23.03
N LEU B 543 -1.48 28.07 23.73
CA LEU B 543 -1.95 26.67 23.56
C LEU B 543 -2.37 26.20 24.94
N GLU B 544 -3.69 26.15 25.15
CA GLU B 544 -4.35 26.03 26.49
C GLU B 544 -3.79 27.17 27.35
N ASP B 545 -3.26 26.91 28.53
CA ASP B 545 -2.76 28.03 29.39
C ASP B 545 -1.53 28.67 28.72
N LEU B 546 -0.64 27.84 28.14
CA LEU B 546 0.79 28.09 27.83
C LEU B 546 0.95 29.20 26.77
N ASP B 547 1.80 30.18 27.03
CA ASP B 547 2.23 31.22 26.07
C ASP B 547 3.44 30.68 25.30
N LEU B 548 3.37 30.65 23.95
CA LEU B 548 4.43 30.01 23.10
C LEU B 548 5.46 31.07 22.75
N ASP B 549 6.69 30.63 22.51
CA ASP B 549 7.79 31.44 21.95
C ASP B 549 7.33 31.98 20.59
N LEU B 550 7.58 33.26 20.32
CA LEU B 550 7.08 33.92 19.10
C LEU B 550 8.24 34.69 18.49
N THR B 551 8.62 34.34 17.27
CA THR B 551 9.68 35.01 16.49
C THR B 551 9.02 35.62 15.24
N ARG B 552 9.38 36.86 14.91
CA ARG B 552 9.04 37.50 13.62
C ARG B 552 10.15 37.17 12.64
N LEU B 553 9.88 36.37 11.60
CA LEU B 553 10.93 35.91 10.65
C LEU B 553 11.11 36.97 9.56
N SER B 554 10.04 37.65 9.22
CA SER B 554 10.02 38.72 8.19
C SER B 554 8.67 39.43 8.31
N LYS B 555 8.36 40.36 7.43
CA LYS B 555 6.99 40.92 7.40
C LYS B 555 6.08 39.82 6.85
N TYR B 556 5.01 39.59 7.61
CA TYR B 556 3.89 38.67 7.32
C TYR B 556 4.20 37.26 7.78
N VAL B 557 5.34 37.00 8.39
CA VAL B 557 5.71 35.61 8.78
C VAL B 557 6.17 35.54 10.24
N TYR B 558 5.49 34.72 11.03
CA TYR B 558 5.83 34.43 12.44
C TYR B 558 6.13 32.94 12.57
N ALA B 559 7.06 32.63 13.45
CA ALA B 559 7.43 31.26 13.83
C ALA B 559 7.15 31.07 15.32
N THR B 560 6.65 29.89 15.66
CA THR B 560 6.47 29.36 17.03
C THR B 560 6.66 27.84 16.95
N HIS B 561 6.56 27.13 18.07
CA HIS B 561 6.65 25.66 18.14
C HIS B 561 5.67 25.16 19.21
N ILE B 562 5.05 24.03 18.94
CA ILE B 562 4.30 23.24 19.94
C ILE B 562 5.28 22.24 20.54
N PRO B 563 5.51 22.25 21.88
CA PRO B 563 6.51 21.34 22.46
C PRO B 563 6.25 19.86 22.14
N LEU B 564 7.31 19.07 21.97
CA LEU B 564 7.22 17.64 21.57
C LEU B 564 6.46 16.81 22.65
N SER B 565 6.40 17.28 23.90
CA SER B 565 5.72 16.60 25.04
C SER B 565 4.19 16.60 24.89
N MET B 566 3.59 17.56 24.16
CA MET B 566 2.10 17.72 24.07
C MET B 566 1.46 16.74 23.04
N CYS B 567 2.28 15.90 22.39
CA CYS B 567 1.87 14.89 21.38
C CYS B 567 2.01 13.49 22.03
N ARG B 568 0.90 12.77 22.23
CA ARG B 568 0.88 11.45 22.93
C ARG B 568 0.65 10.33 21.91
N SER B 569 1.09 9.10 22.21
CA SER B 569 0.97 7.85 21.39
C SER B 569 -0.09 6.89 21.99
N GLY B 570 -1.12 7.43 22.67
CA GLY B 570 -2.20 6.66 23.33
C GLY B 570 -3.01 5.77 22.38
N LYS B 571 -3.37 4.56 22.83
CA LYS B 571 -4.40 3.70 22.19
C LYS B 571 -4.92 2.65 23.19
N ASN B 572 -6.22 2.70 23.52
CA ASN B 572 -6.88 1.90 24.58
C ASN B 572 -7.86 0.87 24.01
N THR B 573 -8.04 -0.25 24.71
CA THR B 573 -9.07 -1.29 24.45
C THR B 573 -9.97 -1.40 25.70
N TYR B 574 -11.26 -1.67 25.54
CA TYR B 574 -12.23 -1.70 26.66
C TYR B 574 -12.99 -3.03 26.60
N HIS B 575 -12.95 -3.79 27.70
CA HIS B 575 -13.43 -5.20 27.79
C HIS B 575 -14.77 -5.25 28.52
N PRO B 576 -15.71 -6.15 28.14
CA PRO B 576 -16.97 -6.30 28.86
C PRO B 576 -16.78 -6.75 30.32
N LEU B 577 -17.69 -6.37 31.20
CA LEU B 577 -17.67 -6.76 32.63
C LEU B 577 -18.15 -8.21 32.74
N GLU B 578 -19.01 -8.62 31.82
CA GLU B 578 -19.75 -9.91 31.88
C GLU B 578 -20.66 -10.00 30.65
N TYR B 579 -21.14 -11.21 30.41
CA TYR B 579 -22.02 -11.61 29.29
C TYR B 579 -23.27 -12.27 29.88
N ARG B 580 -24.45 -11.82 29.44
CA ARG B 580 -25.77 -12.43 29.74
C ARG B 580 -26.43 -12.88 28.43
N LEU B 581 -27.01 -14.09 28.43
CA LEU B 581 -27.72 -14.78 27.32
C LEU B 581 -29.23 -14.73 27.53
N LEU B 582 -30.00 -14.53 26.48
CA LEU B 582 -31.47 -14.66 26.55
C LEU B 582 -31.98 -15.11 25.18
N GLU B 583 -32.64 -16.27 25.12
CA GLU B 583 -33.20 -16.84 23.87
C GLU B 583 -34.38 -16.00 23.40
N ASP B 584 -34.40 -15.65 22.11
CA ASP B 584 -35.53 -14.90 21.50
C ASP B 584 -36.64 -15.93 21.31
N PRO B 585 -37.87 -15.68 21.81
CA PRO B 585 -39.02 -16.56 21.54
C PRO B 585 -39.33 -16.67 20.03
N VAL B 586 -38.90 -15.66 19.24
CA VAL B 586 -38.93 -15.63 17.74
C VAL B 586 -40.36 -15.26 17.31
N PHE B 587 -41.33 -16.12 17.59
CA PHE B 587 -42.74 -15.89 17.15
C PHE B 587 -43.36 -14.73 17.90
N HIS B 588 -44.12 -13.91 17.19
CA HIS B 588 -44.87 -12.75 17.72
C HIS B 588 -46.18 -12.59 16.92
N THR B 589 -46.12 -12.20 15.63
CA THR B 589 -47.31 -11.91 14.78
C THR B 589 -47.17 -12.68 13.46
N LEU B 590 -48.02 -13.70 13.25
CA LEU B 590 -48.03 -14.55 12.02
C LEU B 590 -49.36 -14.40 11.28
N THR B 591 -49.29 -14.28 9.95
CA THR B 591 -50.46 -14.10 9.07
C THR B 591 -50.33 -15.03 7.86
N SER B 592 -51.46 -15.58 7.42
CA SER B 592 -51.58 -16.42 6.20
C SER B 592 -50.97 -15.67 5.02
N ILE B 593 -50.39 -16.40 4.09
CA ILE B 593 -49.90 -15.81 2.82
C ILE B 593 -49.93 -16.94 1.79
N ASN B 594 -50.31 -16.62 0.56
CA ASN B 594 -50.29 -17.60 -0.55
C ASN B 594 -48.87 -18.14 -0.67
N PRO B 595 -48.70 -19.45 -0.94
CA PRO B 595 -47.37 -20.01 -1.17
C PRO B 595 -46.56 -19.24 -2.24
N SER B 596 -45.29 -18.94 -1.96
CA SER B 596 -44.35 -18.30 -2.92
C SER B 596 -44.77 -16.88 -3.29
N SER B 597 -45.67 -16.27 -2.52
CA SER B 597 -46.16 -14.91 -2.82
C SER B 597 -45.08 -13.91 -2.38
N PRO B 598 -44.56 -13.09 -3.32
CA PRO B 598 -43.48 -12.14 -3.02
C PRO B 598 -43.86 -11.15 -1.92
N LEU B 599 -43.04 -11.00 -0.90
CA LEU B 599 -43.33 -10.16 0.29
C LEU B 599 -43.82 -8.75 -0.12
N GLU B 600 -43.14 -8.07 -1.03
CA GLU B 600 -43.49 -6.68 -1.41
C GLU B 600 -44.92 -6.62 -2.00
N LYS B 601 -45.40 -7.68 -2.64
CA LYS B 601 -46.78 -7.71 -3.22
C LYS B 601 -47.82 -7.99 -2.13
N ASN B 602 -47.39 -8.34 -0.90
CA ASN B 602 -48.26 -8.51 0.27
C ASN B 602 -48.03 -7.40 1.29
N GLY B 603 -47.56 -6.23 0.86
CA GLY B 603 -47.49 -5.02 1.73
C GLY B 603 -46.23 -4.91 2.59
N PHE B 604 -45.27 -5.85 2.52
CA PHE B 604 -43.97 -5.83 3.26
C PHE B 604 -42.87 -5.16 2.42
N TYR B 605 -42.50 -3.93 2.79
CA TYR B 605 -41.56 -3.06 2.04
C TYR B 605 -40.19 -2.97 2.73
N GLU B 606 -40.01 -3.56 3.92
CA GLU B 606 -38.73 -3.46 4.69
C GLU B 606 -37.87 -4.68 4.36
N ASN B 607 -36.55 -4.53 4.46
CA ASN B 607 -35.61 -5.68 4.43
C ASN B 607 -35.51 -6.16 5.88
N GLY B 608 -34.40 -6.78 6.26
CA GLY B 608 -34.21 -7.30 7.62
C GLY B 608 -34.77 -8.69 7.76
N ILE B 609 -35.24 -9.02 8.96
CA ILE B 609 -35.59 -10.41 9.38
C ILE B 609 -37.08 -10.64 9.16
N TYR B 610 -37.38 -11.81 8.62
CA TYR B 610 -38.73 -12.41 8.43
C TYR B 610 -38.72 -13.85 8.96
N VAL B 611 -39.87 -14.29 9.49
CA VAL B 611 -40.06 -15.71 9.89
C VAL B 611 -41.25 -16.31 9.11
N TYR B 612 -41.01 -17.44 8.44
CA TYR B 612 -42.07 -18.25 7.83
C TYR B 612 -42.30 -19.48 8.72
N ARG B 613 -43.57 -19.85 8.87
CA ARG B 613 -44.02 -21.18 9.38
C ARG B 613 -44.68 -21.89 8.19
N LEU B 614 -44.14 -23.01 7.71
CA LEU B 614 -44.74 -23.78 6.60
C LEU B 614 -45.33 -25.06 7.19
N ARG B 615 -46.59 -25.36 6.85
CA ARG B 615 -47.33 -26.59 7.22
C ARG B 615 -47.41 -27.45 5.96
N LEU B 616 -46.54 -28.45 5.84
CA LEU B 616 -46.32 -29.20 4.59
C LEU B 616 -46.83 -30.64 4.75
N HIS B 617 -47.56 -31.15 3.75
CA HIS B 617 -48.28 -32.46 3.79
C HIS B 617 -47.54 -33.51 2.96
N LEU B 618 -47.12 -34.59 3.63
CA LEU B 618 -46.64 -35.84 3.01
C LEU B 618 -47.53 -37.00 3.46
N ASP B 619 -47.86 -37.91 2.53
CA ASP B 619 -48.69 -39.12 2.77
C ASP B 619 -47.87 -40.37 2.44
N LYS B 620 -48.46 -41.54 2.71
CA LYS B 620 -47.85 -42.88 2.57
C LYS B 620 -47.05 -42.95 1.25
N LYS B 621 -47.73 -42.73 0.13
CA LYS B 621 -47.26 -43.08 -1.24
C LYS B 621 -45.96 -42.33 -1.59
N GLN B 622 -45.81 -41.07 -1.16
CA GLN B 622 -44.68 -40.19 -1.57
C GLN B 622 -43.46 -40.47 -0.66
N LEU B 623 -43.66 -40.52 0.67
CA LEU B 623 -42.62 -41.03 1.61
C LEU B 623 -42.25 -42.46 1.22
N GLY B 624 -43.25 -43.29 0.91
CA GLY B 624 -43.11 -44.65 0.40
C GLY B 624 -42.14 -44.70 -0.77
N ASP B 625 -42.40 -43.90 -1.81
CA ASP B 625 -41.72 -43.97 -3.15
C ASP B 625 -40.43 -43.13 -3.21
N LEU B 626 -40.09 -42.35 -2.17
CA LEU B 626 -38.90 -41.43 -2.15
C LEU B 626 -37.63 -42.13 -2.68
N LEU B 627 -36.98 -41.58 -3.71
CA LEU B 627 -35.73 -42.16 -4.27
C LEU B 627 -34.48 -41.56 -3.58
N ASP B 628 -34.60 -40.43 -2.87
CA ASP B 628 -33.46 -39.70 -2.25
C ASP B 628 -34.01 -38.83 -1.11
N LYS B 629 -33.25 -38.71 -0.02
CA LYS B 629 -33.74 -38.24 1.30
C LYS B 629 -33.22 -36.81 1.57
N HIS B 630 -33.41 -35.90 0.60
CA HIS B 630 -32.99 -34.48 0.68
C HIS B 630 -34.22 -33.59 0.45
N LEU B 631 -34.48 -32.64 1.35
CA LEU B 631 -35.47 -31.54 1.17
C LEU B 631 -34.73 -30.30 0.64
N ALA B 632 -35.29 -29.53 -0.29
CA ALA B 632 -34.65 -28.31 -0.82
C ALA B 632 -35.57 -27.11 -0.60
N LEU B 633 -35.06 -26.02 0.01
CA LEU B 633 -35.71 -24.68 -0.02
C LEU B 633 -35.02 -23.87 -1.11
N ILE B 634 -35.78 -23.43 -2.09
CA ILE B 634 -35.25 -22.97 -3.40
C ILE B 634 -35.89 -21.62 -3.69
N GLY B 635 -35.08 -20.60 -3.91
CA GLY B 635 -35.52 -19.28 -4.41
C GLY B 635 -35.98 -18.42 -3.26
N PHE B 636 -35.02 -17.87 -2.47
CA PHE B 636 -35.31 -16.83 -1.45
C PHE B 636 -34.19 -15.79 -1.44
N SER B 637 -34.56 -14.58 -1.06
CA SER B 637 -33.67 -13.43 -0.75
C SER B 637 -33.71 -13.19 0.76
N ASP B 638 -32.58 -13.37 1.49
CA ASP B 638 -31.30 -13.78 0.98
C ASP B 638 -30.75 -15.00 1.74
N TYR B 639 -30.78 -14.98 3.07
CA TYR B 639 -30.10 -15.98 3.94
C TYR B 639 -31.15 -16.59 4.85
N ALA B 640 -31.18 -17.91 4.97
CA ALA B 640 -32.20 -18.55 5.86
C ALA B 640 -31.56 -19.58 6.77
N VAL B 641 -32.14 -19.73 7.95
CA VAL B 641 -31.91 -20.89 8.86
C VAL B 641 -33.23 -21.66 8.98
N VAL B 642 -33.18 -22.96 8.70
CA VAL B 642 -34.35 -23.84 8.49
C VAL B 642 -34.33 -24.92 9.55
N SER B 643 -35.45 -25.04 10.27
CA SER B 643 -35.76 -26.12 11.25
C SER B 643 -36.98 -26.91 10.75
N ILE B 644 -36.95 -28.23 10.93
CA ILE B 644 -38.03 -29.16 10.48
C ILE B 644 -38.53 -29.95 11.70
N ASN B 645 -39.79 -29.76 12.08
CA ASN B 645 -40.38 -30.48 13.22
C ASN B 645 -39.49 -30.23 14.44
N ASN B 646 -39.10 -28.97 14.65
CA ASN B 646 -38.36 -28.45 15.83
C ASN B 646 -36.93 -29.01 15.89
N GLU B 647 -36.39 -29.51 14.78
CA GLU B 647 -35.01 -30.04 14.65
C GLU B 647 -34.25 -29.22 13.58
N TYR B 648 -33.12 -28.60 13.93
CA TYR B 648 -32.30 -27.80 12.98
C TYR B 648 -32.00 -28.68 11.75
N ALA B 649 -32.16 -28.14 10.55
CA ALA B 649 -31.96 -28.88 9.29
C ALA B 649 -30.84 -28.24 8.44
N GLY B 650 -30.78 -26.91 8.31
CA GLY B 650 -29.73 -26.31 7.43
C GLY B 650 -29.83 -24.80 7.30
N SER B 651 -28.92 -24.22 6.52
CA SER B 651 -28.83 -22.75 6.32
C SER B 651 -27.96 -22.42 5.11
N GLY B 652 -28.02 -21.18 4.67
CA GLY B 652 -27.30 -20.74 3.47
C GLY B 652 -28.10 -19.70 2.72
N TYR B 653 -27.52 -19.25 1.60
CA TYR B 653 -28.05 -18.19 0.70
C TYR B 653 -28.87 -18.84 -0.42
N HIS B 654 -30.07 -18.31 -0.68
CA HIS B 654 -30.80 -18.44 -1.96
C HIS B 654 -31.37 -19.85 -2.20
N TYR B 655 -30.63 -20.90 -1.86
CA TYR B 655 -30.89 -22.30 -2.27
C TYR B 655 -30.19 -23.25 -1.29
N ILE B 656 -30.94 -23.99 -0.47
CA ILE B 656 -30.44 -24.92 0.60
C ILE B 656 -30.98 -26.35 0.34
N GLU B 657 -30.08 -27.35 0.46
CA GLU B 657 -30.34 -28.81 0.49
C GLU B 657 -30.16 -29.33 1.92
N MET B 658 -31.23 -29.84 2.54
CA MET B 658 -31.28 -30.36 3.92
C MET B 658 -31.53 -31.88 3.92
N SER B 659 -31.36 -32.51 5.08
CA SER B 659 -31.76 -33.91 5.37
C SER B 659 -33.29 -34.00 5.54
N ALA B 660 -33.89 -35.03 4.96
CA ALA B 660 -35.36 -35.28 4.98
C ALA B 660 -35.78 -36.08 6.23
N ASP B 661 -34.81 -36.60 7.01
CA ASP B 661 -35.04 -37.61 8.09
C ASP B 661 -36.05 -37.10 9.11
N SER B 662 -36.07 -35.81 9.41
CA SER B 662 -37.03 -35.18 10.36
C SER B 662 -38.47 -35.26 9.82
N LEU B 663 -38.67 -35.65 8.55
CA LEU B 663 -40.01 -35.76 7.92
C LEU B 663 -40.76 -36.99 8.43
N ARG B 664 -42.05 -36.79 8.77
CA ARG B 664 -43.07 -37.80 9.15
C ARG B 664 -44.17 -37.84 8.08
N GLU B 665 -44.99 -38.90 8.09
CA GLU B 665 -46.31 -38.95 7.40
C GLU B 665 -47.24 -37.91 8.06
N GLY B 666 -48.11 -37.28 7.28
CA GLY B 666 -49.04 -36.25 7.78
C GLY B 666 -48.42 -34.88 7.70
N VAL B 667 -48.71 -34.02 8.67
CA VAL B 667 -48.26 -32.60 8.64
C VAL B 667 -46.82 -32.51 9.21
N ASN B 668 -45.94 -31.77 8.53
CA ASN B 668 -44.57 -31.39 8.99
C ASN B 668 -44.53 -29.86 9.17
N GLU B 669 -44.01 -29.39 10.29
CA GLU B 669 -43.82 -27.92 10.54
C GLU B 669 -42.39 -27.55 10.13
N VAL B 670 -42.26 -26.60 9.21
CA VAL B 670 -40.95 -26.00 8.80
C VAL B 670 -40.93 -24.54 9.27
N THR B 671 -39.91 -24.16 10.05
CA THR B 671 -39.63 -22.78 10.50
C THR B 671 -38.49 -22.24 9.63
N VAL B 672 -38.70 -21.08 9.01
CA VAL B 672 -37.64 -20.39 8.22
C VAL B 672 -37.41 -19.03 8.85
N ILE B 673 -36.22 -18.83 9.44
CA ILE B 673 -35.76 -17.50 9.91
C ILE B 673 -34.83 -16.97 8.81
N LEU B 674 -35.26 -15.89 8.19
CA LEU B 674 -34.72 -15.43 6.90
C LEU B 674 -34.28 -13.97 7.08
N GLU B 675 -33.11 -13.61 6.52
CA GLU B 675 -32.63 -12.21 6.45
C GLU B 675 -32.58 -11.78 4.98
N SER B 676 -33.20 -10.63 4.70
CA SER B 676 -33.01 -9.86 3.45
C SER B 676 -31.96 -8.78 3.75
N THR B 677 -30.83 -8.81 3.03
CA THR B 677 -29.67 -7.93 3.22
C THR B 677 -29.89 -6.66 2.43
N GLY B 678 -31.07 -6.54 1.82
CA GLY B 678 -31.41 -5.43 0.94
C GLY B 678 -31.56 -5.91 -0.49
N HIS B 679 -32.23 -5.10 -1.30
CA HIS B 679 -32.36 -5.36 -2.75
C HIS B 679 -31.07 -4.92 -3.46
N PRO B 680 -30.81 -5.42 -4.71
CA PRO B 680 -29.65 -5.00 -5.47
C PRO B 680 -29.76 -3.51 -5.80
N ASN B 681 -28.67 -2.94 -6.32
CA ASN B 681 -28.61 -1.50 -6.65
C ASN B 681 -28.51 -1.34 -8.18
N ASP B 682 -29.08 -2.25 -8.97
CA ASP B 682 -29.12 -2.14 -10.47
C ASP B 682 -30.29 -1.24 -10.92
N GLY B 683 -31.40 -1.26 -10.21
CA GLY B 683 -32.56 -0.38 -10.45
C GLY B 683 -33.50 -0.83 -11.56
N LEU B 684 -33.31 -2.02 -12.15
CA LEU B 684 -34.13 -2.49 -13.32
C LEU B 684 -35.00 -3.69 -12.94
N LEU B 685 -34.44 -4.68 -12.23
CA LEU B 685 -35.06 -5.99 -11.95
C LEU B 685 -35.74 -6.00 -10.57
N TYR B 686 -36.67 -6.95 -10.41
CA TYR B 686 -37.45 -7.15 -9.15
C TYR B 686 -36.94 -8.46 -8.58
N VAL B 687 -36.10 -8.37 -7.56
CA VAL B 687 -35.55 -9.54 -6.82
C VAL B 687 -36.31 -9.52 -5.51
N PRO B 688 -37.33 -10.38 -5.38
CA PRO B 688 -38.23 -10.29 -4.25
C PRO B 688 -37.57 -10.74 -2.92
N ASN B 689 -37.81 -9.98 -1.86
CA ASN B 689 -37.53 -10.38 -0.46
C ASN B 689 -38.30 -11.67 -0.13
N GLY B 690 -37.65 -12.57 0.62
CA GLY B 690 -38.29 -13.77 1.17
C GLY B 690 -38.36 -14.89 0.15
N ILE B 691 -39.29 -15.81 0.30
CA ILE B 691 -39.35 -17.04 -0.54
C ILE B 691 -40.28 -16.74 -1.70
N TYR B 692 -39.68 -16.64 -2.90
CA TYR B 692 -40.39 -16.47 -4.20
C TYR B 692 -40.43 -17.84 -4.90
N GLY B 693 -39.61 -18.79 -4.49
CA GLY B 693 -39.46 -20.12 -5.10
C GLY B 693 -40.36 -21.12 -4.36
N GLY B 694 -39.84 -22.28 -3.92
CA GLY B 694 -40.67 -23.20 -3.14
C GLY B 694 -39.89 -24.32 -2.48
N VAL B 695 -40.60 -25.30 -1.95
CA VAL B 695 -40.00 -26.49 -1.29
C VAL B 695 -40.13 -27.68 -2.24
N TYR B 696 -39.01 -28.37 -2.48
CA TYR B 696 -38.91 -29.56 -3.37
C TYR B 696 -38.38 -30.72 -2.55
N LEU B 697 -38.52 -31.96 -3.04
CA LEU B 697 -38.18 -33.18 -2.26
C LEU B 697 -37.69 -34.32 -3.17
N GLY B 698 -36.62 -34.97 -2.75
CA GLY B 698 -35.91 -36.03 -3.47
C GLY B 698 -35.16 -35.49 -4.66
N ARG B 699 -33.85 -35.26 -4.53
CA ARG B 699 -32.99 -34.94 -5.69
C ARG B 699 -32.79 -36.26 -6.43
N VAL B 700 -33.15 -36.29 -7.70
CA VAL B 700 -33.18 -37.51 -8.55
C VAL B 700 -32.05 -37.38 -9.58
N GLY B 701 -31.62 -36.15 -9.85
CA GLY B 701 -30.35 -35.90 -10.55
C GLY B 701 -30.13 -34.43 -10.80
N GLU B 702 -29.34 -34.14 -11.81
CA GLU B 702 -28.99 -32.78 -12.23
C GLU B 702 -28.56 -32.83 -13.68
N ILE B 703 -28.74 -31.72 -14.37
CA ILE B 703 -28.31 -31.52 -15.77
C ILE B 703 -27.39 -30.29 -15.77
N ARG B 704 -26.11 -30.52 -16.04
CA ARG B 704 -25.06 -29.49 -16.11
C ARG B 704 -25.08 -28.93 -17.52
N LEU B 705 -25.31 -27.63 -17.68
CA LEU B 705 -25.20 -26.96 -19.01
C LEU B 705 -23.72 -26.62 -19.23
N TYR B 706 -22.93 -27.61 -19.68
CA TYR B 706 -21.45 -27.57 -19.87
C TYR B 706 -21.05 -26.51 -20.90
N LYS B 707 -21.49 -26.70 -22.16
CA LYS B 707 -20.96 -26.03 -23.38
C LYS B 707 -22.06 -25.27 -24.11
N TRP B 708 -21.73 -24.10 -24.61
CA TRP B 708 -22.69 -23.12 -25.17
C TRP B 708 -22.21 -22.71 -26.57
N ARG B 709 -23.12 -22.50 -27.51
CA ARG B 709 -22.78 -21.84 -28.80
C ARG B 709 -23.06 -20.36 -28.64
N LYS B 710 -22.00 -19.54 -28.63
CA LYS B 710 -22.13 -18.07 -28.61
C LYS B 710 -22.43 -17.63 -30.03
N THR B 711 -23.47 -16.83 -30.20
CA THR B 711 -23.92 -16.27 -31.49
C THR B 711 -23.82 -14.76 -31.36
N GLY B 712 -23.31 -14.07 -32.38
CA GLY B 712 -23.48 -12.62 -32.53
C GLY B 712 -24.93 -12.28 -32.26
N PHE B 713 -25.15 -11.30 -31.40
CA PHE B 713 -26.45 -10.58 -31.24
C PHE B 713 -26.11 -9.18 -30.70
N GLU B 714 -26.76 -8.17 -31.25
CA GLU B 714 -26.49 -6.75 -30.87
C GLU B 714 -27.73 -6.17 -30.23
N ILE B 715 -27.58 -5.69 -28.99
CA ILE B 715 -28.64 -4.90 -28.33
C ILE B 715 -28.52 -3.51 -28.94
N PRO B 716 -29.59 -2.97 -29.55
CA PRO B 716 -29.51 -1.66 -30.21
C PRO B 716 -29.47 -0.49 -29.23
N TYR B 717 -28.47 -0.45 -28.35
CA TYR B 717 -28.19 0.70 -27.45
C TYR B 717 -28.13 1.97 -28.31
N GLY B 718 -28.69 3.06 -27.82
CA GLY B 718 -28.75 4.31 -28.58
C GLY B 718 -29.80 5.25 -28.01
N PRO B 719 -29.88 6.47 -28.54
CA PRO B 719 -30.79 7.48 -28.00
C PRO B 719 -32.27 7.06 -27.99
N GLY B 720 -32.67 6.16 -28.91
CA GLY B 720 -34.05 5.64 -29.00
C GLY B 720 -34.32 4.41 -28.14
N PHE B 721 -33.29 3.73 -27.62
CA PHE B 721 -33.42 2.45 -26.88
C PHE B 721 -33.95 2.70 -25.46
N ASP B 722 -34.83 1.80 -25.00
CA ASP B 722 -35.43 1.76 -23.65
C ASP B 722 -35.09 0.39 -23.05
N LEU B 723 -34.14 0.29 -22.10
CA LEU B 723 -33.68 -1.05 -21.67
C LEU B 723 -34.81 -1.78 -20.92
N ALA B 724 -35.60 -1.04 -20.11
CA ALA B 724 -36.71 -1.61 -19.30
C ALA B 724 -37.72 -2.26 -20.27
N GLU B 725 -38.01 -1.57 -21.39
CA GLU B 725 -38.97 -2.07 -22.42
C GLU B 725 -38.40 -3.35 -23.02
N PHE B 726 -37.09 -3.38 -23.31
CA PHE B 726 -36.40 -4.56 -23.89
C PHE B 726 -36.37 -5.76 -22.93
N ILE B 727 -36.08 -5.56 -21.64
CA ILE B 727 -36.09 -6.65 -20.61
C ILE B 727 -37.52 -7.23 -20.50
N ALA B 728 -38.53 -6.36 -20.44
CA ALA B 728 -39.94 -6.81 -20.31
C ALA B 728 -40.45 -7.47 -21.62
N ASN B 729 -39.89 -7.16 -22.80
CA ASN B 729 -40.42 -7.66 -24.11
C ASN B 729 -39.27 -7.83 -25.10
N PRO B 730 -38.48 -8.92 -24.98
CA PRO B 730 -37.30 -9.07 -25.83
C PRO B 730 -37.57 -9.71 -27.21
N GLU B 731 -38.61 -9.20 -27.90
CA GLU B 731 -39.09 -9.66 -29.24
C GLU B 731 -37.92 -9.87 -30.21
N PRO B 732 -36.97 -8.92 -30.34
CA PRO B 732 -35.80 -9.11 -31.21
C PRO B 732 -34.96 -10.37 -30.92
N VAL B 733 -34.99 -10.86 -29.67
CA VAL B 733 -34.25 -12.08 -29.25
C VAL B 733 -35.08 -13.30 -29.63
N ILE B 734 -36.38 -13.27 -29.33
CA ILE B 734 -37.35 -14.32 -29.76
C ILE B 734 -37.13 -14.54 -31.26
N LYS B 735 -37.13 -13.44 -32.03
CA LYS B 735 -36.90 -13.41 -33.50
C LYS B 735 -35.59 -14.12 -33.85
N ALA B 736 -34.45 -13.70 -33.26
CA ALA B 736 -33.11 -14.29 -33.52
C ALA B 736 -33.11 -15.79 -33.20
N LEU B 737 -33.87 -16.21 -32.19
CA LEU B 737 -33.92 -17.63 -31.76
C LEU B 737 -34.67 -18.45 -32.82
N GLN B 738 -35.70 -17.89 -33.49
CA GLN B 738 -36.48 -18.56 -34.59
C GLN B 738 -35.50 -19.06 -35.66
N GLU B 739 -34.44 -18.28 -35.93
CA GLU B 739 -33.14 -18.73 -36.51
C GLU B 739 -33.16 -18.48 -38.03
N GLU B 746 -18.69 -25.11 -27.82
CA GLU B 746 -17.48 -24.31 -28.11
C GLU B 746 -17.03 -23.55 -26.84
N THR B 747 -17.86 -22.71 -26.21
CA THR B 747 -17.48 -21.92 -25.00
C THR B 747 -17.98 -22.64 -23.73
N TYR B 748 -17.08 -22.78 -22.74
CA TYR B 748 -17.31 -23.45 -21.45
C TYR B 748 -17.68 -22.42 -20.37
N SER B 749 -17.71 -21.13 -20.73
CA SER B 749 -17.89 -20.03 -19.76
C SER B 749 -18.78 -18.95 -20.37
N VAL B 750 -19.87 -18.57 -19.69
CA VAL B 750 -20.77 -17.47 -20.16
C VAL B 750 -20.54 -16.28 -19.21
N ASP B 751 -19.68 -15.35 -19.64
CA ASP B 751 -19.04 -14.32 -18.80
C ASP B 751 -18.91 -12.99 -19.53
N SER B 752 -19.57 -12.81 -20.67
CA SER B 752 -19.49 -11.55 -21.45
C SER B 752 -20.73 -11.39 -22.32
N PRO B 753 -21.05 -10.16 -22.75
CA PRO B 753 -22.25 -9.93 -23.56
C PRO B 753 -22.43 -10.85 -24.78
N GLY B 754 -23.68 -11.23 -25.07
CA GLY B 754 -24.04 -12.08 -26.22
C GLY B 754 -25.07 -13.13 -25.87
N LEU B 755 -25.47 -13.91 -26.87
CA LEU B 755 -26.59 -14.87 -26.79
C LEU B 755 -25.99 -16.28 -26.81
N TYR B 756 -26.22 -17.04 -25.76
CA TYR B 756 -25.62 -18.38 -25.57
C TYR B 756 -26.76 -19.39 -25.70
N ILE B 757 -26.53 -20.48 -26.42
CA ILE B 757 -27.55 -21.54 -26.64
C ILE B 757 -26.90 -22.88 -26.34
N THR B 758 -27.63 -23.77 -25.66
CA THR B 758 -27.21 -25.17 -25.41
C THR B 758 -28.43 -26.09 -25.35
N GLU B 759 -28.19 -27.39 -25.50
CA GLU B 759 -29.23 -28.44 -25.55
C GLU B 759 -28.92 -29.48 -24.46
N PHE B 760 -29.98 -29.94 -23.81
CA PHE B 760 -29.94 -31.01 -22.78
C PHE B 760 -31.18 -31.89 -22.94
N LYS B 761 -31.12 -33.07 -22.33
CA LYS B 761 -32.10 -34.16 -22.55
C LYS B 761 -33.03 -34.20 -21.34
N VAL B 762 -34.34 -34.34 -21.57
CA VAL B 762 -35.36 -34.59 -20.50
C VAL B 762 -36.09 -35.89 -20.85
N ASP B 763 -36.11 -36.86 -19.94
CA ASP B 763 -36.72 -38.20 -20.15
C ASP B 763 -38.03 -38.32 -19.35
N ASP B 764 -38.11 -37.77 -18.13
CA ASP B 764 -39.27 -37.95 -17.22
C ASP B 764 -39.90 -36.60 -16.87
N LEU B 765 -41.05 -36.25 -17.45
CA LEU B 765 -41.74 -34.93 -17.24
C LEU B 765 -42.60 -34.94 -15.97
N SER B 766 -42.61 -36.03 -15.18
CA SER B 766 -43.26 -36.10 -13.83
C SER B 766 -42.32 -35.49 -12.76
N ARG B 767 -41.05 -35.29 -13.13
CA ARG B 767 -39.99 -34.64 -12.31
C ARG B 767 -40.17 -33.11 -12.33
N HIS B 768 -39.58 -32.43 -11.35
CA HIS B 768 -39.51 -30.95 -11.27
C HIS B 768 -38.08 -30.50 -11.54
N TYR B 769 -37.93 -29.53 -12.45
CA TYR B 769 -36.66 -29.00 -13.01
C TYR B 769 -36.47 -27.54 -12.54
N VAL B 770 -35.46 -27.31 -11.70
CA VAL B 770 -35.09 -25.96 -11.17
C VAL B 770 -33.70 -25.57 -11.70
N LEU B 771 -33.65 -24.51 -12.48
CA LEU B 771 -32.38 -23.89 -12.95
C LEU B 771 -31.83 -23.03 -11.81
N ASP B 772 -30.60 -23.34 -11.39
CA ASP B 772 -29.79 -22.60 -10.40
C ASP B 772 -28.76 -21.81 -11.19
N PRO B 773 -28.77 -20.47 -11.11
CA PRO B 773 -27.81 -19.66 -11.86
C PRO B 773 -26.36 -19.84 -11.40
N GLY B 774 -26.14 -20.39 -10.21
CA GLY B 774 -24.78 -20.66 -9.69
C GLY B 774 -24.23 -19.50 -8.88
N LEU B 775 -23.25 -19.79 -8.03
CA LEU B 775 -22.53 -18.86 -7.14
C LEU B 775 -22.11 -17.58 -7.91
N GLU B 776 -21.65 -17.72 -9.15
CA GLU B 776 -20.97 -16.65 -9.92
C GLU B 776 -21.95 -15.52 -10.22
N PHE B 777 -23.24 -15.83 -10.25
CA PHE B 777 -24.27 -14.93 -10.81
C PHE B 777 -24.59 -13.78 -9.84
N TYR B 778 -24.39 -14.00 -8.54
CA TYR B 778 -24.93 -13.12 -7.47
C TYR B 778 -23.94 -11.99 -7.15
N TYR B 779 -24.35 -10.76 -7.44
CA TYR B 779 -23.55 -9.53 -7.26
C TYR B 779 -24.51 -8.41 -6.86
N ASN B 780 -24.05 -7.52 -5.98
CA ASN B 780 -24.90 -6.43 -5.43
C ASN B 780 -25.48 -5.59 -6.58
N HIS B 781 -24.68 -5.31 -7.62
CA HIS B 781 -25.14 -4.56 -8.83
C HIS B 781 -25.68 -5.60 -9.80
N TYR B 782 -26.94 -6.03 -9.62
CA TYR B 782 -27.41 -7.32 -10.21
C TYR B 782 -27.17 -7.32 -11.73
N TYR B 783 -26.72 -8.47 -12.22
CA TYR B 783 -26.55 -8.80 -13.65
C TYR B 783 -27.91 -8.79 -14.37
N ARG B 784 -27.86 -8.53 -15.68
CA ARG B 784 -29.02 -8.59 -16.59
C ARG B 784 -28.75 -9.76 -17.54
N ILE B 785 -29.32 -10.91 -17.23
CA ILE B 785 -29.27 -12.15 -18.05
C ILE B 785 -30.70 -12.66 -18.27
N LEU B 786 -31.13 -12.75 -19.54
CA LEU B 786 -32.50 -13.13 -19.98
C LEU B 786 -32.54 -14.63 -20.29
N LEU B 787 -33.45 -15.36 -19.64
CA LEU B 787 -33.62 -16.84 -19.76
C LEU B 787 -34.72 -17.16 -20.77
N PHE B 788 -34.41 -18.02 -21.74
CA PHE B 788 -35.35 -18.55 -22.75
C PHE B 788 -35.21 -20.07 -22.73
N VAL B 789 -36.35 -20.76 -22.58
CA VAL B 789 -36.41 -22.25 -22.56
C VAL B 789 -37.28 -22.65 -23.75
N ASN B 790 -36.70 -23.34 -24.75
CA ASN B 790 -37.37 -23.71 -26.03
C ASN B 790 -38.01 -22.46 -26.64
N LYS B 791 -37.23 -21.38 -26.77
CA LYS B 791 -37.55 -20.12 -27.51
C LYS B 791 -38.69 -19.32 -26.86
N VAL B 792 -39.12 -19.69 -25.66
CA VAL B 792 -40.15 -18.93 -24.88
C VAL B 792 -39.42 -18.16 -23.79
N TYR B 793 -39.72 -16.87 -23.64
CA TYR B 793 -39.11 -15.99 -22.62
C TYR B 793 -39.64 -16.39 -21.25
N VAL B 794 -38.78 -16.89 -20.36
CA VAL B 794 -39.12 -17.19 -18.93
C VAL B 794 -39.08 -15.87 -18.17
N GLY B 795 -37.99 -15.13 -18.29
CA GLY B 795 -37.82 -13.83 -17.64
C GLY B 795 -36.34 -13.54 -17.39
N PRO B 796 -36.03 -12.34 -16.84
CA PRO B 796 -34.69 -12.09 -16.32
C PRO B 796 -34.37 -13.06 -15.16
N LEU B 797 -33.15 -13.60 -15.13
CA LEU B 797 -32.62 -14.40 -14.00
C LEU B 797 -32.58 -13.50 -12.77
N ILE B 798 -33.23 -13.92 -11.69
CA ILE B 798 -33.26 -13.15 -10.40
C ILE B 798 -32.83 -14.09 -9.27
N GLY B 799 -32.64 -15.36 -9.57
CA GLY B 799 -32.54 -16.44 -8.58
C GLY B 799 -32.82 -17.80 -9.21
N PRO B 800 -32.84 -18.88 -8.41
CA PRO B 800 -33.31 -20.17 -8.89
C PRO B 800 -34.74 -19.99 -9.46
N ILE B 801 -35.10 -20.79 -10.46
CA ILE B 801 -36.41 -20.73 -11.18
C ILE B 801 -36.82 -22.16 -11.60
N ASP B 802 -38.03 -22.59 -11.23
CA ASP B 802 -38.68 -23.83 -11.72
C ASP B 802 -39.01 -23.65 -13.20
N ILE B 803 -38.41 -24.44 -14.09
CA ILE B 803 -38.61 -24.33 -15.56
C ILE B 803 -39.40 -25.55 -16.07
N THR B 804 -40.00 -26.36 -15.18
CA THR B 804 -40.76 -27.62 -15.55
C THR B 804 -41.76 -27.31 -16.69
N ARG B 805 -42.64 -26.35 -16.50
CA ARG B 805 -43.77 -26.00 -17.41
C ARG B 805 -43.28 -25.56 -18.79
N TYR B 806 -41.99 -25.31 -19.00
CA TYR B 806 -41.44 -24.85 -20.31
C TYR B 806 -40.80 -26.02 -21.04
N LEU B 807 -40.70 -27.20 -20.41
CA LEU B 807 -39.96 -28.35 -20.97
C LEU B 807 -40.88 -29.23 -21.84
N LYS B 808 -40.29 -29.87 -22.87
CA LYS B 808 -40.93 -30.94 -23.69
C LYS B 808 -40.01 -32.16 -23.60
N PRO B 809 -40.48 -33.38 -23.94
CA PRO B 809 -39.65 -34.58 -23.81
C PRO B 809 -38.54 -34.61 -24.85
N GLY B 810 -37.43 -35.28 -24.53
CA GLY B 810 -36.24 -35.37 -25.41
C GLY B 810 -35.37 -34.12 -25.37
N VAL B 811 -35.03 -33.60 -26.54
CA VAL B 811 -34.03 -32.51 -26.75
C VAL B 811 -34.71 -31.18 -26.41
N ASN B 812 -34.22 -30.48 -25.38
CA ASN B 812 -34.66 -29.11 -25.00
C ASN B 812 -33.53 -28.09 -25.21
N GLU B 813 -33.89 -26.83 -25.43
CA GLU B 813 -32.98 -25.68 -25.67
C GLU B 813 -33.09 -24.69 -24.49
N VAL B 814 -31.96 -24.29 -23.92
CA VAL B 814 -31.83 -23.10 -23.02
C VAL B 814 -30.99 -22.06 -23.76
N ALA B 815 -31.48 -20.82 -23.81
CA ALA B 815 -30.73 -19.65 -24.30
C ALA B 815 -30.69 -18.56 -23.22
N LEU B 816 -29.50 -18.00 -23.02
CA LEU B 816 -29.24 -16.84 -22.13
C LEU B 816 -28.75 -15.70 -23.01
N LEU B 817 -29.46 -14.58 -23.00
CA LEU B 817 -28.96 -13.30 -23.50
C LEU B 817 -28.35 -12.56 -22.30
N VAL B 818 -27.03 -12.55 -22.26
CA VAL B 818 -26.23 -11.76 -21.29
C VAL B 818 -26.14 -10.34 -21.83
N GLU B 819 -26.96 -9.45 -21.32
CA GLU B 819 -26.70 -8.00 -21.52
C GLU B 819 -25.49 -7.62 -20.65
N TRP B 820 -25.35 -8.17 -19.43
CA TRP B 820 -24.17 -7.87 -18.55
C TRP B 820 -24.13 -8.81 -17.35
N GLY B 821 -22.99 -9.48 -17.18
CA GLY B 821 -22.71 -10.31 -16.01
C GLY B 821 -22.13 -11.66 -16.37
N VAL B 822 -22.23 -12.59 -15.42
CA VAL B 822 -21.66 -13.96 -15.53
C VAL B 822 -22.64 -14.93 -14.87
N VAL B 823 -22.72 -16.13 -15.40
CA VAL B 823 -23.62 -17.19 -14.86
C VAL B 823 -23.03 -18.56 -15.24
N ASN B 824 -23.24 -19.53 -14.36
CA ASN B 824 -22.89 -20.95 -14.58
C ASN B 824 -24.11 -21.79 -14.19
N PRO B 825 -25.13 -21.91 -15.06
CA PRO B 825 -26.39 -22.55 -14.67
C PRO B 825 -26.25 -24.08 -14.58
N VAL B 826 -27.03 -24.66 -13.69
CA VAL B 826 -27.18 -26.12 -13.51
C VAL B 826 -28.66 -26.40 -13.20
N ILE B 827 -29.22 -27.50 -13.69
CA ILE B 827 -30.64 -27.85 -13.38
C ILE B 827 -30.67 -28.97 -12.34
N GLY B 828 -31.31 -28.73 -11.19
CA GLY B 828 -31.64 -29.76 -10.20
C GLY B 828 -32.95 -30.44 -10.59
N VAL B 829 -33.01 -31.77 -10.51
CA VAL B 829 -34.25 -32.56 -10.80
C VAL B 829 -34.77 -33.17 -9.49
N TYR B 830 -36.00 -32.82 -9.13
CA TYR B 830 -36.68 -33.22 -7.86
C TYR B 830 -37.91 -34.11 -8.17
N GLN B 831 -38.24 -35.02 -7.24
CA GLN B 831 -39.35 -36.00 -7.37
C GLN B 831 -40.68 -35.26 -7.17
N TYR B 832 -40.79 -34.55 -6.04
CA TYR B 832 -42.00 -33.85 -5.57
C TYR B 832 -41.72 -32.35 -5.43
N LYS B 833 -42.76 -31.55 -5.62
CA LYS B 833 -42.86 -30.13 -5.18
C LYS B 833 -43.90 -30.09 -4.06
N VAL B 834 -43.43 -29.90 -2.81
CA VAL B 834 -44.23 -30.02 -1.57
C VAL B 834 -45.12 -28.79 -1.43
N ASP B 835 -46.35 -28.99 -1.00
CA ASP B 835 -47.38 -27.92 -0.95
C ASP B 835 -47.91 -27.89 0.49
N GLY B 836 -48.49 -26.77 0.89
CA GLY B 836 -48.99 -26.64 2.27
C GLY B 836 -49.48 -25.24 2.52
N GLU B 837 -49.71 -24.93 3.80
CA GLU B 837 -50.21 -23.61 4.25
C GLU B 837 -48.99 -22.81 4.72
N TRP B 838 -48.95 -21.52 4.41
CA TRP B 838 -47.81 -20.63 4.69
C TRP B 838 -48.27 -19.51 5.60
N PHE B 839 -47.46 -19.19 6.62
CA PHE B 839 -47.59 -18.03 7.52
C PHE B 839 -46.27 -17.23 7.50
N ILE B 840 -46.37 -15.91 7.57
CA ILE B 840 -45.24 -14.93 7.45
C ILE B 840 -45.28 -14.02 8.67
N GLN B 841 -44.11 -13.68 9.21
CA GLN B 841 -43.92 -12.66 10.27
C GLN B 841 -42.82 -11.68 9.85
N GLU B 842 -43.11 -10.39 9.94
CA GLU B 842 -42.10 -9.33 9.89
C GLU B 842 -41.40 -9.22 11.25
N GLY B 843 -40.08 -9.43 11.29
CA GLY B 843 -39.23 -9.23 12.47
C GLY B 843 -39.19 -10.44 13.38
N LEU B 844 -38.76 -10.21 14.62
CA LEU B 844 -38.59 -11.20 15.69
C LEU B 844 -39.22 -10.60 16.94
N HIS B 845 -39.68 -11.45 17.87
CA HIS B 845 -40.33 -11.03 19.15
C HIS B 845 -39.43 -10.01 19.84
N GLY B 846 -38.15 -10.32 20.00
CA GLY B 846 -37.18 -9.45 20.70
C GLY B 846 -37.03 -8.08 20.04
N LEU B 847 -37.07 -8.02 18.72
CA LEU B 847 -37.00 -6.73 17.97
C LEU B 847 -38.28 -5.94 18.18
N ILE B 848 -39.42 -6.59 17.97
CA ILE B 848 -40.77 -5.97 18.09
C ILE B 848 -40.92 -5.47 19.52
N GLU B 849 -40.48 -6.27 20.52
CA GLU B 849 -40.61 -5.90 21.95
C GLU B 849 -39.48 -4.94 22.35
N GLU B 850 -38.56 -4.60 21.44
CA GLU B 850 -37.49 -3.60 21.66
C GLU B 850 -36.57 -4.04 22.81
N TRP B 851 -36.22 -5.31 22.84
CA TRP B 851 -35.20 -5.89 23.74
C TRP B 851 -33.82 -5.25 23.53
N PHE B 852 -33.59 -4.61 22.38
CA PHE B 852 -32.32 -3.88 22.10
C PHE B 852 -32.36 -2.58 22.91
N ARG B 853 -33.54 -2.04 23.23
CA ARG B 853 -33.65 -0.83 24.09
C ARG B 853 -33.68 -1.25 25.58
N ARG B 854 -34.42 -2.29 25.96
CA ARG B 854 -34.43 -2.85 27.34
C ARG B 854 -34.69 -4.37 27.30
N SER B 855 -33.65 -5.18 27.60
CA SER B 855 -33.63 -6.67 27.57
C SER B 855 -34.18 -7.19 28.89
N PRO B 856 -35.03 -8.24 28.93
CA PRO B 856 -35.19 -9.00 30.17
C PRO B 856 -33.77 -9.43 30.59
N ARG B 857 -33.60 -9.58 31.90
CA ARG B 857 -32.37 -10.12 32.54
C ARG B 857 -32.26 -11.58 32.09
N GLY B 858 -31.11 -12.01 31.56
CA GLY B 858 -30.88 -13.44 31.26
C GLY B 858 -29.83 -14.05 32.18
N GLU B 859 -29.37 -15.26 31.84
CA GLU B 859 -28.30 -16.04 32.53
C GLU B 859 -26.94 -15.43 32.22
N THR B 860 -26.07 -15.32 33.24
CA THR B 860 -24.60 -15.16 33.07
C THR B 860 -24.08 -16.29 32.17
N ALA B 861 -23.01 -16.01 31.43
CA ALA B 861 -22.24 -17.06 30.73
C ALA B 861 -20.77 -16.65 30.61
N GLU B 862 -19.89 -17.61 30.85
CA GLU B 862 -18.43 -17.47 30.70
C GLU B 862 -18.05 -17.65 29.24
N PRO B 863 -17.38 -16.66 28.60
CA PRO B 863 -16.82 -16.86 27.26
C PRO B 863 -15.77 -17.96 27.27
N PRO B 864 -15.59 -18.76 26.19
CA PRO B 864 -16.42 -18.68 24.98
C PRO B 864 -17.85 -19.20 25.13
N ILE B 865 -18.80 -18.51 24.51
CA ILE B 865 -20.23 -18.91 24.47
C ILE B 865 -20.44 -19.88 23.30
N LEU B 866 -20.70 -21.14 23.60
CA LEU B 866 -20.93 -22.25 22.63
C LEU B 866 -22.40 -22.20 22.25
N LEU B 867 -22.71 -22.26 20.96
CA LEU B 867 -24.10 -22.03 20.49
C LEU B 867 -24.56 -23.14 19.55
N GLY B 868 -23.75 -24.18 19.34
CA GLY B 868 -24.03 -25.33 18.44
C GLY B 868 -25.36 -25.99 18.75
N ASP B 869 -25.70 -26.10 20.03
CA ASP B 869 -26.99 -26.66 20.52
C ASP B 869 -28.18 -25.76 20.16
N LYS B 870 -27.95 -24.47 19.86
CA LYS B 870 -29.03 -23.53 19.47
C LYS B 870 -29.04 -23.33 17.95
N ALA B 871 -28.46 -24.25 17.18
CA ALA B 871 -28.47 -24.15 15.70
C ALA B 871 -29.92 -23.93 15.27
N GLY B 872 -30.18 -22.88 14.50
CA GLY B 872 -31.50 -22.51 13.97
C GLY B 872 -32.28 -21.63 14.92
N ARG B 873 -31.66 -21.24 16.05
CA ARG B 873 -32.34 -20.38 17.05
C ARG B 873 -31.71 -18.99 17.05
N VAL B 874 -32.34 -18.07 17.78
CA VAL B 874 -31.88 -16.67 17.94
C VAL B 874 -31.53 -16.43 19.41
N ILE B 875 -30.29 -16.01 19.68
CA ILE B 875 -29.76 -15.76 21.06
C ILE B 875 -29.38 -14.28 21.19
N TRP B 876 -29.94 -13.58 22.18
CA TRP B 876 -29.52 -12.23 22.58
C TRP B 876 -28.36 -12.37 23.57
N VAL B 877 -27.30 -11.58 23.36
CA VAL B 877 -26.07 -11.55 24.19
C VAL B 877 -25.86 -10.08 24.55
N ASN B 878 -26.03 -9.74 25.84
CA ASN B 878 -25.93 -8.37 26.39
C ASN B 878 -24.61 -8.33 27.18
N THR B 879 -23.84 -7.26 27.06
CA THR B 879 -22.62 -7.03 27.86
C THR B 879 -22.62 -5.56 28.24
N VAL B 880 -21.83 -5.23 29.24
CA VAL B 880 -21.63 -3.84 29.72
C VAL B 880 -20.15 -3.53 29.58
N ILE B 881 -19.80 -2.38 28.98
CA ILE B 881 -18.39 -1.94 28.79
C ILE B 881 -18.22 -0.57 29.41
N PRO B 882 -17.33 -0.44 30.41
CA PRO B 882 -16.98 0.86 30.97
C PRO B 882 -16.14 1.62 29.93
N TYR B 883 -16.52 2.86 29.64
CA TYR B 883 -15.78 3.82 28.80
C TYR B 883 -15.73 5.13 29.58
N GLU B 884 -14.69 5.32 30.39
CA GLU B 884 -14.64 6.40 31.40
C GLU B 884 -14.02 7.66 30.79
N LYS B 885 -14.57 8.12 29.66
CA LYS B 885 -14.22 9.44 29.05
C LYS B 885 -15.35 9.89 28.13
N GLU B 886 -15.26 11.14 27.71
CA GLU B 886 -16.23 11.80 26.81
C GLU B 886 -15.99 11.24 25.40
N PRO B 887 -17.04 10.76 24.70
CA PRO B 887 -16.91 10.32 23.32
C PRO B 887 -16.48 11.53 22.49
N THR B 888 -15.47 11.35 21.65
CA THR B 888 -14.93 12.45 20.80
C THR B 888 -14.48 11.87 19.46
N SER B 889 -14.61 12.67 18.40
CA SER B 889 -14.09 12.36 17.04
C SER B 889 -12.55 12.28 17.05
N SER B 890 -11.91 12.84 18.08
CA SER B 890 -10.45 12.73 18.37
C SER B 890 -10.02 11.32 18.79
N SER B 891 -10.97 10.49 19.15
CA SER B 891 -10.71 9.12 19.67
C SER B 891 -11.85 8.18 19.32
N PRO B 892 -12.13 7.93 18.02
CA PRO B 892 -13.28 7.13 17.62
C PRO B 892 -13.08 5.66 18.00
N VAL B 893 -14.20 4.94 18.16
CA VAL B 893 -14.19 3.54 18.66
C VAL B 893 -14.78 2.60 17.60
N LYS B 894 -14.21 1.42 17.57
CA LYS B 894 -14.71 0.27 16.81
C LYS B 894 -15.07 -0.82 17.79
N LEU B 895 -16.12 -1.55 17.47
CA LEU B 895 -16.48 -2.78 18.19
C LEU B 895 -16.05 -3.97 17.35
N GLU B 896 -15.23 -4.84 17.89
CA GLU B 896 -14.83 -6.12 17.25
C GLU B 896 -15.51 -7.27 17.97
N VAL B 897 -16.00 -8.27 17.22
CA VAL B 897 -16.63 -9.49 17.78
C VAL B 897 -15.90 -10.69 17.21
N ASP B 898 -15.38 -11.55 18.06
CA ASP B 898 -14.78 -12.84 17.64
C ASP B 898 -15.89 -13.88 17.83
N PHE B 899 -16.41 -14.37 16.73
CA PHE B 899 -17.56 -15.31 16.69
C PHE B 899 -17.38 -16.23 15.48
N TRP B 900 -18.17 -17.29 15.43
CA TRP B 900 -18.27 -18.16 14.22
C TRP B 900 -19.67 -18.81 14.22
N GLY B 901 -20.19 -19.12 13.05
CA GLY B 901 -21.48 -19.82 12.88
C GLY B 901 -22.70 -18.96 13.25
N CYS B 902 -22.64 -17.66 12.99
CA CYS B 902 -23.67 -16.64 13.34
C CYS B 902 -23.81 -15.56 12.28
N ARG B 903 -25.04 -15.07 12.13
CA ARG B 903 -25.34 -13.73 11.59
C ARG B 903 -25.62 -12.86 12.81
N ILE B 904 -24.87 -11.79 13.00
CA ILE B 904 -24.89 -10.96 14.23
C ILE B 904 -25.44 -9.59 13.86
N LEU B 905 -26.45 -9.13 14.58
CA LEU B 905 -26.95 -7.74 14.52
C LEU B 905 -26.40 -7.07 15.78
N VAL B 906 -25.82 -5.90 15.63
CA VAL B 906 -25.09 -5.19 16.72
C VAL B 906 -25.85 -3.95 17.11
N PHE B 907 -26.12 -3.79 18.41
CA PHE B 907 -26.71 -2.55 18.99
C PHE B 907 -25.78 -2.01 20.08
N VAL B 908 -25.76 -0.68 20.23
CA VAL B 908 -25.01 -0.02 21.32
C VAL B 908 -25.95 1.00 21.93
N ASN B 909 -26.30 0.82 23.23
CA ASN B 909 -27.20 1.73 23.97
C ASN B 909 -28.50 1.87 23.18
N GLY B 910 -28.96 0.75 22.63
CA GLY B 910 -30.23 0.65 21.90
C GLY B 910 -30.20 1.22 20.48
N GLU B 911 -29.04 1.58 19.94
CA GLU B 911 -28.87 2.08 18.55
C GLU B 911 -28.32 0.94 17.67
N PHE B 912 -28.93 0.70 16.50
CA PHE B 912 -28.52 -0.37 15.57
C PHE B 912 -27.25 0.11 14.88
N ILE B 913 -26.15 -0.61 15.10
CA ILE B 913 -24.82 -0.25 14.54
C ILE B 913 -24.58 -0.99 13.23
N GLY B 914 -25.16 -2.16 13.02
CA GLY B 914 -24.90 -2.89 11.77
C GLY B 914 -24.89 -4.39 11.96
N ARG B 915 -24.49 -5.11 10.92
CA ARG B 915 -24.40 -6.59 10.95
C ARG B 915 -22.99 -7.06 10.59
N ILE B 916 -22.67 -8.23 11.10
CA ILE B 916 -21.44 -8.97 10.82
C ILE B 916 -21.85 -10.42 10.65
N SER B 917 -21.18 -11.14 9.76
CA SER B 917 -21.36 -12.59 9.59
C SER B 917 -20.01 -13.21 9.24
N ASP B 918 -19.97 -14.52 9.13
CA ASP B 918 -18.76 -15.32 8.78
C ASP B 918 -18.19 -14.88 7.43
N ASP B 919 -19.03 -14.46 6.49
CA ASP B 919 -18.55 -14.07 5.15
C ASP B 919 -18.45 -12.54 5.05
N SER B 920 -18.46 -11.82 6.17
CA SER B 920 -18.21 -10.35 6.17
C SER B 920 -16.72 -10.15 5.92
N PRO B 921 -16.30 -9.05 5.25
CA PRO B 921 -14.87 -8.83 4.98
C PRO B 921 -14.06 -8.36 6.22
N GLU B 922 -14.75 -8.10 7.34
CA GLU B 922 -14.10 -7.69 8.63
C GLU B 922 -15.01 -8.12 9.80
N ARG B 923 -14.46 -8.12 11.01
CA ARG B 923 -15.16 -8.55 12.26
C ARG B 923 -15.44 -7.30 13.11
N GLU B 924 -15.47 -6.11 12.52
CA GLU B 924 -15.60 -4.86 13.33
C GLU B 924 -16.60 -3.91 12.70
N LEU B 925 -17.13 -3.02 13.54
CA LEU B 925 -17.99 -1.91 13.11
C LEU B 925 -17.52 -0.63 13.78
N TYR B 926 -17.58 0.48 13.06
CA TYR B 926 -17.52 1.85 13.62
C TYR B 926 -18.76 2.08 14.50
N VAL B 927 -18.53 2.41 15.77
CA VAL B 927 -19.58 2.87 16.74
C VAL B 927 -19.48 4.38 16.82
N PRO B 928 -20.43 5.05 16.15
CA PRO B 928 -20.44 6.50 16.06
C PRO B 928 -20.43 7.08 17.48
N GLU B 929 -19.72 8.19 17.66
CA GLU B 929 -19.62 8.88 18.99
C GLU B 929 -21.03 9.15 19.54
N THR B 930 -22.02 9.40 18.68
CA THR B 930 -23.43 9.70 19.06
C THR B 930 -24.08 8.49 19.76
N ALA B 931 -23.60 7.27 19.56
CA ALA B 931 -24.16 6.07 20.23
C ALA B 931 -23.52 5.84 21.60
N VAL B 932 -22.32 6.39 21.84
CA VAL B 932 -21.46 5.99 22.99
C VAL B 932 -21.73 6.96 24.13
N ARG B 933 -21.64 6.51 25.38
CA ARG B 933 -21.79 7.46 26.52
C ARG B 933 -20.57 7.34 27.44
N ARG B 934 -20.26 8.42 28.15
CA ARG B 934 -19.32 8.36 29.29
C ARG B 934 -19.92 7.42 30.34
N GLY B 935 -19.19 6.40 30.76
CA GLY B 935 -19.63 5.46 31.81
C GLY B 935 -19.87 4.09 31.20
N LEU B 936 -20.91 3.41 31.68
CA LEU B 936 -21.30 2.04 31.32
C LEU B 936 -22.06 2.09 29.98
N ASN B 937 -21.65 1.25 29.04
CA ASN B 937 -22.23 1.19 27.68
C ASN B 937 -22.83 -0.20 27.55
N ASN B 938 -24.06 -0.29 27.06
CA ASN B 938 -24.76 -1.58 26.77
C ASN B 938 -24.41 -2.04 25.35
N ILE B 939 -23.70 -3.16 25.22
CA ILE B 939 -23.38 -3.76 23.88
C ILE B 939 -24.25 -5.02 23.76
N THR B 940 -25.10 -5.06 22.73
CA THR B 940 -26.09 -6.12 22.52
C THR B 940 -25.87 -6.75 21.16
N LEU B 941 -25.70 -8.07 21.14
CA LEU B 941 -25.66 -8.90 19.92
C LEU B 941 -26.97 -9.68 19.85
N LEU B 942 -27.66 -9.58 18.73
CA LEU B 942 -28.68 -10.56 18.34
C LEU B 942 -27.99 -11.53 17.37
N ALA B 943 -27.88 -12.80 17.76
CA ALA B 943 -27.13 -13.85 17.06
C ALA B 943 -28.14 -14.84 16.50
N ILE B 944 -28.22 -14.93 15.17
CA ILE B 944 -28.93 -16.03 14.50
C ILE B 944 -27.92 -17.15 14.29
N VAL B 945 -28.17 -18.31 14.89
CA VAL B 945 -27.19 -19.42 14.93
C VAL B 945 -27.39 -20.27 13.68
N THR B 946 -26.34 -20.39 12.86
CA THR B 946 -26.40 -20.93 11.47
C THR B 946 -25.70 -22.29 11.36
N SER B 947 -25.09 -22.80 12.42
CA SER B 947 -24.25 -24.02 12.39
C SER B 947 -24.23 -24.69 13.77
N ARG B 948 -24.01 -26.00 13.76
CA ARG B 948 -23.68 -26.84 14.95
C ARG B 948 -22.33 -26.42 15.53
N SER B 949 -21.39 -25.94 14.69
CA SER B 949 -20.14 -25.24 15.06
C SER B 949 -20.43 -23.73 15.12
N SER B 950 -20.69 -23.22 16.32
CA SER B 950 -21.13 -21.82 16.49
C SER B 950 -20.69 -21.33 17.86
N GLY B 951 -20.29 -20.06 17.96
CA GLY B 951 -20.02 -19.46 19.27
C GLY B 951 -19.59 -18.01 19.19
N ILE B 952 -19.50 -17.40 20.35
CA ILE B 952 -18.95 -16.03 20.51
C ILE B 952 -17.77 -16.16 21.48
N ARG B 953 -16.56 -15.95 20.98
CA ARG B 953 -15.30 -16.02 21.79
C ARG B 953 -15.21 -14.72 22.61
N GLY B 954 -15.59 -13.58 22.06
CA GLY B 954 -15.57 -12.36 22.87
C GLY B 954 -15.76 -11.13 22.03
N LEU B 955 -15.85 -9.99 22.70
CA LEU B 955 -15.90 -8.70 21.99
C LEU B 955 -15.11 -7.63 22.78
N ARG B 956 -14.69 -6.59 22.08
CA ARG B 956 -13.99 -5.42 22.68
C ARG B 956 -14.31 -4.15 21.90
N LEU B 957 -14.21 -3.01 22.60
CA LEU B 957 -14.28 -1.67 22.00
C LEU B 957 -12.84 -1.21 21.85
N LYS B 958 -12.44 -0.72 20.68
CA LYS B 958 -11.02 -0.35 20.42
C LYS B 958 -11.00 1.09 19.98
N GLU B 959 -10.12 1.89 20.57
CA GLU B 959 -9.79 3.22 20.00
C GLU B 959 -8.84 3.00 18.84
N THR B 960 -9.15 3.61 17.69
CA THR B 960 -8.32 3.62 16.46
C THR B 960 -7.01 4.37 16.77
N TYR B 961 -7.12 5.45 17.55
CA TYR B 961 -6.03 6.38 17.96
C TYR B 961 -6.65 7.26 19.04
N VAL B 962 -5.82 7.99 19.78
CA VAL B 962 -6.25 9.07 20.72
C VAL B 962 -5.49 10.33 20.34
N HIS B 963 -6.11 11.24 19.63
CA HIS B 963 -5.52 12.55 19.28
C HIS B 963 -5.89 13.52 20.41
N GLU B 964 -5.16 14.61 20.57
CA GLU B 964 -5.41 15.62 21.63
C GLU B 964 -6.07 16.82 20.96
N ARG B 965 -7.24 17.22 21.44
CA ARG B 965 -7.92 18.50 21.06
C ARG B 965 -7.30 19.63 21.87
N LYS B 966 -6.88 20.69 21.21
CA LYS B 966 -6.27 21.86 21.87
C LYS B 966 -6.76 23.10 21.15
N GLU B 967 -7.02 24.15 21.91
CA GLU B 967 -7.36 25.49 21.37
C GLU B 967 -6.07 26.28 21.23
N ILE B 968 -5.79 26.77 20.03
CA ILE B 968 -4.70 27.75 19.78
C ILE B 968 -5.36 29.12 19.73
N VAL B 969 -4.81 30.10 20.45
CA VAL B 969 -5.38 31.47 20.56
C VAL B 969 -4.31 32.42 20.02
N PHE B 970 -4.65 33.21 19.00
CA PHE B 970 -3.78 34.29 18.46
C PHE B 970 -4.29 35.64 19.03
N LYS B 971 -3.48 36.32 19.85
CA LYS B 971 -3.77 37.73 20.24
C LYS B 971 -3.32 38.62 19.08
N LEU B 972 -4.25 39.31 18.42
CA LEU B 972 -3.98 40.19 17.25
C LEU B 972 -3.72 41.64 17.69
N GLY B 973 -2.96 42.38 16.89
CA GLY B 973 -2.80 43.84 16.98
C GLY B 973 -3.53 44.51 15.84
N LEU B 974 -2.95 45.59 15.29
CA LEU B 974 -3.53 46.42 14.20
C LEU B 974 -3.04 45.92 12.84
N THR B 975 -3.96 45.71 11.88
CA THR B 975 -3.66 45.63 10.42
C THR B 975 -3.33 47.05 9.90
N LYS B 976 -2.42 47.17 8.92
CA LYS B 976 -1.78 48.46 8.49
C LYS B 976 -2.14 48.80 7.04
#